data_1EJE
# 
_entry.id   1EJE 
# 
_audit_conform.dict_name       mmcif_pdbx.dic 
_audit_conform.dict_version    5.385 
_audit_conform.dict_location   http://mmcif.pdb.org/dictionaries/ascii/mmcif_pdbx.dic 
# 
loop_
_database_2.database_id 
_database_2.database_code 
_database_2.pdbx_database_accession 
_database_2.pdbx_DOI 
PDB   1EJE         pdb_00001eje 10.2210/pdb1eje/pdb 
RCSB  RCSB010636   ?            ?                   
WWPDB D_1000010636 ?            ?                   
# 
loop_
_pdbx_audit_revision_history.ordinal 
_pdbx_audit_revision_history.data_content_type 
_pdbx_audit_revision_history.major_revision 
_pdbx_audit_revision_history.minor_revision 
_pdbx_audit_revision_history.revision_date 
1 'Structure model' 1 0 2000-10-11 
2 'Structure model' 1 1 2008-04-27 
3 'Structure model' 1 2 2011-07-13 
4 'Structure model' 1 3 2018-01-31 
5 'Structure model' 1 4 2024-02-07 
# 
_pdbx_audit_revision_details.ordinal             1 
_pdbx_audit_revision_details.revision_ordinal    1 
_pdbx_audit_revision_details.data_content_type   'Structure model' 
_pdbx_audit_revision_details.provider            repository 
_pdbx_audit_revision_details.type                'Initial release' 
_pdbx_audit_revision_details.description         ? 
_pdbx_audit_revision_details.details             ? 
# 
loop_
_pdbx_audit_revision_group.ordinal 
_pdbx_audit_revision_group.revision_ordinal 
_pdbx_audit_revision_group.data_content_type 
_pdbx_audit_revision_group.group 
1 2 'Structure model' 'Version format compliance' 
2 3 'Structure model' 'Derived calculations'      
3 3 'Structure model' 'Version format compliance' 
4 4 'Structure model' 'Experimental preparation'  
5 5 'Structure model' 'Data collection'           
6 5 'Structure model' 'Database references'       
7 5 'Structure model' 'Derived calculations'      
# 
loop_
_pdbx_audit_revision_category.ordinal 
_pdbx_audit_revision_category.revision_ordinal 
_pdbx_audit_revision_category.data_content_type 
_pdbx_audit_revision_category.category 
1 4 'Structure model' exptl_crystal_grow     
2 5 'Structure model' chem_comp_atom         
3 5 'Structure model' chem_comp_bond         
4 5 'Structure model' database_2             
5 5 'Structure model' pdbx_struct_conn_angle 
6 5 'Structure model' struct_conn            
7 5 'Structure model' struct_site            
# 
loop_
_pdbx_audit_revision_item.ordinal 
_pdbx_audit_revision_item.revision_ordinal 
_pdbx_audit_revision_item.data_content_type 
_pdbx_audit_revision_item.item 
1  4 'Structure model' '_exptl_crystal_grow.temp'                    
2  5 'Structure model' '_database_2.pdbx_DOI'                        
3  5 'Structure model' '_database_2.pdbx_database_accession'         
4  5 'Structure model' '_pdbx_struct_conn_angle.ptnr1_auth_comp_id'  
5  5 'Structure model' '_pdbx_struct_conn_angle.ptnr1_auth_seq_id'   
6  5 'Structure model' '_pdbx_struct_conn_angle.ptnr1_label_asym_id' 
7  5 'Structure model' '_pdbx_struct_conn_angle.ptnr1_label_atom_id' 
8  5 'Structure model' '_pdbx_struct_conn_angle.ptnr1_label_comp_id' 
9  5 'Structure model' '_pdbx_struct_conn_angle.ptnr1_label_seq_id'  
10 5 'Structure model' '_pdbx_struct_conn_angle.ptnr1_symmetry'      
11 5 'Structure model' '_pdbx_struct_conn_angle.ptnr2_auth_seq_id'   
12 5 'Structure model' '_pdbx_struct_conn_angle.ptnr2_label_asym_id' 
13 5 'Structure model' '_pdbx_struct_conn_angle.ptnr3_auth_comp_id'  
14 5 'Structure model' '_pdbx_struct_conn_angle.ptnr3_auth_seq_id'   
15 5 'Structure model' '_pdbx_struct_conn_angle.ptnr3_label_asym_id' 
16 5 'Structure model' '_pdbx_struct_conn_angle.ptnr3_label_atom_id' 
17 5 'Structure model' '_pdbx_struct_conn_angle.ptnr3_label_comp_id' 
18 5 'Structure model' '_pdbx_struct_conn_angle.ptnr3_label_seq_id'  
19 5 'Structure model' '_pdbx_struct_conn_angle.ptnr3_symmetry'      
20 5 'Structure model' '_pdbx_struct_conn_angle.value'               
21 5 'Structure model' '_struct_conn.pdbx_dist_value'                
22 5 'Structure model' '_struct_conn.ptnr1_auth_comp_id'             
23 5 'Structure model' '_struct_conn.ptnr1_auth_seq_id'              
24 5 'Structure model' '_struct_conn.ptnr1_label_asym_id'            
25 5 'Structure model' '_struct_conn.ptnr1_label_atom_id'            
26 5 'Structure model' '_struct_conn.ptnr1_label_comp_id'            
27 5 'Structure model' '_struct_conn.ptnr1_label_seq_id'             
28 5 'Structure model' '_struct_conn.ptnr1_symmetry'                 
29 5 'Structure model' '_struct_conn.ptnr2_auth_comp_id'             
30 5 'Structure model' '_struct_conn.ptnr2_auth_seq_id'              
31 5 'Structure model' '_struct_conn.ptnr2_label_asym_id'            
32 5 'Structure model' '_struct_conn.ptnr2_label_atom_id'            
33 5 'Structure model' '_struct_conn.ptnr2_label_comp_id'            
34 5 'Structure model' '_struct_conn.ptnr2_label_seq_id'             
35 5 'Structure model' '_struct_conn.ptnr2_symmetry'                 
36 5 'Structure model' '_struct_site.pdbx_auth_asym_id'              
37 5 'Structure model' '_struct_site.pdbx_auth_comp_id'              
38 5 'Structure model' '_struct_site.pdbx_auth_seq_id'               
# 
_pdbx_database_status.status_code                     REL 
_pdbx_database_status.entry_id                        1EJE 
_pdbx_database_status.recvd_initial_deposition_date   2000-03-02 
_pdbx_database_status.deposit_site                    RCSB 
_pdbx_database_status.process_site                    RCSB 
_pdbx_database_status.SG_entry                        Y 
_pdbx_database_status.pdb_format_compatible           Y 
_pdbx_database_status.status_code_mr                  ? 
_pdbx_database_status.status_code_sf                  ? 
_pdbx_database_status.status_code_cs                  ? 
_pdbx_database_status.methods_development_category    ? 
_pdbx_database_status.status_code_nmr_data            ? 
# 
_pdbx_database_related.db_name        TargetDB 
_pdbx_database_related.db_id          TT1 
_pdbx_database_related.details        . 
_pdbx_database_related.content_type   unspecified 
# 
loop_
_audit_author.name 
_audit_author.pdbx_ordinal 
'Christendat, D.'                                 1 
'Saridakis, V.'                                   2 
'Bochkarev, A.'                                   3 
'Arrowsmith, C.'                                  4 
'Edwards, A.M.'                                   5 
'Northeast Structural Genomics Consortium (NESG)' 6 
# 
_citation.id                        primary 
_citation.title                     'Structural proteomics of an archaeon.' 
_citation.journal_abbrev            Nat.Struct.Biol. 
_citation.journal_volume            7 
_citation.page_first                903 
_citation.page_last                 909 
_citation.year                      2000 
_citation.journal_id_ASTM           NSBIEW 
_citation.country                   US 
_citation.journal_id_ISSN           1072-8368 
_citation.journal_id_CSD            2024 
_citation.book_publisher            ? 
_citation.pdbx_database_id_PubMed   11017201 
_citation.pdbx_database_id_DOI      10.1038/82823 
# 
loop_
_citation_author.citation_id 
_citation_author.name 
_citation_author.ordinal 
_citation_author.identifier_ORCID 
primary 'Christendat, D.'  1  ? 
primary 'Yee, A.'          2  ? 
primary 'Dharamsi, A.'     3  ? 
primary 'Kluger, Y.'       4  ? 
primary 'Savchenko, A.'    5  ? 
primary 'Cort, J.R.'       6  ? 
primary 'Booth, V.'        7  ? 
primary 'Mackereth, C.D.'  8  ? 
primary 'Saridakis, V.'    9  ? 
primary 'Ekiel, I.'        10 ? 
primary 'Kozlov, G.'       11 ? 
primary 'Maxwell, K.L.'    12 ? 
primary 'Wu, N.'           13 ? 
primary 'McIntosh, L.P.'   14 ? 
primary 'Gehring, K.'      15 ? 
primary 'Kennedy, M.A.'    16 ? 
primary 'Davidson, A.R.'   17 ? 
primary 'Pai, E.F.'        18 ? 
primary 'Gerstein, M.'     19 ? 
primary 'Edwards, A.M.'    20 ? 
primary 'Arrowsmith, C.H.' 21 ? 
# 
loop_
_entity.id 
_entity.type 
_entity.src_method 
_entity.pdbx_description 
_entity.formula_weight 
_entity.pdbx_number_of_molecules 
_entity.pdbx_ec 
_entity.pdbx_mutation 
_entity.pdbx_fragment 
_entity.details 
1 polymer     man 'FMN-BINDING PROTEIN'   20899.645 1  ? ? ? ? 
2 non-polymer syn 'NICKEL (II) ION'       58.693    2  ? ? ? ? 
3 non-polymer syn 'SULFATE ION'           96.063    1  ? ? ? ? 
4 non-polymer syn 'FLAVIN MONONUCLEOTIDE' 456.344   1  ? ? ? ? 
5 water       nat water                   18.015    65 ? ? ? ? 
# 
_entity_poly.entity_id                      1 
_entity_poly.type                           'polypeptide(L)' 
_entity_poly.nstd_linkage                   no 
_entity_poly.nstd_monomer                   no 
_entity_poly.pdbx_seq_one_letter_code       
;GSQAAHMMSMDFEDFPVESAHRILTPRPTVMVTTVDEEGNINAAPFSFTMPVSIDPPVVAFASAPDHHTARNIESTHEFV
INITPADIIERMWVTARDIPAGENELEAAGLAWTSSRRVKPPRIVEAPGHLECELLRMFEVGDHNLITGSVVSASVRSGA
VKEGLLDVESVKPVLHVGGNKFVVGDHVRHVE
;
_entity_poly.pdbx_seq_one_letter_code_can   
;GSQAAHMMSMDFEDFPVESAHRILTPRPTVMVTTVDEEGNINAAPFSFTMPVSIDPPVVAFASAPDHHTARNIESTHEFV
INITPADIIERMWVTARDIPAGENELEAAGLAWTSSRRVKPPRIVEAPGHLECELLRMFEVGDHNLITGSVVSASVRSGA
VKEGLLDVESVKPVLHVGGNKFVVGDHVRHVE
;
_entity_poly.pdbx_strand_id                 A 
_entity_poly.pdbx_target_identifier         TT1 
# 
loop_
_pdbx_entity_nonpoly.entity_id 
_pdbx_entity_nonpoly.name 
_pdbx_entity_nonpoly.comp_id 
2 'NICKEL (II) ION'       NI  
3 'SULFATE ION'           SO4 
4 'FLAVIN MONONUCLEOTIDE' FMN 
5 water                   HOH 
# 
loop_
_entity_poly_seq.entity_id 
_entity_poly_seq.num 
_entity_poly_seq.mon_id 
_entity_poly_seq.hetero 
1 1   GLY n 
1 2   SER n 
1 3   GLN n 
1 4   ALA n 
1 5   ALA n 
1 6   HIS n 
1 7   MET n 
1 8   MET n 
1 9   SER n 
1 10  MET n 
1 11  ASP n 
1 12  PHE n 
1 13  GLU n 
1 14  ASP n 
1 15  PHE n 
1 16  PRO n 
1 17  VAL n 
1 18  GLU n 
1 19  SER n 
1 20  ALA n 
1 21  HIS n 
1 22  ARG n 
1 23  ILE n 
1 24  LEU n 
1 25  THR n 
1 26  PRO n 
1 27  ARG n 
1 28  PRO n 
1 29  THR n 
1 30  VAL n 
1 31  MET n 
1 32  VAL n 
1 33  THR n 
1 34  THR n 
1 35  VAL n 
1 36  ASP n 
1 37  GLU n 
1 38  GLU n 
1 39  GLY n 
1 40  ASN n 
1 41  ILE n 
1 42  ASN n 
1 43  ALA n 
1 44  ALA n 
1 45  PRO n 
1 46  PHE n 
1 47  SER n 
1 48  PHE n 
1 49  THR n 
1 50  MET n 
1 51  PRO n 
1 52  VAL n 
1 53  SER n 
1 54  ILE n 
1 55  ASP n 
1 56  PRO n 
1 57  PRO n 
1 58  VAL n 
1 59  VAL n 
1 60  ALA n 
1 61  PHE n 
1 62  ALA n 
1 63  SER n 
1 64  ALA n 
1 65  PRO n 
1 66  ASP n 
1 67  HIS n 
1 68  HIS n 
1 69  THR n 
1 70  ALA n 
1 71  ARG n 
1 72  ASN n 
1 73  ILE n 
1 74  GLU n 
1 75  SER n 
1 76  THR n 
1 77  HIS n 
1 78  GLU n 
1 79  PHE n 
1 80  VAL n 
1 81  ILE n 
1 82  ASN n 
1 83  ILE n 
1 84  THR n 
1 85  PRO n 
1 86  ALA n 
1 87  ASP n 
1 88  ILE n 
1 89  ILE n 
1 90  GLU n 
1 91  ARG n 
1 92  MET n 
1 93  TRP n 
1 94  VAL n 
1 95  THR n 
1 96  ALA n 
1 97  ARG n 
1 98  ASP n 
1 99  ILE n 
1 100 PRO n 
1 101 ALA n 
1 102 GLY n 
1 103 GLU n 
1 104 ASN n 
1 105 GLU n 
1 106 LEU n 
1 107 GLU n 
1 108 ALA n 
1 109 ALA n 
1 110 GLY n 
1 111 LEU n 
1 112 ALA n 
1 113 TRP n 
1 114 THR n 
1 115 SER n 
1 116 SER n 
1 117 ARG n 
1 118 ARG n 
1 119 VAL n 
1 120 LYS n 
1 121 PRO n 
1 122 PRO n 
1 123 ARG n 
1 124 ILE n 
1 125 VAL n 
1 126 GLU n 
1 127 ALA n 
1 128 PRO n 
1 129 GLY n 
1 130 HIS n 
1 131 LEU n 
1 132 GLU n 
1 133 CYS n 
1 134 GLU n 
1 135 LEU n 
1 136 LEU n 
1 137 ARG n 
1 138 MET n 
1 139 PHE n 
1 140 GLU n 
1 141 VAL n 
1 142 GLY n 
1 143 ASP n 
1 144 HIS n 
1 145 ASN n 
1 146 LEU n 
1 147 ILE n 
1 148 THR n 
1 149 GLY n 
1 150 SER n 
1 151 VAL n 
1 152 VAL n 
1 153 SER n 
1 154 ALA n 
1 155 SER n 
1 156 VAL n 
1 157 ARG n 
1 158 SER n 
1 159 GLY n 
1 160 ALA n 
1 161 VAL n 
1 162 LYS n 
1 163 GLU n 
1 164 GLY n 
1 165 LEU n 
1 166 LEU n 
1 167 ASP n 
1 168 VAL n 
1 169 GLU n 
1 170 SER n 
1 171 VAL n 
1 172 LYS n 
1 173 PRO n 
1 174 VAL n 
1 175 LEU n 
1 176 HIS n 
1 177 VAL n 
1 178 GLY n 
1 179 GLY n 
1 180 ASN n 
1 181 LYS n 
1 182 PHE n 
1 183 VAL n 
1 184 VAL n 
1 185 GLY n 
1 186 ASP n 
1 187 HIS n 
1 188 VAL n 
1 189 ARG n 
1 190 HIS n 
1 191 VAL n 
1 192 GLU n 
# 
_entity_src_gen.entity_id                          1 
_entity_src_gen.pdbx_src_id                        1 
_entity_src_gen.pdbx_alt_source_flag               sample 
_entity_src_gen.pdbx_seq_type                      ? 
_entity_src_gen.pdbx_beg_seq_num                   ? 
_entity_src_gen.pdbx_end_seq_num                   ? 
_entity_src_gen.gene_src_common_name               ? 
_entity_src_gen.gene_src_genus                     Methanothermobacter 
_entity_src_gen.pdbx_gene_src_gene                 ? 
_entity_src_gen.gene_src_species                   ? 
_entity_src_gen.gene_src_strain                    ? 
_entity_src_gen.gene_src_tissue                    ? 
_entity_src_gen.gene_src_tissue_fraction           ? 
_entity_src_gen.gene_src_details                   ? 
_entity_src_gen.pdbx_gene_src_fragment             ? 
_entity_src_gen.pdbx_gene_src_scientific_name      'Methanothermobacter thermautotrophicus' 
_entity_src_gen.pdbx_gene_src_ncbi_taxonomy_id     145262 
_entity_src_gen.pdbx_gene_src_variant              ? 
_entity_src_gen.pdbx_gene_src_cell_line            ? 
_entity_src_gen.pdbx_gene_src_atcc                 ? 
_entity_src_gen.pdbx_gene_src_organ                ? 
_entity_src_gen.pdbx_gene_src_organelle            ? 
_entity_src_gen.pdbx_gene_src_cell                 ? 
_entity_src_gen.pdbx_gene_src_cellular_location    ? 
_entity_src_gen.host_org_common_name               ? 
_entity_src_gen.pdbx_host_org_scientific_name      'Escherichia coli' 
_entity_src_gen.pdbx_host_org_ncbi_taxonomy_id     562 
_entity_src_gen.host_org_genus                     Escherichia 
_entity_src_gen.pdbx_host_org_gene                 ? 
_entity_src_gen.pdbx_host_org_organ                ? 
_entity_src_gen.host_org_species                   ? 
_entity_src_gen.pdbx_host_org_tissue               ? 
_entity_src_gen.pdbx_host_org_tissue_fraction      ? 
_entity_src_gen.pdbx_host_org_strain               ? 
_entity_src_gen.pdbx_host_org_variant              ? 
_entity_src_gen.pdbx_host_org_cell_line            ? 
_entity_src_gen.pdbx_host_org_atcc                 ? 
_entity_src_gen.pdbx_host_org_culture_collection   ? 
_entity_src_gen.pdbx_host_org_cell                 ? 
_entity_src_gen.pdbx_host_org_organelle            ? 
_entity_src_gen.pdbx_host_org_cellular_location    ? 
_entity_src_gen.pdbx_host_org_vector_type          ? 
_entity_src_gen.pdbx_host_org_vector               ? 
_entity_src_gen.host_org_details                   ? 
_entity_src_gen.expression_system_id               ? 
_entity_src_gen.plasmid_name                       PET15B 
_entity_src_gen.plasmid_details                    ? 
_entity_src_gen.pdbx_description                   ? 
# 
loop_
_chem_comp.id 
_chem_comp.type 
_chem_comp.mon_nstd_flag 
_chem_comp.name 
_chem_comp.pdbx_synonyms 
_chem_comp.formula 
_chem_comp.formula_weight 
ALA 'L-peptide linking' y ALANINE                 ?                          'C3 H7 N O2'      89.093  
ARG 'L-peptide linking' y ARGININE                ?                          'C6 H15 N4 O2 1'  175.209 
ASN 'L-peptide linking' y ASPARAGINE              ?                          'C4 H8 N2 O3'     132.118 
ASP 'L-peptide linking' y 'ASPARTIC ACID'         ?                          'C4 H7 N O4'      133.103 
CYS 'L-peptide linking' y CYSTEINE                ?                          'C3 H7 N O2 S'    121.158 
FMN non-polymer         . 'FLAVIN MONONUCLEOTIDE' 'RIBOFLAVIN MONOPHOSPHATE' 'C17 H21 N4 O9 P' 456.344 
GLN 'L-peptide linking' y GLUTAMINE               ?                          'C5 H10 N2 O3'    146.144 
GLU 'L-peptide linking' y 'GLUTAMIC ACID'         ?                          'C5 H9 N O4'      147.129 
GLY 'peptide linking'   y GLYCINE                 ?                          'C2 H5 N O2'      75.067  
HIS 'L-peptide linking' y HISTIDINE               ?                          'C6 H10 N3 O2 1'  156.162 
HOH non-polymer         . WATER                   ?                          'H2 O'            18.015  
ILE 'L-peptide linking' y ISOLEUCINE              ?                          'C6 H13 N O2'     131.173 
LEU 'L-peptide linking' y LEUCINE                 ?                          'C6 H13 N O2'     131.173 
LYS 'L-peptide linking' y LYSINE                  ?                          'C6 H15 N2 O2 1'  147.195 
MET 'L-peptide linking' y METHIONINE              ?                          'C5 H11 N O2 S'   149.211 
NI  non-polymer         . 'NICKEL (II) ION'       ?                          'Ni 2'            58.693  
PHE 'L-peptide linking' y PHENYLALANINE           ?                          'C9 H11 N O2'     165.189 
PRO 'L-peptide linking' y PROLINE                 ?                          'C5 H9 N O2'      115.130 
SER 'L-peptide linking' y SERINE                  ?                          'C3 H7 N O3'      105.093 
SO4 non-polymer         . 'SULFATE ION'           ?                          'O4 S -2'         96.063  
THR 'L-peptide linking' y THREONINE               ?                          'C4 H9 N O3'      119.119 
TRP 'L-peptide linking' y TRYPTOPHAN              ?                          'C11 H12 N2 O2'   204.225 
VAL 'L-peptide linking' y VALINE                  ?                          'C5 H11 N O2'     117.146 
# 
loop_
_pdbx_poly_seq_scheme.asym_id 
_pdbx_poly_seq_scheme.entity_id 
_pdbx_poly_seq_scheme.seq_id 
_pdbx_poly_seq_scheme.mon_id 
_pdbx_poly_seq_scheme.ndb_seq_num 
_pdbx_poly_seq_scheme.pdb_seq_num 
_pdbx_poly_seq_scheme.auth_seq_num 
_pdbx_poly_seq_scheme.pdb_mon_id 
_pdbx_poly_seq_scheme.auth_mon_id 
_pdbx_poly_seq_scheme.pdb_strand_id 
_pdbx_poly_seq_scheme.pdb_ins_code 
_pdbx_poly_seq_scheme.hetero 
A 1 1   GLY 1   1   1   GLY GLY A . n 
A 1 2   SER 2   2   2   SER SER A . n 
A 1 3   GLN 3   3   3   GLN GLN A . n 
A 1 4   ALA 4   4   4   ALA ALA A . n 
A 1 5   ALA 5   5   5   ALA ALA A . n 
A 1 6   HIS 6   6   6   HIS HIS A . n 
A 1 7   MET 7   7   7   MET MET A . n 
A 1 8   MET 8   8   8   MET MET A . n 
A 1 9   SER 9   9   9   SER SER A . n 
A 1 10  MET 10  10  10  MET MET A . n 
A 1 11  ASP 11  11  11  ASP ASP A . n 
A 1 12  PHE 12  12  12  PHE PHE A . n 
A 1 13  GLU 13  13  13  GLU GLU A . n 
A 1 14  ASP 14  14  14  ASP ASP A . n 
A 1 15  PHE 15  15  15  PHE PHE A . n 
A 1 16  PRO 16  16  16  PRO PRO A . n 
A 1 17  VAL 17  17  17  VAL VAL A . n 
A 1 18  GLU 18  18  18  GLU GLU A . n 
A 1 19  SER 19  19  19  SER SER A . n 
A 1 20  ALA 20  20  20  ALA ALA A . n 
A 1 21  HIS 21  21  21  HIS HIS A . n 
A 1 22  ARG 22  22  22  ARG ARG A . n 
A 1 23  ILE 23  23  23  ILE ILE A . n 
A 1 24  LEU 24  24  24  LEU LEU A . n 
A 1 25  THR 25  25  25  THR THR A . n 
A 1 26  PRO 26  26  26  PRO PRO A . n 
A 1 27  ARG 27  27  27  ARG ARG A . n 
A 1 28  PRO 28  28  28  PRO PRO A . n 
A 1 29  THR 29  29  29  THR THR A . n 
A 1 30  VAL 30  30  30  VAL VAL A . n 
A 1 31  MET 31  31  31  MET MET A . n 
A 1 32  VAL 32  32  32  VAL VAL A . n 
A 1 33  THR 33  33  33  THR THR A . n 
A 1 34  THR 34  34  34  THR THR A . n 
A 1 35  VAL 35  35  35  VAL VAL A . n 
A 1 36  ASP 36  36  36  ASP ASP A . n 
A 1 37  GLU 37  37  37  GLU GLU A . n 
A 1 38  GLU 38  38  38  GLU GLU A . n 
A 1 39  GLY 39  39  39  GLY GLY A . n 
A 1 40  ASN 40  40  40  ASN ASN A . n 
A 1 41  ILE 41  41  41  ILE ILE A . n 
A 1 42  ASN 42  42  42  ASN ASN A . n 
A 1 43  ALA 43  43  43  ALA ALA A . n 
A 1 44  ALA 44  44  44  ALA ALA A . n 
A 1 45  PRO 45  45  45  PRO PRO A . n 
A 1 46  PHE 46  46  46  PHE PHE A . n 
A 1 47  SER 47  47  47  SER SER A . n 
A 1 48  PHE 48  48  48  PHE PHE A . n 
A 1 49  THR 49  49  49  THR THR A . n 
A 1 50  MET 50  50  50  MET MET A . n 
A 1 51  PRO 51  51  51  PRO PRO A . n 
A 1 52  VAL 52  52  52  VAL VAL A . n 
A 1 53  SER 53  53  53  SER SER A . n 
A 1 54  ILE 54  54  54  ILE ILE A . n 
A 1 55  ASP 55  55  55  ASP ASP A . n 
A 1 56  PRO 56  56  56  PRO PRO A . n 
A 1 57  PRO 57  57  57  PRO PRO A . n 
A 1 58  VAL 58  58  58  VAL VAL A . n 
A 1 59  VAL 59  59  59  VAL VAL A . n 
A 1 60  ALA 60  60  60  ALA ALA A . n 
A 1 61  PHE 61  61  61  PHE PHE A . n 
A 1 62  ALA 62  62  62  ALA ALA A . n 
A 1 63  SER 63  63  63  SER SER A . n 
A 1 64  ALA 64  64  64  ALA ALA A . n 
A 1 65  PRO 65  65  65  PRO PRO A . n 
A 1 66  ASP 66  66  66  ASP ASP A . n 
A 1 67  HIS 67  67  67  HIS HIS A . n 
A 1 68  HIS 68  68  68  HIS HIS A . n 
A 1 69  THR 69  69  69  THR THR A . n 
A 1 70  ALA 70  70  70  ALA ALA A . n 
A 1 71  ARG 71  71  71  ARG ARG A . n 
A 1 72  ASN 72  72  72  ASN ASN A . n 
A 1 73  ILE 73  73  73  ILE ILE A . n 
A 1 74  GLU 74  74  74  GLU GLU A . n 
A 1 75  SER 75  75  75  SER SER A . n 
A 1 76  THR 76  76  76  THR THR A . n 
A 1 77  HIS 77  77  77  HIS HIS A . n 
A 1 78  GLU 78  78  78  GLU GLU A . n 
A 1 79  PHE 79  79  79  PHE PHE A . n 
A 1 80  VAL 80  80  80  VAL VAL A . n 
A 1 81  ILE 81  81  81  ILE ILE A . n 
A 1 82  ASN 82  82  82  ASN ASN A . n 
A 1 83  ILE 83  83  83  ILE ILE A . n 
A 1 84  THR 84  84  84  THR THR A . n 
A 1 85  PRO 85  85  85  PRO PRO A . n 
A 1 86  ALA 86  86  86  ALA ALA A . n 
A 1 87  ASP 87  87  87  ASP ASP A . n 
A 1 88  ILE 88  88  88  ILE ILE A . n 
A 1 89  ILE 89  89  89  ILE ILE A . n 
A 1 90  GLU 90  90  90  GLU GLU A . n 
A 1 91  ARG 91  91  91  ARG ARG A . n 
A 1 92  MET 92  92  92  MET MET A . n 
A 1 93  TRP 93  93  93  TRP TRP A . n 
A 1 94  VAL 94  94  94  VAL VAL A . n 
A 1 95  THR 95  95  95  THR THR A . n 
A 1 96  ALA 96  96  96  ALA ALA A . n 
A 1 97  ARG 97  97  97  ARG ARG A . n 
A 1 98  ASP 98  98  98  ASP ASP A . n 
A 1 99  ILE 99  99  99  ILE ILE A . n 
A 1 100 PRO 100 100 100 PRO PRO A . n 
A 1 101 ALA 101 101 101 ALA ALA A . n 
A 1 102 GLY 102 102 102 GLY GLY A . n 
A 1 103 GLU 103 103 103 GLU GLU A . n 
A 1 104 ASN 104 104 104 ASN ASN A . n 
A 1 105 GLU 105 105 105 GLU GLU A . n 
A 1 106 LEU 106 106 106 LEU LEU A . n 
A 1 107 GLU 107 107 107 GLU GLU A . n 
A 1 108 ALA 108 108 108 ALA ALA A . n 
A 1 109 ALA 109 109 109 ALA ALA A . n 
A 1 110 GLY 110 110 110 GLY GLY A . n 
A 1 111 LEU 111 111 111 LEU LEU A . n 
A 1 112 ALA 112 112 112 ALA ALA A . n 
A 1 113 TRP 113 113 113 TRP TRP A . n 
A 1 114 THR 114 114 114 THR THR A . n 
A 1 115 SER 115 115 115 SER SER A . n 
A 1 116 SER 116 116 116 SER SER A . n 
A 1 117 ARG 117 117 117 ARG ARG A . n 
A 1 118 ARG 118 118 118 ARG ARG A . n 
A 1 119 VAL 119 119 119 VAL VAL A . n 
A 1 120 LYS 120 120 120 LYS LYS A . n 
A 1 121 PRO 121 121 121 PRO PRO A . n 
A 1 122 PRO 122 122 122 PRO PRO A . n 
A 1 123 ARG 123 123 123 ARG ARG A . n 
A 1 124 ILE 124 124 124 ILE ILE A . n 
A 1 125 VAL 125 125 125 VAL VAL A . n 
A 1 126 GLU 126 126 126 GLU GLU A . n 
A 1 127 ALA 127 127 127 ALA ALA A . n 
A 1 128 PRO 128 128 128 PRO PRO A . n 
A 1 129 GLY 129 129 129 GLY GLY A . n 
A 1 130 HIS 130 130 130 HIS HIS A . n 
A 1 131 LEU 131 131 131 LEU LEU A . n 
A 1 132 GLU 132 132 132 GLU GLU A . n 
A 1 133 CYS 133 133 133 CYS CYS A . n 
A 1 134 GLU 134 134 134 GLU GLU A . n 
A 1 135 LEU 135 135 135 LEU LEU A . n 
A 1 136 LEU 136 136 136 LEU LEU A . n 
A 1 137 ARG 137 137 137 ARG ARG A . n 
A 1 138 MET 138 138 138 MET MET A . n 
A 1 139 PHE 139 139 139 PHE PHE A . n 
A 1 140 GLU 140 140 140 GLU GLU A . n 
A 1 141 VAL 141 141 141 VAL VAL A . n 
A 1 142 GLY 142 142 142 GLY GLY A . n 
A 1 143 ASP 143 143 143 ASP ASP A . n 
A 1 144 HIS 144 144 144 HIS HIS A . n 
A 1 145 ASN 145 145 145 ASN ASN A . n 
A 1 146 LEU 146 146 146 LEU LEU A . n 
A 1 147 ILE 147 147 147 ILE ILE A . n 
A 1 148 THR 148 148 148 THR THR A . n 
A 1 149 GLY 149 149 149 GLY GLY A . n 
A 1 150 SER 150 150 150 SER SER A . n 
A 1 151 VAL 151 151 151 VAL VAL A . n 
A 1 152 VAL 152 152 152 VAL VAL A . n 
A 1 153 SER 153 153 153 SER SER A . n 
A 1 154 ALA 154 154 154 ALA ALA A . n 
A 1 155 SER 155 155 155 SER SER A . n 
A 1 156 VAL 156 156 156 VAL VAL A . n 
A 1 157 ARG 157 157 157 ARG ARG A . n 
A 1 158 SER 158 158 158 SER SER A . n 
A 1 159 GLY 159 159 159 GLY GLY A . n 
A 1 160 ALA 160 160 160 ALA ALA A . n 
A 1 161 VAL 161 161 161 VAL VAL A . n 
A 1 162 LYS 162 162 162 LYS LYS A . n 
A 1 163 GLU 163 163 163 GLU GLU A . n 
A 1 164 GLY 164 164 164 GLY GLY A . n 
A 1 165 LEU 165 165 165 LEU LEU A . n 
A 1 166 LEU 166 166 166 LEU LEU A . n 
A 1 167 ASP 167 167 167 ASP ASP A . n 
A 1 168 VAL 168 168 168 VAL VAL A . n 
A 1 169 GLU 169 169 169 GLU GLU A . n 
A 1 170 SER 170 170 170 SER SER A . n 
A 1 171 VAL 171 171 171 VAL VAL A . n 
A 1 172 LYS 172 172 172 LYS LYS A . n 
A 1 173 PRO 173 173 173 PRO PRO A . n 
A 1 174 VAL 174 174 174 VAL VAL A . n 
A 1 175 LEU 175 175 175 LEU LEU A . n 
A 1 176 HIS 176 176 176 HIS HIS A . n 
A 1 177 VAL 177 177 177 VAL VAL A . n 
A 1 178 GLY 178 178 178 GLY GLY A . n 
A 1 179 GLY 179 179 179 GLY GLY A . n 
A 1 180 ASN 180 180 180 ASN ASN A . n 
A 1 181 LYS 181 181 181 LYS LYS A . n 
A 1 182 PHE 182 182 182 PHE PHE A . n 
A 1 183 VAL 183 183 183 VAL VAL A . n 
A 1 184 VAL 184 184 184 VAL VAL A . n 
A 1 185 GLY 185 185 185 GLY GLY A . n 
A 1 186 ASP 186 186 186 ASP ASP A . n 
A 1 187 HIS 187 187 187 HIS HIS A . n 
A 1 188 VAL 188 188 188 VAL VAL A . n 
A 1 189 ARG 189 189 189 ARG ARG A . n 
A 1 190 HIS 190 190 190 HIS HIS A . n 
A 1 191 VAL 191 191 191 VAL VAL A . n 
A 1 192 GLU 192 192 192 GLU GLU A . n 
# 
loop_
_pdbx_nonpoly_scheme.asym_id 
_pdbx_nonpoly_scheme.entity_id 
_pdbx_nonpoly_scheme.mon_id 
_pdbx_nonpoly_scheme.ndb_seq_num 
_pdbx_nonpoly_scheme.pdb_seq_num 
_pdbx_nonpoly_scheme.auth_seq_num 
_pdbx_nonpoly_scheme.pdb_mon_id 
_pdbx_nonpoly_scheme.auth_mon_id 
_pdbx_nonpoly_scheme.pdb_strand_id 
_pdbx_nonpoly_scheme.pdb_ins_code 
B 2 NI  1  201  201  NI  NI  A . 
C 2 NI  1  202  202  NI  NI  A . 
D 3 SO4 1  301  301  SO4 SO4 A . 
E 4 FMN 1  401  401  FMN FMN A . 
F 5 HOH 1  1001 1001 HOH HOH A . 
F 5 HOH 2  1002 1002 HOH HOH A . 
F 5 HOH 3  1003 1003 HOH HOH A . 
F 5 HOH 4  1004 1004 HOH HOH A . 
F 5 HOH 5  1005 1005 HOH HOH A . 
F 5 HOH 6  1006 1006 HOH HOH A . 
F 5 HOH 7  1007 1007 HOH HOH A . 
F 5 HOH 8  1008 1008 HOH HOH A . 
F 5 HOH 9  1009 1009 HOH HOH A . 
F 5 HOH 10 1010 1010 HOH HOH A . 
F 5 HOH 11 1011 1011 HOH HOH A . 
F 5 HOH 12 1012 1012 HOH HOH A . 
F 5 HOH 13 1013 1013 HOH HOH A . 
F 5 HOH 14 1014 1014 HOH HOH A . 
F 5 HOH 15 1015 1015 HOH HOH A . 
F 5 HOH 16 1016 1016 HOH HOH A . 
F 5 HOH 17 1017 1017 HOH HOH A . 
F 5 HOH 18 1018 1018 HOH HOH A . 
F 5 HOH 19 1019 1019 HOH HOH A . 
F 5 HOH 20 1020 1020 HOH HOH A . 
F 5 HOH 21 1021 1021 HOH HOH A . 
F 5 HOH 22 1022 1022 HOH HOH A . 
F 5 HOH 23 1023 1023 HOH HOH A . 
F 5 HOH 24 1024 1024 HOH HOH A . 
F 5 HOH 25 1025 1025 HOH HOH A . 
F 5 HOH 26 1026 1026 HOH HOH A . 
F 5 HOH 27 1027 1027 HOH HOH A . 
F 5 HOH 28 1028 1028 HOH HOH A . 
F 5 HOH 29 1029 1029 HOH HOH A . 
F 5 HOH 30 1030 1030 HOH HOH A . 
F 5 HOH 31 1031 1031 HOH HOH A . 
F 5 HOH 32 1032 1032 HOH HOH A . 
F 5 HOH 33 1033 1033 HOH HOH A . 
F 5 HOH 34 1034 1034 HOH HOH A . 
F 5 HOH 35 1035 1035 HOH HOH A . 
F 5 HOH 36 1036 1036 HOH HOH A . 
F 5 HOH 37 1037 1037 HOH HOH A . 
F 5 HOH 38 1038 1038 HOH HOH A . 
F 5 HOH 39 1039 1039 HOH HOH A . 
F 5 HOH 40 1040 1040 HOH HOH A . 
F 5 HOH 41 1041 1041 HOH HOH A . 
F 5 HOH 42 1043 1043 HOH HOH A . 
F 5 HOH 43 1044 1044 HOH HOH A . 
F 5 HOH 44 1045 1045 HOH HOH A . 
F 5 HOH 45 1046 1046 HOH HOH A . 
F 5 HOH 46 1047 1047 HOH HOH A . 
F 5 HOH 47 1048 1048 HOH HOH A . 
F 5 HOH 48 1049 1049 HOH HOH A . 
F 5 HOH 49 1050 1050 HOH HOH A . 
F 5 HOH 50 1051 1051 HOH HOH A . 
F 5 HOH 51 1052 1052 HOH HOH A . 
F 5 HOH 52 1053 1053 HOH HOH A . 
F 5 HOH 53 1054 1054 HOH HOH A . 
F 5 HOH 54 1055 1055 HOH HOH A . 
F 5 HOH 55 1056 1056 HOH HOH A . 
F 5 HOH 56 1057 1057 HOH HOH A . 
F 5 HOH 57 1058 1058 HOH HOH A . 
F 5 HOH 58 1059 1059 HOH HOH A . 
F 5 HOH 59 1060 1060 HOH HOH A . 
F 5 HOH 60 1061 1061 HOH HOH A . 
F 5 HOH 61 1062 1062 HOH HOH A . 
F 5 HOH 62 1063 1063 HOH HOH A . 
F 5 HOH 63 1064 1064 HOH HOH A . 
F 5 HOH 64 1065 1065 HOH HOH A . 
F 5 HOH 65 1066 1066 HOH HOH A . 
# 
loop_
_software.name 
_software.classification 
_software.version 
_software.citation_id 
_software.pdbx_ordinal 
PHASES    phasing          .   ? 1 
CNS       refinement       0.9 ? 2 
DENZO     'data reduction' .   ? 3 
SCALEPACK 'data scaling'   .   ? 4 
# 
_cell.entry_id           1EJE 
_cell.length_a           94.650 
_cell.length_b           94.650 
_cell.length_c           45.400 
_cell.angle_alpha        90.00 
_cell.angle_beta         90.00 
_cell.angle_gamma        90.00 
_cell.Z_PDB              8 
_cell.pdbx_unique_axis   ? 
# 
_symmetry.entry_id                         1EJE 
_symmetry.space_group_name_H-M             'P 41 21 2' 
_symmetry.pdbx_full_space_group_name_H-M   ? 
_symmetry.cell_setting                     ? 
_symmetry.Int_Tables_number                92 
# 
_exptl.entry_id          1EJE 
_exptl.method            'X-RAY DIFFRACTION' 
_exptl.crystals_number   1 
# 
_exptl_crystal.id                    1 
_exptl_crystal.density_meas          ? 
_exptl_crystal.density_Matthews      2.43 
_exptl_crystal.density_percent_sol   49.40 
_exptl_crystal.description           ? 
# 
_exptl_crystal_grow.crystal_id      1 
_exptl_crystal_grow.method          'VAPOR DIFFUSION, HANGING DROP' 
_exptl_crystal_grow.temp            295.0 
_exptl_crystal_grow.temp_details    ? 
_exptl_crystal_grow.pH              6 
_exptl_crystal_grow.pdbx_details    'LiSO4, MES, NiCl2, pH 6, VAPOR DIFFUSION, HANGING DROP, temperature 22K' 
_exptl_crystal_grow.pdbx_pH_range   . 
# 
_diffrn.id                     1 
_diffrn.ambient_temp           100 
_diffrn.ambient_temp_details   ? 
_diffrn.crystal_id             1 
# 
_diffrn_detector.diffrn_id              1 
_diffrn_detector.detector               CCD 
_diffrn_detector.type                   'ADSC QUANTUM 4' 
_diffrn_detector.pdbx_collection_date   1999-12-08 
_diffrn_detector.details                ? 
# 
_diffrn_radiation.diffrn_id                        1 
_diffrn_radiation.wavelength_id                    1 
_diffrn_radiation.pdbx_monochromatic_or_laue_m_l   M 
_diffrn_radiation.monochromator                    ? 
_diffrn_radiation.pdbx_diffrn_protocol             'SINGLE WAVELENGTH' 
_diffrn_radiation.pdbx_scattering_type             x-ray 
# 
_diffrn_radiation_wavelength.id           1 
_diffrn_radiation_wavelength.wavelength   1.000 
_diffrn_radiation_wavelength.wt           1.0 
# 
_diffrn_source.diffrn_id                   1 
_diffrn_source.source                      SYNCHROTRON 
_diffrn_source.type                        'APS BEAMLINE 14-BM-C' 
_diffrn_source.pdbx_synchrotron_site       APS 
_diffrn_source.pdbx_synchrotron_beamline   14-BM-C 
_diffrn_source.pdbx_wavelength             1.000 
_diffrn_source.pdbx_wavelength_list        ? 
# 
_reflns.entry_id                     1EJE 
_reflns.observed_criterion_sigma_I   152 
_reflns.observed_criterion_sigma_F   4354 
_reflns.d_resolution_low             20 
_reflns.d_resolution_high            2.2 
_reflns.number_obs                   85613 
_reflns.number_all                   85613 
_reflns.percent_possible_obs         100 
_reflns.pdbx_Rmerge_I_obs            0.0470000 
_reflns.pdbx_Rsym_value              ? 
_reflns.pdbx_netI_over_sigmaI        29 
_reflns.B_iso_Wilson_estimate        19.4 
_reflns.pdbx_redundancy              8.5 
_reflns.R_free_details               ? 
_reflns.limit_h_max                  ? 
_reflns.limit_h_min                  ? 
_reflns.limit_k_max                  ? 
_reflns.limit_k_min                  ? 
_reflns.limit_l_max                  ? 
_reflns.limit_l_min                  ? 
_reflns.observed_criterion_F_max     ? 
_reflns.observed_criterion_F_min     ? 
_reflns.pdbx_ordinal                 1 
_reflns.pdbx_diffrn_id               1 
# 
_reflns_shell.d_res_high             2.20 
_reflns_shell.d_res_low              2.31 
_reflns_shell.percent_possible_all   100 
_reflns_shell.Rmerge_I_obs           0.2610000 
_reflns_shell.pdbx_Rsym_value        ? 
_reflns_shell.meanI_over_sigI_obs    ? 
_reflns_shell.pdbx_redundancy        8.5 
_reflns_shell.percent_possible_obs   ? 
_reflns_shell.number_unique_all      1060 
_reflns_shell.pdbx_ordinal           1 
_reflns_shell.pdbx_diffrn_id         1 
# 
_refine.entry_id                                 1EJE 
_refine.ls_number_reflns_obs                     10458 
_refine.ls_number_reflns_all                     85613 
_refine.pdbx_ls_sigma_I                          0.0 
_refine.pdbx_ls_sigma_F                          0.0 
_refine.pdbx_data_cutoff_high_absF               423879.07 
_refine.pdbx_data_cutoff_low_absF                0.00 
_refine.ls_d_res_low                             18.93 
_refine.ls_d_res_high                            2.20 
_refine.ls_percent_reflns_obs                    95.7 
_refine.ls_R_factor_obs                          0.2250000 
_refine.ls_R_factor_all                          ? 
_refine.ls_R_factor_R_work                       0.2250000 
_refine.ls_R_factor_R_free                       0.2790000 
_refine.ls_R_factor_R_free_error                 0.008 
_refine.ls_R_factor_R_free_error_details         ? 
_refine.ls_percent_reflns_R_free                 10.5 
_refine.ls_number_reflns_R_free                  1096 
_refine.ls_number_parameters                     ? 
_refine.ls_number_restraints                     ? 
_refine.occupancy_min                            ? 
_refine.occupancy_max                            ? 
_refine.B_iso_mean                               31.3 
_refine.aniso_B[1][1]                            -5.70 
_refine.aniso_B[2][2]                            -5.70 
_refine.aniso_B[3][3]                            11.40 
_refine.aniso_B[1][2]                            0.00 
_refine.aniso_B[1][3]                            0.00 
_refine.aniso_B[2][3]                            0.00 
_refine.solvent_model_details                    'FLAT MODEL' 
_refine.solvent_model_param_ksol                 0.402 
_refine.solvent_model_param_bsol                 53.93 
_refine.pdbx_ls_cross_valid_method               THROUGHOUT 
_refine.details                                  'Simulated Annealing' 
_refine.pdbx_starting_model                      ? 
_refine.pdbx_method_to_determine_struct          ? 
_refine.pdbx_isotropic_thermal_model             RESTRAINED 
_refine.pdbx_stereochemistry_target_values       'CNS 0.9' 
_refine.pdbx_stereochem_target_val_spec_case     ? 
_refine.pdbx_R_Free_selection_details            RANDOM 
_refine.pdbx_overall_ESU_R_Free                  ? 
_refine.overall_SU_B                             ? 
_refine.ls_redundancy_reflns_obs                 ? 
_refine.B_iso_min                                ? 
_refine.B_iso_max                                ? 
_refine.overall_SU_ML                            ? 
_refine.pdbx_overall_ESU_R                       ? 
_refine.pdbx_data_cutoff_high_rms_absF           ? 
_refine.pdbx_refine_id                           'X-RAY DIFFRACTION' 
_refine.pdbx_diffrn_id                           1 
_refine.pdbx_TLS_residual_ADP_flag               ? 
_refine.correlation_coeff_Fo_to_Fc               ? 
_refine.correlation_coeff_Fo_to_Fc_free          ? 
_refine.pdbx_solvent_vdw_probe_radii             ? 
_refine.pdbx_solvent_ion_probe_radii             ? 
_refine.pdbx_solvent_shrinkage_radii             ? 
_refine.pdbx_overall_phase_error                 ? 
_refine.overall_SU_R_Cruickshank_DPI             ? 
_refine.pdbx_overall_SU_R_free_Cruickshank_DPI   ? 
_refine.pdbx_overall_SU_R_Blow_DPI               ? 
_refine.pdbx_overall_SU_R_free_Blow_DPI          ? 
# 
_refine_analyze.entry_id                        1EJE 
_refine_analyze.Luzzati_coordinate_error_obs    0.29 
_refine_analyze.Luzzati_sigma_a_obs             0.27 
_refine_analyze.Luzzati_d_res_low_obs           5.00 
_refine_analyze.Luzzati_coordinate_error_free   0.37 
_refine_analyze.Luzzati_sigma_a_free            0.36 
_refine_analyze.Luzzati_d_res_low_free          ? 
_refine_analyze.number_disordered_residues      ? 
_refine_analyze.occupancy_sum_hydrogen          ? 
_refine_analyze.occupancy_sum_non_hydrogen      ? 
_refine_analyze.pdbx_Luzzati_d_res_high_obs     ? 
_refine_analyze.pdbx_refine_id                  'X-RAY DIFFRACTION' 
# 
_refine_hist.pdbx_refine_id                   'X-RAY DIFFRACTION' 
_refine_hist.cycle_id                         LAST 
_refine_hist.pdbx_number_atoms_protein        1467 
_refine_hist.pdbx_number_atoms_nucleic_acid   0 
_refine_hist.pdbx_number_atoms_ligand         38 
_refine_hist.number_atoms_solvent             65 
_refine_hist.number_atoms_total               1570 
_refine_hist.d_res_high                       2.20 
_refine_hist.d_res_low                        18.93 
# 
loop_
_refine_ls_restr.type 
_refine_ls_restr.dev_ideal 
_refine_ls_restr.dev_ideal_target 
_refine_ls_restr.weight 
_refine_ls_restr.number 
_refine_ls_restr.pdbx_refine_id 
_refine_ls_restr.pdbx_restraint_function 
c_bond_d                0.016 ?    ? ? 'X-RAY DIFFRACTION' ? 
c_bond_d_na             ?     ?    ? ? 'X-RAY DIFFRACTION' ? 
c_bond_d_prot           ?     ?    ? ? 'X-RAY DIFFRACTION' ? 
c_angle_d               ?     ?    ? ? 'X-RAY DIFFRACTION' ? 
c_angle_d_na            ?     ?    ? ? 'X-RAY DIFFRACTION' ? 
c_angle_d_prot          ?     ?    ? ? 'X-RAY DIFFRACTION' ? 
c_angle_deg             1.6   ?    ? ? 'X-RAY DIFFRACTION' ? 
c_angle_deg_na          ?     ?    ? ? 'X-RAY DIFFRACTION' ? 
c_angle_deg_prot        ?     ?    ? ? 'X-RAY DIFFRACTION' ? 
c_dihedral_angle_d      24.9  ?    ? ? 'X-RAY DIFFRACTION' ? 
c_dihedral_angle_d_na   ?     ?    ? ? 'X-RAY DIFFRACTION' ? 
c_dihedral_angle_d_prot ?     ?    ? ? 'X-RAY DIFFRACTION' ? 
c_improper_angle_d      0.89  ?    ? ? 'X-RAY DIFFRACTION' ? 
c_improper_angle_d_na   ?     ?    ? ? 'X-RAY DIFFRACTION' ? 
c_improper_angle_d_prot ?     ?    ? ? 'X-RAY DIFFRACTION' ? 
c_mcbond_it             2.08  1.50 ? ? 'X-RAY DIFFRACTION' ? 
c_mcangle_it            2.98  2.00 ? ? 'X-RAY DIFFRACTION' ? 
c_scbond_it             3.46  2.00 ? ? 'X-RAY DIFFRACTION' ? 
c_scangle_it            4.82  2.50 ? ? 'X-RAY DIFFRACTION' ? 
# 
_refine_ls_shell.pdbx_total_number_of_bins_used   6 
_refine_ls_shell.d_res_high                       2.20 
_refine_ls_shell.d_res_low                        2.34 
_refine_ls_shell.number_reflns_R_work             1461 
_refine_ls_shell.R_factor_R_work                  0.2870000 
_refine_ls_shell.percent_reflns_obs               92.0 
_refine_ls_shell.R_factor_R_free                  0.3320000 
_refine_ls_shell.R_factor_R_free_error            0.025 
_refine_ls_shell.percent_reflns_R_free            10.6 
_refine_ls_shell.number_reflns_R_free             174 
_refine_ls_shell.redundancy_reflns_obs            ? 
_refine_ls_shell.number_reflns_all                ? 
_refine_ls_shell.number_reflns_obs                ? 
_refine_ls_shell.pdbx_refine_id                   'X-RAY DIFFRACTION' 
_refine_ls_shell.R_factor_all                     ? 
# 
loop_
_pdbx_xplor_file.serial_no 
_pdbx_xplor_file.param_file 
_pdbx_xplor_file.topol_file 
_pdbx_xplor_file.pdbx_refine_id 
1 PROTEIN_REP.PARAM PROTEIN.TOP 'X-RAY DIFFRACTION' 
2 WATER_REP.PARAM   WATER.TOP   'X-RAY DIFFRACTION' 
3 ION.PARAM         ION.TOP     'X-RAY DIFFRACTION' 
4 FMN.PARAM         FMN.TOP     'X-RAY DIFFRACTION' 
# 
_struct.entry_id                  1EJE 
_struct.title                     'CRYSTAL STRUCTURE OF AN FMN-BINDING PROTEIN' 
_struct.pdbx_model_details        ? 
_struct.pdbx_CASP_flag            ? 
_struct.pdbx_model_type_details   ? 
# 
_struct_keywords.entry_id        1EJE 
_struct_keywords.pdbx_keywords   'LIGAND BINDING PROTEIN' 
_struct_keywords.text            
;FMN-Binding Protein, structural genomics, PSI, Protein Structure Initiative, Northeast Structural Genomics Consortium, NESG, LIGAND BINDING PROTEIN
;
# 
loop_
_struct_asym.id 
_struct_asym.pdbx_blank_PDB_chainid_flag 
_struct_asym.pdbx_modified 
_struct_asym.entity_id 
_struct_asym.details 
A N N 1 ? 
B N N 2 ? 
C N N 2 ? 
D N N 3 ? 
E N N 4 ? 
F N N 5 ? 
# 
_struct_ref.id                         1 
_struct_ref.db_name                    UNP 
_struct_ref.db_code                    P152_METTH 
_struct_ref.entity_id                  1 
_struct_ref.pdbx_db_accession          O26255 
_struct_ref.pdbx_align_begin           1 
_struct_ref.pdbx_seq_one_letter_code   
;MMSMDFEDFPVESAHRILTPRPTVMVTTVDEEGNINAAPFSFTMPVSIDPPVVAFASAPDHHTARNIESTHEFVINITPA
DIIERMWVTARDIPAGENELEAAGLAWTSSRRVKPPRIVEAPGHLECELLRMFEVGDHNLITGSVVSASVRSGAVKEGLL
DVESVKPVLHVGGNKFVVGDHVRHVE
;
_struct_ref.pdbx_db_isoform            ? 
# 
_struct_ref_seq.align_id                      1 
_struct_ref_seq.ref_id                        1 
_struct_ref_seq.pdbx_PDB_id_code              1EJE 
_struct_ref_seq.pdbx_strand_id                A 
_struct_ref_seq.seq_align_beg                 7 
_struct_ref_seq.pdbx_seq_align_beg_ins_code   ? 
_struct_ref_seq.seq_align_end                 192 
_struct_ref_seq.pdbx_seq_align_end_ins_code   ? 
_struct_ref_seq.pdbx_db_accession             O26255 
_struct_ref_seq.db_align_beg                  1 
_struct_ref_seq.pdbx_db_align_beg_ins_code    ? 
_struct_ref_seq.db_align_end                  186 
_struct_ref_seq.pdbx_db_align_end_ins_code    ? 
_struct_ref_seq.pdbx_auth_seq_align_beg       7 
_struct_ref_seq.pdbx_auth_seq_align_end       192 
# 
loop_
_struct_ref_seq_dif.align_id 
_struct_ref_seq_dif.pdbx_pdb_id_code 
_struct_ref_seq_dif.mon_id 
_struct_ref_seq_dif.pdbx_pdb_strand_id 
_struct_ref_seq_dif.seq_num 
_struct_ref_seq_dif.pdbx_pdb_ins_code 
_struct_ref_seq_dif.pdbx_seq_db_name 
_struct_ref_seq_dif.pdbx_seq_db_accession_code 
_struct_ref_seq_dif.db_mon_id 
_struct_ref_seq_dif.pdbx_seq_db_seq_num 
_struct_ref_seq_dif.details 
_struct_ref_seq_dif.pdbx_auth_seq_num 
_struct_ref_seq_dif.pdbx_ordinal 
1 1EJE GLY A 1 ? UNP O26255 ? ? 'SEE REMARK 999' 1 1 
1 1EJE SER A 2 ? UNP O26255 ? ? 'SEE REMARK 999' 2 2 
1 1EJE GLN A 3 ? UNP O26255 ? ? 'SEE REMARK 999' 3 3 
1 1EJE ALA A 4 ? UNP O26255 ? ? 'SEE REMARK 999' 4 4 
1 1EJE ALA A 5 ? UNP O26255 ? ? 'SEE REMARK 999' 5 5 
1 1EJE HIS A 6 ? UNP O26255 ? ? 'SEE REMARK 999' 6 6 
# 
_pdbx_struct_assembly.id                   1 
_pdbx_struct_assembly.details              author_and_software_defined_assembly 
_pdbx_struct_assembly.method_details       PISA,PQS 
_pdbx_struct_assembly.oligomeric_details   dimeric 
_pdbx_struct_assembly.oligomeric_count     2 
# 
loop_
_pdbx_struct_assembly_prop.biol_id 
_pdbx_struct_assembly_prop.type 
_pdbx_struct_assembly_prop.value 
_pdbx_struct_assembly_prop.details 
1 'ABSA (A^2)' 11140 ? 
1 MORE         -163  ? 
1 'SSA (A^2)'  14420 ? 
# 
_pdbx_struct_assembly_gen.assembly_id       1 
_pdbx_struct_assembly_gen.oper_expression   1,2 
_pdbx_struct_assembly_gen.asym_id_list      A,B,C,D,E,F 
# 
loop_
_pdbx_struct_oper_list.id 
_pdbx_struct_oper_list.type 
_pdbx_struct_oper_list.name 
_pdbx_struct_oper_list.symmetry_operation 
_pdbx_struct_oper_list.matrix[1][1] 
_pdbx_struct_oper_list.matrix[1][2] 
_pdbx_struct_oper_list.matrix[1][3] 
_pdbx_struct_oper_list.vector[1] 
_pdbx_struct_oper_list.matrix[2][1] 
_pdbx_struct_oper_list.matrix[2][2] 
_pdbx_struct_oper_list.matrix[2][3] 
_pdbx_struct_oper_list.vector[2] 
_pdbx_struct_oper_list.matrix[3][1] 
_pdbx_struct_oper_list.matrix[3][2] 
_pdbx_struct_oper_list.matrix[3][3] 
_pdbx_struct_oper_list.vector[3] 
1 'identity operation'         1_555 x,y,z    1.0000000000  0.0000000000 0.0000000000  0.0000000000 0.0000000000 1.0000000000 0.0000000000  0.0000000000  0.0000000000  0.0000000000  1.0000000000  0.0000000000  
2 'crystal symmetry operation' 7_556 y,x,-z+1 -0.6128918420 0.7898644688 -0.0218566002 2.3743950764 0.7898644688 0.6116577916 -0.0445967143 -0.7154013426 -0.0218566002 -0.0445967143 -0.9987659496 16.2000310842 
# 
_struct_biol.id                    1 
_struct_biol.details               
'The biological assembly is a dimer constructed from Chain A and a symmetry partner generated by crystallographic symmetry.' 
_struct_biol.pdbx_parent_biol_id   ? 
# 
loop_
_struct_conf.conf_type_id 
_struct_conf.id 
_struct_conf.pdbx_PDB_helix_id 
_struct_conf.beg_label_comp_id 
_struct_conf.beg_label_asym_id 
_struct_conf.beg_label_seq_id 
_struct_conf.pdbx_beg_PDB_ins_code 
_struct_conf.end_label_comp_id 
_struct_conf.end_label_asym_id 
_struct_conf.end_label_seq_id 
_struct_conf.pdbx_end_PDB_ins_code 
_struct_conf.beg_auth_comp_id 
_struct_conf.beg_auth_asym_id 
_struct_conf.beg_auth_seq_id 
_struct_conf.end_auth_comp_id 
_struct_conf.end_auth_asym_id 
_struct_conf.end_auth_seq_id 
_struct_conf.pdbx_PDB_helix_class 
_struct_conf.details 
_struct_conf.pdbx_PDB_helix_length 
HELX_P HELX_P1 1 SER A 2   ? SER A 9   ? SER A 2   SER A 9   1 ? 8  
HELX_P HELX_P2 2 PRO A 16  ? ILE A 23  ? PRO A 16  ILE A 23  5 ? 8  
HELX_P HELX_P3 3 HIS A 67  ? HIS A 77  ? HIS A 67  HIS A 77  1 ? 11 
HELX_P HELX_P4 4 ILE A 88  ? THR A 95  ? ILE A 88  THR A 95  1 ? 8  
HELX_P HELX_P5 5 ASN A 104 ? GLY A 110 ? ASN A 104 GLY A 110 1 ? 7  
HELX_P HELX_P6 6 ASP A 167 ? LYS A 172 ? ASP A 167 LYS A 172 1 ? 6  
# 
_struct_conf_type.id          HELX_P 
_struct_conf_type.criteria    ? 
_struct_conf_type.reference   ? 
# 
loop_
_struct_conn.id 
_struct_conn.conn_type_id 
_struct_conn.pdbx_leaving_atom_flag 
_struct_conn.pdbx_PDB_id 
_struct_conn.ptnr1_label_asym_id 
_struct_conn.ptnr1_label_comp_id 
_struct_conn.ptnr1_label_seq_id 
_struct_conn.ptnr1_label_atom_id 
_struct_conn.pdbx_ptnr1_label_alt_id 
_struct_conn.pdbx_ptnr1_PDB_ins_code 
_struct_conn.pdbx_ptnr1_standard_comp_id 
_struct_conn.ptnr1_symmetry 
_struct_conn.ptnr2_label_asym_id 
_struct_conn.ptnr2_label_comp_id 
_struct_conn.ptnr2_label_seq_id 
_struct_conn.ptnr2_label_atom_id 
_struct_conn.pdbx_ptnr2_label_alt_id 
_struct_conn.pdbx_ptnr2_PDB_ins_code 
_struct_conn.ptnr1_auth_asym_id 
_struct_conn.ptnr1_auth_comp_id 
_struct_conn.ptnr1_auth_seq_id 
_struct_conn.ptnr2_auth_asym_id 
_struct_conn.ptnr2_auth_comp_id 
_struct_conn.ptnr2_auth_seq_id 
_struct_conn.ptnr2_symmetry 
_struct_conn.pdbx_ptnr3_label_atom_id 
_struct_conn.pdbx_ptnr3_label_seq_id 
_struct_conn.pdbx_ptnr3_label_comp_id 
_struct_conn.pdbx_ptnr3_label_asym_id 
_struct_conn.pdbx_ptnr3_label_alt_id 
_struct_conn.pdbx_ptnr3_PDB_ins_code 
_struct_conn.details 
_struct_conn.pdbx_dist_value 
_struct_conn.pdbx_value_order 
_struct_conn.pdbx_role 
metalc1  metalc ? ? A GLY 1   O   ? ? ? 6_455 C NI  . NI  ? ? A GLY 1   A NI  202  1_555 ? ? ? ? ? ? ? 1.985 ? ? 
metalc2  metalc ? ? A GLY 1   N   ? ? ? 6_455 C NI  . NI  ? ? A GLY 1   A NI  202  1_555 ? ? ? ? ? ? ? 2.011 ? ? 
metalc3  metalc ? ? A HIS 6   NE2 ? ? ? 6_455 C NI  . NI  ? ? A HIS 6   A NI  202  1_555 ? ? ? ? ? ? ? 2.027 ? ? 
metalc4  metalc ? ? A ASN 42  OD1 ? ? ? 1_555 B NI  . NI  ? ? A ASN 42  A NI  201  1_555 ? ? ? ? ? ? ? 2.053 ? ? 
metalc5  metalc ? ? A HIS 68  ND1 ? ? ? 1_555 B NI  . NI  ? ? A HIS 68  A NI  201  1_555 ? ? ? ? ? ? ? 2.133 ? ? 
metalc6  metalc ? ? A HIS 77  ND1 ? ? ? 1_555 C NI  . NI  ? ? A HIS 77  A NI  202  1_555 ? ? ? ? ? ? ? 1.997 ? ? 
metalc7  metalc ? ? A GLU 105 OE1 ? ? ? 1_555 B NI  . NI  ? ? A GLU 105 A NI  201  1_555 ? ? ? ? ? ? ? 2.690 ? ? 
metalc8  metalc ? ? B NI  .   NI  ? ? ? 1_555 E FMN . O3P ? ? A NI  201 A FMN 401  1_555 ? ? ? ? ? ? ? 2.032 ? ? 
metalc9  metalc ? ? B NI  .   NI  ? ? ? 1_555 F HOH . O   ? ? A NI  201 A HOH 1008 1_555 ? ? ? ? ? ? ? 2.311 ? ? 
metalc10 metalc ? ? B NI  .   NI  ? ? ? 1_555 F HOH . O   ? ? A NI  201 A HOH 1009 1_555 ? ? ? ? ? ? ? 2.210 ? ? 
metalc11 metalc ? ? C NI  .   NI  ? ? ? 1_555 F HOH . O   ? ? A NI  202 A HOH 1030 1_555 ? ? ? ? ? ? ? 2.296 ? ? 
# 
_struct_conn_type.id          metalc 
_struct_conn_type.criteria    ? 
_struct_conn_type.reference   ? 
# 
loop_
_pdbx_struct_conn_angle.id 
_pdbx_struct_conn_angle.ptnr1_label_atom_id 
_pdbx_struct_conn_angle.ptnr1_label_alt_id 
_pdbx_struct_conn_angle.ptnr1_label_asym_id 
_pdbx_struct_conn_angle.ptnr1_label_comp_id 
_pdbx_struct_conn_angle.ptnr1_label_seq_id 
_pdbx_struct_conn_angle.ptnr1_auth_atom_id 
_pdbx_struct_conn_angle.ptnr1_auth_asym_id 
_pdbx_struct_conn_angle.ptnr1_auth_comp_id 
_pdbx_struct_conn_angle.ptnr1_auth_seq_id 
_pdbx_struct_conn_angle.ptnr1_PDB_ins_code 
_pdbx_struct_conn_angle.ptnr1_symmetry 
_pdbx_struct_conn_angle.ptnr2_label_atom_id 
_pdbx_struct_conn_angle.ptnr2_label_alt_id 
_pdbx_struct_conn_angle.ptnr2_label_asym_id 
_pdbx_struct_conn_angle.ptnr2_label_comp_id 
_pdbx_struct_conn_angle.ptnr2_label_seq_id 
_pdbx_struct_conn_angle.ptnr2_auth_atom_id 
_pdbx_struct_conn_angle.ptnr2_auth_asym_id 
_pdbx_struct_conn_angle.ptnr2_auth_comp_id 
_pdbx_struct_conn_angle.ptnr2_auth_seq_id 
_pdbx_struct_conn_angle.ptnr2_PDB_ins_code 
_pdbx_struct_conn_angle.ptnr2_symmetry 
_pdbx_struct_conn_angle.ptnr3_label_atom_id 
_pdbx_struct_conn_angle.ptnr3_label_alt_id 
_pdbx_struct_conn_angle.ptnr3_label_asym_id 
_pdbx_struct_conn_angle.ptnr3_label_comp_id 
_pdbx_struct_conn_angle.ptnr3_label_seq_id 
_pdbx_struct_conn_angle.ptnr3_auth_atom_id 
_pdbx_struct_conn_angle.ptnr3_auth_asym_id 
_pdbx_struct_conn_angle.ptnr3_auth_comp_id 
_pdbx_struct_conn_angle.ptnr3_auth_seq_id 
_pdbx_struct_conn_angle.ptnr3_PDB_ins_code 
_pdbx_struct_conn_angle.ptnr3_symmetry 
_pdbx_struct_conn_angle.value 
_pdbx_struct_conn_angle.value_esd 
1  O   ? A GLY 1   ? A GLY 1    ? 6_455 NI ? C NI . ? A NI 202 ? 1_555 N   ? A GLY 1   ? A GLY 1    ? 6_455 83.5  ? 
2  O   ? A GLY 1   ? A GLY 1    ? 6_455 NI ? C NI . ? A NI 202 ? 1_555 NE2 ? A HIS 6   ? A HIS 6    ? 6_455 92.1  ? 
3  N   ? A GLY 1   ? A GLY 1    ? 6_455 NI ? C NI . ? A NI 202 ? 1_555 NE2 ? A HIS 6   ? A HIS 6    ? 6_455 90.1  ? 
4  O   ? A GLY 1   ? A GLY 1    ? 6_455 NI ? C NI . ? A NI 202 ? 1_555 ND1 ? A HIS 77  ? A HIS 77   ? 1_555 82.2  ? 
5  N   ? A GLY 1   ? A GLY 1    ? 6_455 NI ? C NI . ? A NI 202 ? 1_555 ND1 ? A HIS 77  ? A HIS 77   ? 1_555 165.7 ? 
6  NE2 ? A HIS 6   ? A HIS 6    ? 6_455 NI ? C NI . ? A NI 202 ? 1_555 ND1 ? A HIS 77  ? A HIS 77   ? 1_555 89.7  ? 
7  O   ? A GLY 1   ? A GLY 1    ? 6_455 NI ? C NI . ? A NI 202 ? 1_555 O   ? F HOH .   ? A HOH 1030 ? 1_555 94.5  ? 
8  N   ? A GLY 1   ? A GLY 1    ? 6_455 NI ? C NI . ? A NI 202 ? 1_555 O   ? F HOH .   ? A HOH 1030 ? 1_555 95.5  ? 
9  NE2 ? A HIS 6   ? A HIS 6    ? 6_455 NI ? C NI . ? A NI 202 ? 1_555 O   ? F HOH .   ? A HOH 1030 ? 1_555 171.9 ? 
10 ND1 ? A HIS 77  ? A HIS 77   ? 1_555 NI ? C NI . ? A NI 202 ? 1_555 O   ? F HOH .   ? A HOH 1030 ? 1_555 86.4  ? 
11 OD1 ? A ASN 42  ? A ASN 42   ? 1_555 NI ? B NI . ? A NI 201 ? 1_555 ND1 ? A HIS 68  ? A HIS 68   ? 1_555 94.1  ? 
12 OD1 ? A ASN 42  ? A ASN 42   ? 1_555 NI ? B NI . ? A NI 201 ? 1_555 OE1 ? A GLU 105 ? A GLU 105  ? 1_555 96.5  ? 
13 ND1 ? A HIS 68  ? A HIS 68   ? 1_555 NI ? B NI . ? A NI 201 ? 1_555 OE1 ? A GLU 105 ? A GLU 105  ? 1_555 164.9 ? 
14 OD1 ? A ASN 42  ? A ASN 42   ? 1_555 NI ? B NI . ? A NI 201 ? 1_555 O3P ? E FMN .   ? A FMN 401  ? 1_555 95.6  ? 
15 ND1 ? A HIS 68  ? A HIS 68   ? 1_555 NI ? B NI . ? A NI 201 ? 1_555 O3P ? E FMN .   ? A FMN 401  ? 1_555 95.9  ? 
16 OE1 ? A GLU 105 ? A GLU 105  ? 1_555 NI ? B NI . ? A NI 201 ? 1_555 O3P ? E FMN .   ? A FMN 401  ? 1_555 93.7  ? 
17 OD1 ? A ASN 42  ? A ASN 42   ? 1_555 NI ? B NI . ? A NI 201 ? 1_555 O   ? F HOH .   ? A HOH 1008 ? 1_555 80.0  ? 
18 ND1 ? A HIS 68  ? A HIS 68   ? 1_555 NI ? B NI . ? A NI 201 ? 1_555 O   ? F HOH .   ? A HOH 1008 ? 1_555 92.9  ? 
19 OE1 ? A GLU 105 ? A GLU 105  ? 1_555 NI ? B NI . ? A NI 201 ? 1_555 O   ? F HOH .   ? A HOH 1008 ? 1_555 78.4  ? 
20 O3P ? E FMN .   ? A FMN 401  ? 1_555 NI ? B NI . ? A NI 201 ? 1_555 O   ? F HOH .   ? A HOH 1008 ? 1_555 170.4 ? 
21 OD1 ? A ASN 42  ? A ASN 42   ? 1_555 NI ? B NI . ? A NI 201 ? 1_555 O   ? F HOH .   ? A HOH 1009 ? 1_555 175.0 ? 
22 ND1 ? A HIS 68  ? A HIS 68   ? 1_555 NI ? B NI . ? A NI 201 ? 1_555 O   ? F HOH .   ? A HOH 1009 ? 1_555 87.3  ? 
23 OE1 ? A GLU 105 ? A GLU 105  ? 1_555 NI ? B NI . ? A NI 201 ? 1_555 O   ? F HOH .   ? A HOH 1009 ? 1_555 81.2  ? 
24 O3P ? E FMN .   ? A FMN 401  ? 1_555 NI ? B NI . ? A NI 201 ? 1_555 O   ? F HOH .   ? A HOH 1009 ? 1_555 89.0  ? 
25 O   ? F HOH .   ? A HOH 1008 ? 1_555 NI ? B NI . ? A NI 201 ? 1_555 O   ? F HOH .   ? A HOH 1009 ? 1_555 95.1  ? 
# 
loop_
_struct_mon_prot_cis.pdbx_id 
_struct_mon_prot_cis.label_comp_id 
_struct_mon_prot_cis.label_seq_id 
_struct_mon_prot_cis.label_asym_id 
_struct_mon_prot_cis.label_alt_id 
_struct_mon_prot_cis.pdbx_PDB_ins_code 
_struct_mon_prot_cis.auth_comp_id 
_struct_mon_prot_cis.auth_seq_id 
_struct_mon_prot_cis.auth_asym_id 
_struct_mon_prot_cis.pdbx_label_comp_id_2 
_struct_mon_prot_cis.pdbx_label_seq_id_2 
_struct_mon_prot_cis.pdbx_label_asym_id_2 
_struct_mon_prot_cis.pdbx_PDB_ins_code_2 
_struct_mon_prot_cis.pdbx_auth_comp_id_2 
_struct_mon_prot_cis.pdbx_auth_seq_id_2 
_struct_mon_prot_cis.pdbx_auth_asym_id_2 
_struct_mon_prot_cis.pdbx_PDB_model_num 
_struct_mon_prot_cis.pdbx_omega_angle 
1 THR 25 A . ? THR 25 A PRO 26 A ? PRO 26 A 1 -0.11 
2 ASP 55 A . ? ASP 55 A PRO 56 A ? PRO 56 A 1 0.31  
# 
loop_
_struct_sheet.id 
_struct_sheet.type 
_struct_sheet.number_strands 
_struct_sheet.details 
A ? 3 ? 
B ? 7 ? 
C ? 2 ? 
D ? 2 ? 
# 
loop_
_struct_sheet_order.sheet_id 
_struct_sheet_order.range_id_1 
_struct_sheet_order.range_id_2 
_struct_sheet_order.offset 
_struct_sheet_order.sense 
A 1 2 ? anti-parallel 
A 2 3 ? anti-parallel 
B 1 2 ? anti-parallel 
B 2 3 ? anti-parallel 
B 3 4 ? anti-parallel 
B 4 5 ? anti-parallel 
B 5 6 ? anti-parallel 
B 6 7 ? anti-parallel 
C 1 2 ? anti-parallel 
D 1 2 ? anti-parallel 
# 
loop_
_struct_sheet_range.sheet_id 
_struct_sheet_range.id 
_struct_sheet_range.beg_label_comp_id 
_struct_sheet_range.beg_label_asym_id 
_struct_sheet_range.beg_label_seq_id 
_struct_sheet_range.pdbx_beg_PDB_ins_code 
_struct_sheet_range.end_label_comp_id 
_struct_sheet_range.end_label_asym_id 
_struct_sheet_range.end_label_seq_id 
_struct_sheet_range.pdbx_end_PDB_ins_code 
_struct_sheet_range.beg_auth_comp_id 
_struct_sheet_range.beg_auth_asym_id 
_struct_sheet_range.beg_auth_seq_id 
_struct_sheet_range.end_auth_comp_id 
_struct_sheet_range.end_auth_asym_id 
_struct_sheet_range.end_auth_seq_id 
A 1 ARG A 27  ? PRO A 28  ? ARG A 27  PRO A 28  
A 2 VAL A 174 ? GLY A 178 ? VAL A 174 GLY A 178 
A 3 LYS A 181 ? VAL A 184 ? LYS A 181 VAL A 184 
B 1 ILE A 41  ? PHE A 46  ? ILE A 41  PHE A 46  
B 2 VAL A 30  ? VAL A 35  ? VAL A 30  VAL A 35  
B 3 GLU A 78  ? ILE A 83  ? GLU A 78  ILE A 83  
B 4 GLY A 129 ? VAL A 141 ? GLY A 129 VAL A 141 
B 5 HIS A 144 ? VAL A 156 ? HIS A 144 VAL A 156 
B 6 VAL A 58  ? SER A 63  ? VAL A 58  SER A 63  
B 7 THR A 49  ? SER A 53  ? THR A 49  SER A 53  
C 1 TRP A 113 ? THR A 114 ? TRP A 113 THR A 114 
C 2 ARG A 123 ? ILE A 124 ? ARG A 123 ILE A 124 
D 1 VAL A 161 ? LYS A 162 ? VAL A 161 LYS A 162 
D 2 LEU A 165 ? LEU A 166 ? LEU A 165 LEU A 166 
# 
loop_
_pdbx_struct_sheet_hbond.sheet_id 
_pdbx_struct_sheet_hbond.range_id_1 
_pdbx_struct_sheet_hbond.range_id_2 
_pdbx_struct_sheet_hbond.range_1_label_atom_id 
_pdbx_struct_sheet_hbond.range_1_label_comp_id 
_pdbx_struct_sheet_hbond.range_1_label_asym_id 
_pdbx_struct_sheet_hbond.range_1_label_seq_id 
_pdbx_struct_sheet_hbond.range_1_PDB_ins_code 
_pdbx_struct_sheet_hbond.range_1_auth_atom_id 
_pdbx_struct_sheet_hbond.range_1_auth_comp_id 
_pdbx_struct_sheet_hbond.range_1_auth_asym_id 
_pdbx_struct_sheet_hbond.range_1_auth_seq_id 
_pdbx_struct_sheet_hbond.range_2_label_atom_id 
_pdbx_struct_sheet_hbond.range_2_label_comp_id 
_pdbx_struct_sheet_hbond.range_2_label_asym_id 
_pdbx_struct_sheet_hbond.range_2_label_seq_id 
_pdbx_struct_sheet_hbond.range_2_PDB_ins_code 
_pdbx_struct_sheet_hbond.range_2_auth_atom_id 
_pdbx_struct_sheet_hbond.range_2_auth_comp_id 
_pdbx_struct_sheet_hbond.range_2_auth_asym_id 
_pdbx_struct_sheet_hbond.range_2_auth_seq_id 
A 1 2 O ARG A 27  ? O ARG A 27  N HIS A 176 ? N HIS A 176 
A 2 3 N VAL A 177 ? N VAL A 177 O LYS A 181 ? O LYS A 181 
B 1 2 N PHE A 46  ? N PHE A 46  O VAL A 30  ? O VAL A 30  
B 2 3 N THR A 33  ? N THR A 33  O VAL A 80  ? O VAL A 80  
B 3 4 N ILE A 83  ? N ILE A 83  O GLY A 129 ? O GLY A 129 
B 4 5 N VAL A 141 ? N VAL A 141 O HIS A 144 ? O HIS A 144 
B 5 6 N GLY A 149 ? N GLY A 149 O VAL A 59  ? O VAL A 59  
B 6 7 O ALA A 60  ? O ALA A 60  N MET A 50  ? N MET A 50  
C 1 2 O THR A 114 ? O THR A 114 N ARG A 123 ? N ARG A 123 
D 1 2 N LYS A 162 ? N LYS A 162 O LEU A 165 ? O LEU A 165 
# 
loop_
_struct_site.id 
_struct_site.pdbx_evidence_code 
_struct_site.pdbx_auth_asym_id 
_struct_site.pdbx_auth_comp_id 
_struct_site.pdbx_auth_seq_id 
_struct_site.pdbx_auth_ins_code 
_struct_site.pdbx_num_residues 
_struct_site.details 
AC1 Software A NI  201 ? 6  'BINDING SITE FOR RESIDUE NI A 201'  
AC2 Software A NI  202 ? 4  'BINDING SITE FOR RESIDUE NI A 202'  
AC3 Software A SO4 301 ? 5  'BINDING SITE FOR RESIDUE SO4 A 301' 
AC4 Software A FMN 401 ? 22 'BINDING SITE FOR RESIDUE FMN A 401' 
# 
loop_
_struct_site_gen.id 
_struct_site_gen.site_id 
_struct_site_gen.pdbx_num_res 
_struct_site_gen.label_comp_id 
_struct_site_gen.label_asym_id 
_struct_site_gen.label_seq_id 
_struct_site_gen.pdbx_auth_ins_code 
_struct_site_gen.auth_comp_id 
_struct_site_gen.auth_asym_id 
_struct_site_gen.auth_seq_id 
_struct_site_gen.label_atom_id 
_struct_site_gen.label_alt_id 
_struct_site_gen.symmetry 
_struct_site_gen.details 
1  AC1 6  ASN A 42  ? ASN A 42   . ? 1_555 ? 
2  AC1 6  HIS A 68  ? HIS A 68   . ? 1_555 ? 
3  AC1 6  GLU A 105 ? GLU A 105  . ? 1_555 ? 
4  AC1 6  FMN E .   ? FMN A 401  . ? 1_555 ? 
5  AC1 6  HOH F .   ? HOH A 1008 . ? 1_555 ? 
6  AC1 6  HOH F .   ? HOH A 1009 . ? 1_555 ? 
7  AC2 4  GLY A 1   ? GLY A 1    . ? 6_455 ? 
8  AC2 4  HIS A 6   ? HIS A 6    . ? 6_455 ? 
9  AC2 4  HIS A 77  ? HIS A 77   . ? 1_555 ? 
10 AC2 4  HOH F .   ? HOH A 1030 . ? 1_555 ? 
11 AC3 5  HIS A 21  ? HIS A 21   . ? 1_555 ? 
12 AC3 5  ARG A 22  ? ARG A 22   . ? 1_555 ? 
13 AC3 5  GLY A 178 ? GLY A 178  . ? 1_555 ? 
14 AC3 5  GLY A 179 ? GLY A 179  . ? 1_555 ? 
15 AC3 5  HOH F .   ? HOH A 1011 . ? 1_555 ? 
16 AC4 22 ASN A 42  ? ASN A 42   . ? 1_555 ? 
17 AC4 22 ALA A 44  ? ALA A 44   . ? 1_555 ? 
18 AC4 22 PRO A 45  ? PRO A 45   . ? 1_555 ? 
19 AC4 22 PHE A 46  ? PHE A 46   . ? 1_555 ? 
20 AC4 22 SER A 47  ? SER A 47   . ? 1_555 ? 
21 AC4 22 PHE A 48  ? PHE A 48   . ? 1_555 ? 
22 AC4 22 ALA A 62  ? ALA A 62   . ? 1_555 ? 
23 AC4 22 SER A 63  ? SER A 63   . ? 1_555 ? 
24 AC4 22 ALA A 64  ? ALA A 64   . ? 1_555 ? 
25 AC4 22 HIS A 67  ? HIS A 67   . ? 1_555 ? 
26 AC4 22 HIS A 68  ? HIS A 68   . ? 1_555 ? 
27 AC4 22 THR A 69  ? THR A 69   . ? 1_555 ? 
28 AC4 22 ALA A 96  ? ALA A 96   . ? 1_555 ? 
29 AC4 22 ASP A 98  ? ASP A 98   . ? 7_557 ? 
30 AC4 22 GLU A 105 ? GLU A 105  . ? 1_555 ? 
31 AC4 22 HIS A 144 ? HIS A 144  . ? 1_555 ? 
32 AC4 22 HIS A 176 ? HIS A 176  . ? 1_555 ? 
33 AC4 22 PHE A 182 ? PHE A 182  . ? 1_555 ? 
34 AC4 22 NI  B .   ? NI  A 201  . ? 1_555 ? 
35 AC4 22 HOH F .   ? HOH A 1009 . ? 1_555 ? 
36 AC4 22 HOH F .   ? HOH A 1019 . ? 1_555 ? 
37 AC4 22 HOH F .   ? HOH A 1065 . ? 1_555 ? 
# 
_pdbx_validate_rmsd_bond.id                        1 
_pdbx_validate_rmsd_bond.PDB_model_num             1 
_pdbx_validate_rmsd_bond.auth_atom_id_1            C 
_pdbx_validate_rmsd_bond.auth_asym_id_1            A 
_pdbx_validate_rmsd_bond.auth_comp_id_1            SER 
_pdbx_validate_rmsd_bond.auth_seq_id_1             47 
_pdbx_validate_rmsd_bond.PDB_ins_code_1            ? 
_pdbx_validate_rmsd_bond.label_alt_id_1            ? 
_pdbx_validate_rmsd_bond.auth_atom_id_2            N 
_pdbx_validate_rmsd_bond.auth_asym_id_2            A 
_pdbx_validate_rmsd_bond.auth_comp_id_2            PHE 
_pdbx_validate_rmsd_bond.auth_seq_id_2             48 
_pdbx_validate_rmsd_bond.PDB_ins_code_2            ? 
_pdbx_validate_rmsd_bond.label_alt_id_2            ? 
_pdbx_validate_rmsd_bond.bond_value                1.478 
_pdbx_validate_rmsd_bond.bond_target_value         1.336 
_pdbx_validate_rmsd_bond.bond_deviation            0.142 
_pdbx_validate_rmsd_bond.bond_standard_deviation   0.023 
_pdbx_validate_rmsd_bond.linker_flag               Y 
# 
loop_
_pdbx_validate_torsion.id 
_pdbx_validate_torsion.PDB_model_num 
_pdbx_validate_torsion.auth_comp_id 
_pdbx_validate_torsion.auth_asym_id 
_pdbx_validate_torsion.auth_seq_id 
_pdbx_validate_torsion.PDB_ins_code 
_pdbx_validate_torsion.label_alt_id 
_pdbx_validate_torsion.phi 
_pdbx_validate_torsion.psi 
1 1 SER A 9   ? ? -48.09  -15.32 
2 1 MET A 50  ? ? -173.99 146.54 
3 1 VAL A 52  ? ? -125.54 -54.95 
4 1 MET A 138 ? ? -116.14 64.68  
5 1 ASP A 167 ? ? -67.68  72.92  
# 
_pdbx_validate_polymer_linkage.id               1 
_pdbx_validate_polymer_linkage.PDB_model_num    1 
_pdbx_validate_polymer_linkage.auth_atom_id_1   C 
_pdbx_validate_polymer_linkage.auth_asym_id_1   A 
_pdbx_validate_polymer_linkage.auth_comp_id_1   VAL 
_pdbx_validate_polymer_linkage.auth_seq_id_1    191 
_pdbx_validate_polymer_linkage.PDB_ins_code_1   ? 
_pdbx_validate_polymer_linkage.label_alt_id_1   ? 
_pdbx_validate_polymer_linkage.auth_atom_id_2   N 
_pdbx_validate_polymer_linkage.auth_asym_id_2   A 
_pdbx_validate_polymer_linkage.auth_comp_id_2   GLU 
_pdbx_validate_polymer_linkage.auth_seq_id_2    192 
_pdbx_validate_polymer_linkage.PDB_ins_code_2   ? 
_pdbx_validate_polymer_linkage.label_alt_id_2   ? 
_pdbx_validate_polymer_linkage.dist             1.77 
# 
_pdbx_SG_project.id                    1 
_pdbx_SG_project.project_name          'PSI, Protein Structure Initiative' 
_pdbx_SG_project.full_name_of_center   'Northeast Structural Genomics Consortium' 
_pdbx_SG_project.initial_of_center     NESG 
# 
loop_
_chem_comp_atom.comp_id 
_chem_comp_atom.atom_id 
_chem_comp_atom.type_symbol 
_chem_comp_atom.pdbx_aromatic_flag 
_chem_comp_atom.pdbx_stereo_config 
_chem_comp_atom.pdbx_ordinal 
ALA N      N  N N 1   
ALA CA     C  N S 2   
ALA C      C  N N 3   
ALA O      O  N N 4   
ALA CB     C  N N 5   
ALA OXT    O  N N 6   
ALA H      H  N N 7   
ALA H2     H  N N 8   
ALA HA     H  N N 9   
ALA HB1    H  N N 10  
ALA HB2    H  N N 11  
ALA HB3    H  N N 12  
ALA HXT    H  N N 13  
ARG N      N  N N 14  
ARG CA     C  N S 15  
ARG C      C  N N 16  
ARG O      O  N N 17  
ARG CB     C  N N 18  
ARG CG     C  N N 19  
ARG CD     C  N N 20  
ARG NE     N  N N 21  
ARG CZ     C  N N 22  
ARG NH1    N  N N 23  
ARG NH2    N  N N 24  
ARG OXT    O  N N 25  
ARG H      H  N N 26  
ARG H2     H  N N 27  
ARG HA     H  N N 28  
ARG HB2    H  N N 29  
ARG HB3    H  N N 30  
ARG HG2    H  N N 31  
ARG HG3    H  N N 32  
ARG HD2    H  N N 33  
ARG HD3    H  N N 34  
ARG HE     H  N N 35  
ARG HH11   H  N N 36  
ARG HH12   H  N N 37  
ARG HH21   H  N N 38  
ARG HH22   H  N N 39  
ARG HXT    H  N N 40  
ASN N      N  N N 41  
ASN CA     C  N S 42  
ASN C      C  N N 43  
ASN O      O  N N 44  
ASN CB     C  N N 45  
ASN CG     C  N N 46  
ASN OD1    O  N N 47  
ASN ND2    N  N N 48  
ASN OXT    O  N N 49  
ASN H      H  N N 50  
ASN H2     H  N N 51  
ASN HA     H  N N 52  
ASN HB2    H  N N 53  
ASN HB3    H  N N 54  
ASN HD21   H  N N 55  
ASN HD22   H  N N 56  
ASN HXT    H  N N 57  
ASP N      N  N N 58  
ASP CA     C  N S 59  
ASP C      C  N N 60  
ASP O      O  N N 61  
ASP CB     C  N N 62  
ASP CG     C  N N 63  
ASP OD1    O  N N 64  
ASP OD2    O  N N 65  
ASP OXT    O  N N 66  
ASP H      H  N N 67  
ASP H2     H  N N 68  
ASP HA     H  N N 69  
ASP HB2    H  N N 70  
ASP HB3    H  N N 71  
ASP HD2    H  N N 72  
ASP HXT    H  N N 73  
CYS N      N  N N 74  
CYS CA     C  N R 75  
CYS C      C  N N 76  
CYS O      O  N N 77  
CYS CB     C  N N 78  
CYS SG     S  N N 79  
CYS OXT    O  N N 80  
CYS H      H  N N 81  
CYS H2     H  N N 82  
CYS HA     H  N N 83  
CYS HB2    H  N N 84  
CYS HB3    H  N N 85  
CYS HG     H  N N 86  
CYS HXT    H  N N 87  
FMN N1     N  N N 88  
FMN C2     C  N N 89  
FMN O2     O  N N 90  
FMN N3     N  N N 91  
FMN C4     C  N N 92  
FMN O4     O  N N 93  
FMN C4A    C  N N 94  
FMN N5     N  N N 95  
FMN C5A    C  Y N 96  
FMN C6     C  Y N 97  
FMN C7     C  Y N 98  
FMN C7M    C  N N 99  
FMN C8     C  Y N 100 
FMN C8M    C  N N 101 
FMN C9     C  Y N 102 
FMN C9A    C  Y N 103 
FMN N10    N  N N 104 
FMN C10    C  N N 105 
FMN "C1'"  C  N N 106 
FMN "C2'"  C  N S 107 
FMN "O2'"  O  N N 108 
FMN "C3'"  C  N S 109 
FMN "O3'"  O  N N 110 
FMN "C4'"  C  N R 111 
FMN "O4'"  O  N N 112 
FMN "C5'"  C  N N 113 
FMN "O5'"  O  N N 114 
FMN P      P  N N 115 
FMN O1P    O  N N 116 
FMN O2P    O  N N 117 
FMN O3P    O  N N 118 
FMN HN3    H  N N 119 
FMN H6     H  N N 120 
FMN HM71   H  N N 121 
FMN HM72   H  N N 122 
FMN HM73   H  N N 123 
FMN HM81   H  N N 124 
FMN HM82   H  N N 125 
FMN HM83   H  N N 126 
FMN H9     H  N N 127 
FMN "H1'1" H  N N 128 
FMN "H1'2" H  N N 129 
FMN "H2'"  H  N N 130 
FMN "HO2'" H  N N 131 
FMN "H3'"  H  N N 132 
FMN "HO3'" H  N N 133 
FMN "H4'"  H  N N 134 
FMN "HO4'" H  N N 135 
FMN "H5'1" H  N N 136 
FMN "H5'2" H  N N 137 
FMN HOP2   H  N N 138 
FMN HOP3   H  N N 139 
GLN N      N  N N 140 
GLN CA     C  N S 141 
GLN C      C  N N 142 
GLN O      O  N N 143 
GLN CB     C  N N 144 
GLN CG     C  N N 145 
GLN CD     C  N N 146 
GLN OE1    O  N N 147 
GLN NE2    N  N N 148 
GLN OXT    O  N N 149 
GLN H      H  N N 150 
GLN H2     H  N N 151 
GLN HA     H  N N 152 
GLN HB2    H  N N 153 
GLN HB3    H  N N 154 
GLN HG2    H  N N 155 
GLN HG3    H  N N 156 
GLN HE21   H  N N 157 
GLN HE22   H  N N 158 
GLN HXT    H  N N 159 
GLU N      N  N N 160 
GLU CA     C  N S 161 
GLU C      C  N N 162 
GLU O      O  N N 163 
GLU CB     C  N N 164 
GLU CG     C  N N 165 
GLU CD     C  N N 166 
GLU OE1    O  N N 167 
GLU OE2    O  N N 168 
GLU OXT    O  N N 169 
GLU H      H  N N 170 
GLU H2     H  N N 171 
GLU HA     H  N N 172 
GLU HB2    H  N N 173 
GLU HB3    H  N N 174 
GLU HG2    H  N N 175 
GLU HG3    H  N N 176 
GLU HE2    H  N N 177 
GLU HXT    H  N N 178 
GLY N      N  N N 179 
GLY CA     C  N N 180 
GLY C      C  N N 181 
GLY O      O  N N 182 
GLY OXT    O  N N 183 
GLY H      H  N N 184 
GLY H2     H  N N 185 
GLY HA2    H  N N 186 
GLY HA3    H  N N 187 
GLY HXT    H  N N 188 
HIS N      N  N N 189 
HIS CA     C  N S 190 
HIS C      C  N N 191 
HIS O      O  N N 192 
HIS CB     C  N N 193 
HIS CG     C  Y N 194 
HIS ND1    N  Y N 195 
HIS CD2    C  Y N 196 
HIS CE1    C  Y N 197 
HIS NE2    N  Y N 198 
HIS OXT    O  N N 199 
HIS H      H  N N 200 
HIS H2     H  N N 201 
HIS HA     H  N N 202 
HIS HB2    H  N N 203 
HIS HB3    H  N N 204 
HIS HD1    H  N N 205 
HIS HD2    H  N N 206 
HIS HE1    H  N N 207 
HIS HE2    H  N N 208 
HIS HXT    H  N N 209 
HOH O      O  N N 210 
HOH H1     H  N N 211 
HOH H2     H  N N 212 
ILE N      N  N N 213 
ILE CA     C  N S 214 
ILE C      C  N N 215 
ILE O      O  N N 216 
ILE CB     C  N S 217 
ILE CG1    C  N N 218 
ILE CG2    C  N N 219 
ILE CD1    C  N N 220 
ILE OXT    O  N N 221 
ILE H      H  N N 222 
ILE H2     H  N N 223 
ILE HA     H  N N 224 
ILE HB     H  N N 225 
ILE HG12   H  N N 226 
ILE HG13   H  N N 227 
ILE HG21   H  N N 228 
ILE HG22   H  N N 229 
ILE HG23   H  N N 230 
ILE HD11   H  N N 231 
ILE HD12   H  N N 232 
ILE HD13   H  N N 233 
ILE HXT    H  N N 234 
LEU N      N  N N 235 
LEU CA     C  N S 236 
LEU C      C  N N 237 
LEU O      O  N N 238 
LEU CB     C  N N 239 
LEU CG     C  N N 240 
LEU CD1    C  N N 241 
LEU CD2    C  N N 242 
LEU OXT    O  N N 243 
LEU H      H  N N 244 
LEU H2     H  N N 245 
LEU HA     H  N N 246 
LEU HB2    H  N N 247 
LEU HB3    H  N N 248 
LEU HG     H  N N 249 
LEU HD11   H  N N 250 
LEU HD12   H  N N 251 
LEU HD13   H  N N 252 
LEU HD21   H  N N 253 
LEU HD22   H  N N 254 
LEU HD23   H  N N 255 
LEU HXT    H  N N 256 
LYS N      N  N N 257 
LYS CA     C  N S 258 
LYS C      C  N N 259 
LYS O      O  N N 260 
LYS CB     C  N N 261 
LYS CG     C  N N 262 
LYS CD     C  N N 263 
LYS CE     C  N N 264 
LYS NZ     N  N N 265 
LYS OXT    O  N N 266 
LYS H      H  N N 267 
LYS H2     H  N N 268 
LYS HA     H  N N 269 
LYS HB2    H  N N 270 
LYS HB3    H  N N 271 
LYS HG2    H  N N 272 
LYS HG3    H  N N 273 
LYS HD2    H  N N 274 
LYS HD3    H  N N 275 
LYS HE2    H  N N 276 
LYS HE3    H  N N 277 
LYS HZ1    H  N N 278 
LYS HZ2    H  N N 279 
LYS HZ3    H  N N 280 
LYS HXT    H  N N 281 
MET N      N  N N 282 
MET CA     C  N S 283 
MET C      C  N N 284 
MET O      O  N N 285 
MET CB     C  N N 286 
MET CG     C  N N 287 
MET SD     S  N N 288 
MET CE     C  N N 289 
MET OXT    O  N N 290 
MET H      H  N N 291 
MET H2     H  N N 292 
MET HA     H  N N 293 
MET HB2    H  N N 294 
MET HB3    H  N N 295 
MET HG2    H  N N 296 
MET HG3    H  N N 297 
MET HE1    H  N N 298 
MET HE2    H  N N 299 
MET HE3    H  N N 300 
MET HXT    H  N N 301 
NI  NI     NI N N 302 
PHE N      N  N N 303 
PHE CA     C  N S 304 
PHE C      C  N N 305 
PHE O      O  N N 306 
PHE CB     C  N N 307 
PHE CG     C  Y N 308 
PHE CD1    C  Y N 309 
PHE CD2    C  Y N 310 
PHE CE1    C  Y N 311 
PHE CE2    C  Y N 312 
PHE CZ     C  Y N 313 
PHE OXT    O  N N 314 
PHE H      H  N N 315 
PHE H2     H  N N 316 
PHE HA     H  N N 317 
PHE HB2    H  N N 318 
PHE HB3    H  N N 319 
PHE HD1    H  N N 320 
PHE HD2    H  N N 321 
PHE HE1    H  N N 322 
PHE HE2    H  N N 323 
PHE HZ     H  N N 324 
PHE HXT    H  N N 325 
PRO N      N  N N 326 
PRO CA     C  N S 327 
PRO C      C  N N 328 
PRO O      O  N N 329 
PRO CB     C  N N 330 
PRO CG     C  N N 331 
PRO CD     C  N N 332 
PRO OXT    O  N N 333 
PRO H      H  N N 334 
PRO HA     H  N N 335 
PRO HB2    H  N N 336 
PRO HB3    H  N N 337 
PRO HG2    H  N N 338 
PRO HG3    H  N N 339 
PRO HD2    H  N N 340 
PRO HD3    H  N N 341 
PRO HXT    H  N N 342 
SER N      N  N N 343 
SER CA     C  N S 344 
SER C      C  N N 345 
SER O      O  N N 346 
SER CB     C  N N 347 
SER OG     O  N N 348 
SER OXT    O  N N 349 
SER H      H  N N 350 
SER H2     H  N N 351 
SER HA     H  N N 352 
SER HB2    H  N N 353 
SER HB3    H  N N 354 
SER HG     H  N N 355 
SER HXT    H  N N 356 
SO4 S      S  N N 357 
SO4 O1     O  N N 358 
SO4 O2     O  N N 359 
SO4 O3     O  N N 360 
SO4 O4     O  N N 361 
THR N      N  N N 362 
THR CA     C  N S 363 
THR C      C  N N 364 
THR O      O  N N 365 
THR CB     C  N R 366 
THR OG1    O  N N 367 
THR CG2    C  N N 368 
THR OXT    O  N N 369 
THR H      H  N N 370 
THR H2     H  N N 371 
THR HA     H  N N 372 
THR HB     H  N N 373 
THR HG1    H  N N 374 
THR HG21   H  N N 375 
THR HG22   H  N N 376 
THR HG23   H  N N 377 
THR HXT    H  N N 378 
TRP N      N  N N 379 
TRP CA     C  N S 380 
TRP C      C  N N 381 
TRP O      O  N N 382 
TRP CB     C  N N 383 
TRP CG     C  Y N 384 
TRP CD1    C  Y N 385 
TRP CD2    C  Y N 386 
TRP NE1    N  Y N 387 
TRP CE2    C  Y N 388 
TRP CE3    C  Y N 389 
TRP CZ2    C  Y N 390 
TRP CZ3    C  Y N 391 
TRP CH2    C  Y N 392 
TRP OXT    O  N N 393 
TRP H      H  N N 394 
TRP H2     H  N N 395 
TRP HA     H  N N 396 
TRP HB2    H  N N 397 
TRP HB3    H  N N 398 
TRP HD1    H  N N 399 
TRP HE1    H  N N 400 
TRP HE3    H  N N 401 
TRP HZ2    H  N N 402 
TRP HZ3    H  N N 403 
TRP HH2    H  N N 404 
TRP HXT    H  N N 405 
VAL N      N  N N 406 
VAL CA     C  N S 407 
VAL C      C  N N 408 
VAL O      O  N N 409 
VAL CB     C  N N 410 
VAL CG1    C  N N 411 
VAL CG2    C  N N 412 
VAL OXT    O  N N 413 
VAL H      H  N N 414 
VAL H2     H  N N 415 
VAL HA     H  N N 416 
VAL HB     H  N N 417 
VAL HG11   H  N N 418 
VAL HG12   H  N N 419 
VAL HG13   H  N N 420 
VAL HG21   H  N N 421 
VAL HG22   H  N N 422 
VAL HG23   H  N N 423 
VAL HXT    H  N N 424 
# 
loop_
_chem_comp_bond.comp_id 
_chem_comp_bond.atom_id_1 
_chem_comp_bond.atom_id_2 
_chem_comp_bond.value_order 
_chem_comp_bond.pdbx_aromatic_flag 
_chem_comp_bond.pdbx_stereo_config 
_chem_comp_bond.pdbx_ordinal 
ALA N     CA     sing N N 1   
ALA N     H      sing N N 2   
ALA N     H2     sing N N 3   
ALA CA    C      sing N N 4   
ALA CA    CB     sing N N 5   
ALA CA    HA     sing N N 6   
ALA C     O      doub N N 7   
ALA C     OXT    sing N N 8   
ALA CB    HB1    sing N N 9   
ALA CB    HB2    sing N N 10  
ALA CB    HB3    sing N N 11  
ALA OXT   HXT    sing N N 12  
ARG N     CA     sing N N 13  
ARG N     H      sing N N 14  
ARG N     H2     sing N N 15  
ARG CA    C      sing N N 16  
ARG CA    CB     sing N N 17  
ARG CA    HA     sing N N 18  
ARG C     O      doub N N 19  
ARG C     OXT    sing N N 20  
ARG CB    CG     sing N N 21  
ARG CB    HB2    sing N N 22  
ARG CB    HB3    sing N N 23  
ARG CG    CD     sing N N 24  
ARG CG    HG2    sing N N 25  
ARG CG    HG3    sing N N 26  
ARG CD    NE     sing N N 27  
ARG CD    HD2    sing N N 28  
ARG CD    HD3    sing N N 29  
ARG NE    CZ     sing N N 30  
ARG NE    HE     sing N N 31  
ARG CZ    NH1    sing N N 32  
ARG CZ    NH2    doub N N 33  
ARG NH1   HH11   sing N N 34  
ARG NH1   HH12   sing N N 35  
ARG NH2   HH21   sing N N 36  
ARG NH2   HH22   sing N N 37  
ARG OXT   HXT    sing N N 38  
ASN N     CA     sing N N 39  
ASN N     H      sing N N 40  
ASN N     H2     sing N N 41  
ASN CA    C      sing N N 42  
ASN CA    CB     sing N N 43  
ASN CA    HA     sing N N 44  
ASN C     O      doub N N 45  
ASN C     OXT    sing N N 46  
ASN CB    CG     sing N N 47  
ASN CB    HB2    sing N N 48  
ASN CB    HB3    sing N N 49  
ASN CG    OD1    doub N N 50  
ASN CG    ND2    sing N N 51  
ASN ND2   HD21   sing N N 52  
ASN ND2   HD22   sing N N 53  
ASN OXT   HXT    sing N N 54  
ASP N     CA     sing N N 55  
ASP N     H      sing N N 56  
ASP N     H2     sing N N 57  
ASP CA    C      sing N N 58  
ASP CA    CB     sing N N 59  
ASP CA    HA     sing N N 60  
ASP C     O      doub N N 61  
ASP C     OXT    sing N N 62  
ASP CB    CG     sing N N 63  
ASP CB    HB2    sing N N 64  
ASP CB    HB3    sing N N 65  
ASP CG    OD1    doub N N 66  
ASP CG    OD2    sing N N 67  
ASP OD2   HD2    sing N N 68  
ASP OXT   HXT    sing N N 69  
CYS N     CA     sing N N 70  
CYS N     H      sing N N 71  
CYS N     H2     sing N N 72  
CYS CA    C      sing N N 73  
CYS CA    CB     sing N N 74  
CYS CA    HA     sing N N 75  
CYS C     O      doub N N 76  
CYS C     OXT    sing N N 77  
CYS CB    SG     sing N N 78  
CYS CB    HB2    sing N N 79  
CYS CB    HB3    sing N N 80  
CYS SG    HG     sing N N 81  
CYS OXT   HXT    sing N N 82  
FMN N1    C2     sing N N 83  
FMN N1    C10    doub N N 84  
FMN C2    O2     doub N N 85  
FMN C2    N3     sing N N 86  
FMN N3    C4     sing N N 87  
FMN N3    HN3    sing N N 88  
FMN C4    O4     doub N N 89  
FMN C4    C4A    sing N N 90  
FMN C4A   N5     doub N N 91  
FMN C4A   C10    sing N N 92  
FMN N5    C5A    sing N N 93  
FMN C5A   C6     doub Y N 94  
FMN C5A   C9A    sing Y N 95  
FMN C6    C7     sing Y N 96  
FMN C6    H6     sing N N 97  
FMN C7    C7M    sing N N 98  
FMN C7    C8     doub Y N 99  
FMN C7M   HM71   sing N N 100 
FMN C7M   HM72   sing N N 101 
FMN C7M   HM73   sing N N 102 
FMN C8    C8M    sing N N 103 
FMN C8    C9     sing Y N 104 
FMN C8M   HM81   sing N N 105 
FMN C8M   HM82   sing N N 106 
FMN C8M   HM83   sing N N 107 
FMN C9    C9A    doub Y N 108 
FMN C9    H9     sing N N 109 
FMN C9A   N10    sing N N 110 
FMN N10   C10    sing N N 111 
FMN N10   "C1'"  sing N N 112 
FMN "C1'" "C2'"  sing N N 113 
FMN "C1'" "H1'1" sing N N 114 
FMN "C1'" "H1'2" sing N N 115 
FMN "C2'" "O2'"  sing N N 116 
FMN "C2'" "C3'"  sing N N 117 
FMN "C2'" "H2'"  sing N N 118 
FMN "O2'" "HO2'" sing N N 119 
FMN "C3'" "O3'"  sing N N 120 
FMN "C3'" "C4'"  sing N N 121 
FMN "C3'" "H3'"  sing N N 122 
FMN "O3'" "HO3'" sing N N 123 
FMN "C4'" "O4'"  sing N N 124 
FMN "C4'" "C5'"  sing N N 125 
FMN "C4'" "H4'"  sing N N 126 
FMN "O4'" "HO4'" sing N N 127 
FMN "C5'" "O5'"  sing N N 128 
FMN "C5'" "H5'1" sing N N 129 
FMN "C5'" "H5'2" sing N N 130 
FMN "O5'" P      sing N N 131 
FMN P     O1P    doub N N 132 
FMN P     O2P    sing N N 133 
FMN P     O3P    sing N N 134 
FMN O2P   HOP2   sing N N 135 
FMN O3P   HOP3   sing N N 136 
GLN N     CA     sing N N 137 
GLN N     H      sing N N 138 
GLN N     H2     sing N N 139 
GLN CA    C      sing N N 140 
GLN CA    CB     sing N N 141 
GLN CA    HA     sing N N 142 
GLN C     O      doub N N 143 
GLN C     OXT    sing N N 144 
GLN CB    CG     sing N N 145 
GLN CB    HB2    sing N N 146 
GLN CB    HB3    sing N N 147 
GLN CG    CD     sing N N 148 
GLN CG    HG2    sing N N 149 
GLN CG    HG3    sing N N 150 
GLN CD    OE1    doub N N 151 
GLN CD    NE2    sing N N 152 
GLN NE2   HE21   sing N N 153 
GLN NE2   HE22   sing N N 154 
GLN OXT   HXT    sing N N 155 
GLU N     CA     sing N N 156 
GLU N     H      sing N N 157 
GLU N     H2     sing N N 158 
GLU CA    C      sing N N 159 
GLU CA    CB     sing N N 160 
GLU CA    HA     sing N N 161 
GLU C     O      doub N N 162 
GLU C     OXT    sing N N 163 
GLU CB    CG     sing N N 164 
GLU CB    HB2    sing N N 165 
GLU CB    HB3    sing N N 166 
GLU CG    CD     sing N N 167 
GLU CG    HG2    sing N N 168 
GLU CG    HG3    sing N N 169 
GLU CD    OE1    doub N N 170 
GLU CD    OE2    sing N N 171 
GLU OE2   HE2    sing N N 172 
GLU OXT   HXT    sing N N 173 
GLY N     CA     sing N N 174 
GLY N     H      sing N N 175 
GLY N     H2     sing N N 176 
GLY CA    C      sing N N 177 
GLY CA    HA2    sing N N 178 
GLY CA    HA3    sing N N 179 
GLY C     O      doub N N 180 
GLY C     OXT    sing N N 181 
GLY OXT   HXT    sing N N 182 
HIS N     CA     sing N N 183 
HIS N     H      sing N N 184 
HIS N     H2     sing N N 185 
HIS CA    C      sing N N 186 
HIS CA    CB     sing N N 187 
HIS CA    HA     sing N N 188 
HIS C     O      doub N N 189 
HIS C     OXT    sing N N 190 
HIS CB    CG     sing N N 191 
HIS CB    HB2    sing N N 192 
HIS CB    HB3    sing N N 193 
HIS CG    ND1    sing Y N 194 
HIS CG    CD2    doub Y N 195 
HIS ND1   CE1    doub Y N 196 
HIS ND1   HD1    sing N N 197 
HIS CD2   NE2    sing Y N 198 
HIS CD2   HD2    sing N N 199 
HIS CE1   NE2    sing Y N 200 
HIS CE1   HE1    sing N N 201 
HIS NE2   HE2    sing N N 202 
HIS OXT   HXT    sing N N 203 
HOH O     H1     sing N N 204 
HOH O     H2     sing N N 205 
ILE N     CA     sing N N 206 
ILE N     H      sing N N 207 
ILE N     H2     sing N N 208 
ILE CA    C      sing N N 209 
ILE CA    CB     sing N N 210 
ILE CA    HA     sing N N 211 
ILE C     O      doub N N 212 
ILE C     OXT    sing N N 213 
ILE CB    CG1    sing N N 214 
ILE CB    CG2    sing N N 215 
ILE CB    HB     sing N N 216 
ILE CG1   CD1    sing N N 217 
ILE CG1   HG12   sing N N 218 
ILE CG1   HG13   sing N N 219 
ILE CG2   HG21   sing N N 220 
ILE CG2   HG22   sing N N 221 
ILE CG2   HG23   sing N N 222 
ILE CD1   HD11   sing N N 223 
ILE CD1   HD12   sing N N 224 
ILE CD1   HD13   sing N N 225 
ILE OXT   HXT    sing N N 226 
LEU N     CA     sing N N 227 
LEU N     H      sing N N 228 
LEU N     H2     sing N N 229 
LEU CA    C      sing N N 230 
LEU CA    CB     sing N N 231 
LEU CA    HA     sing N N 232 
LEU C     O      doub N N 233 
LEU C     OXT    sing N N 234 
LEU CB    CG     sing N N 235 
LEU CB    HB2    sing N N 236 
LEU CB    HB3    sing N N 237 
LEU CG    CD1    sing N N 238 
LEU CG    CD2    sing N N 239 
LEU CG    HG     sing N N 240 
LEU CD1   HD11   sing N N 241 
LEU CD1   HD12   sing N N 242 
LEU CD1   HD13   sing N N 243 
LEU CD2   HD21   sing N N 244 
LEU CD2   HD22   sing N N 245 
LEU CD2   HD23   sing N N 246 
LEU OXT   HXT    sing N N 247 
LYS N     CA     sing N N 248 
LYS N     H      sing N N 249 
LYS N     H2     sing N N 250 
LYS CA    C      sing N N 251 
LYS CA    CB     sing N N 252 
LYS CA    HA     sing N N 253 
LYS C     O      doub N N 254 
LYS C     OXT    sing N N 255 
LYS CB    CG     sing N N 256 
LYS CB    HB2    sing N N 257 
LYS CB    HB3    sing N N 258 
LYS CG    CD     sing N N 259 
LYS CG    HG2    sing N N 260 
LYS CG    HG3    sing N N 261 
LYS CD    CE     sing N N 262 
LYS CD    HD2    sing N N 263 
LYS CD    HD3    sing N N 264 
LYS CE    NZ     sing N N 265 
LYS CE    HE2    sing N N 266 
LYS CE    HE3    sing N N 267 
LYS NZ    HZ1    sing N N 268 
LYS NZ    HZ2    sing N N 269 
LYS NZ    HZ3    sing N N 270 
LYS OXT   HXT    sing N N 271 
MET N     CA     sing N N 272 
MET N     H      sing N N 273 
MET N     H2     sing N N 274 
MET CA    C      sing N N 275 
MET CA    CB     sing N N 276 
MET CA    HA     sing N N 277 
MET C     O      doub N N 278 
MET C     OXT    sing N N 279 
MET CB    CG     sing N N 280 
MET CB    HB2    sing N N 281 
MET CB    HB3    sing N N 282 
MET CG    SD     sing N N 283 
MET CG    HG2    sing N N 284 
MET CG    HG3    sing N N 285 
MET SD    CE     sing N N 286 
MET CE    HE1    sing N N 287 
MET CE    HE2    sing N N 288 
MET CE    HE3    sing N N 289 
MET OXT   HXT    sing N N 290 
PHE N     CA     sing N N 291 
PHE N     H      sing N N 292 
PHE N     H2     sing N N 293 
PHE CA    C      sing N N 294 
PHE CA    CB     sing N N 295 
PHE CA    HA     sing N N 296 
PHE C     O      doub N N 297 
PHE C     OXT    sing N N 298 
PHE CB    CG     sing N N 299 
PHE CB    HB2    sing N N 300 
PHE CB    HB3    sing N N 301 
PHE CG    CD1    doub Y N 302 
PHE CG    CD2    sing Y N 303 
PHE CD1   CE1    sing Y N 304 
PHE CD1   HD1    sing N N 305 
PHE CD2   CE2    doub Y N 306 
PHE CD2   HD2    sing N N 307 
PHE CE1   CZ     doub Y N 308 
PHE CE1   HE1    sing N N 309 
PHE CE2   CZ     sing Y N 310 
PHE CE2   HE2    sing N N 311 
PHE CZ    HZ     sing N N 312 
PHE OXT   HXT    sing N N 313 
PRO N     CA     sing N N 314 
PRO N     CD     sing N N 315 
PRO N     H      sing N N 316 
PRO CA    C      sing N N 317 
PRO CA    CB     sing N N 318 
PRO CA    HA     sing N N 319 
PRO C     O      doub N N 320 
PRO C     OXT    sing N N 321 
PRO CB    CG     sing N N 322 
PRO CB    HB2    sing N N 323 
PRO CB    HB3    sing N N 324 
PRO CG    CD     sing N N 325 
PRO CG    HG2    sing N N 326 
PRO CG    HG3    sing N N 327 
PRO CD    HD2    sing N N 328 
PRO CD    HD3    sing N N 329 
PRO OXT   HXT    sing N N 330 
SER N     CA     sing N N 331 
SER N     H      sing N N 332 
SER N     H2     sing N N 333 
SER CA    C      sing N N 334 
SER CA    CB     sing N N 335 
SER CA    HA     sing N N 336 
SER C     O      doub N N 337 
SER C     OXT    sing N N 338 
SER CB    OG     sing N N 339 
SER CB    HB2    sing N N 340 
SER CB    HB3    sing N N 341 
SER OG    HG     sing N N 342 
SER OXT   HXT    sing N N 343 
SO4 S     O1     doub N N 344 
SO4 S     O2     doub N N 345 
SO4 S     O3     sing N N 346 
SO4 S     O4     sing N N 347 
THR N     CA     sing N N 348 
THR N     H      sing N N 349 
THR N     H2     sing N N 350 
THR CA    C      sing N N 351 
THR CA    CB     sing N N 352 
THR CA    HA     sing N N 353 
THR C     O      doub N N 354 
THR C     OXT    sing N N 355 
THR CB    OG1    sing N N 356 
THR CB    CG2    sing N N 357 
THR CB    HB     sing N N 358 
THR OG1   HG1    sing N N 359 
THR CG2   HG21   sing N N 360 
THR CG2   HG22   sing N N 361 
THR CG2   HG23   sing N N 362 
THR OXT   HXT    sing N N 363 
TRP N     CA     sing N N 364 
TRP N     H      sing N N 365 
TRP N     H2     sing N N 366 
TRP CA    C      sing N N 367 
TRP CA    CB     sing N N 368 
TRP CA    HA     sing N N 369 
TRP C     O      doub N N 370 
TRP C     OXT    sing N N 371 
TRP CB    CG     sing N N 372 
TRP CB    HB2    sing N N 373 
TRP CB    HB3    sing N N 374 
TRP CG    CD1    doub Y N 375 
TRP CG    CD2    sing Y N 376 
TRP CD1   NE1    sing Y N 377 
TRP CD1   HD1    sing N N 378 
TRP CD2   CE2    doub Y N 379 
TRP CD2   CE3    sing Y N 380 
TRP NE1   CE2    sing Y N 381 
TRP NE1   HE1    sing N N 382 
TRP CE2   CZ2    sing Y N 383 
TRP CE3   CZ3    doub Y N 384 
TRP CE3   HE3    sing N N 385 
TRP CZ2   CH2    doub Y N 386 
TRP CZ2   HZ2    sing N N 387 
TRP CZ3   CH2    sing Y N 388 
TRP CZ3   HZ3    sing N N 389 
TRP CH2   HH2    sing N N 390 
TRP OXT   HXT    sing N N 391 
VAL N     CA     sing N N 392 
VAL N     H      sing N N 393 
VAL N     H2     sing N N 394 
VAL CA    C      sing N N 395 
VAL CA    CB     sing N N 396 
VAL CA    HA     sing N N 397 
VAL C     O      doub N N 398 
VAL C     OXT    sing N N 399 
VAL CB    CG1    sing N N 400 
VAL CB    CG2    sing N N 401 
VAL CB    HB     sing N N 402 
VAL CG1   HG11   sing N N 403 
VAL CG1   HG12   sing N N 404 
VAL CG1   HG13   sing N N 405 
VAL CG2   HG21   sing N N 406 
VAL CG2   HG22   sing N N 407 
VAL CG2   HG23   sing N N 408 
VAL OXT   HXT    sing N N 409 
# 
_atom_sites.entry_id                    1EJE 
_atom_sites.fract_transf_matrix[1][1]   0.00253119 
_atom_sites.fract_transf_matrix[1][2]   -0.00945241 
_atom_sites.fract_transf_matrix[1][3]   0.00398300 
_atom_sites.fract_transf_matrix[2][1]   -0.00910452 
_atom_sites.fract_transf_matrix[2][2]   -0.00395997 
_atom_sites.fract_transf_matrix[2][3]   -0.00361186 
_atom_sites.fract_transf_matrix[3][1]   0.00984948 
_atom_sites.fract_transf_matrix[3][2]   -0.00535183 
_atom_sites.fract_transf_matrix[3][3]   -0.01896023 
_atom_sites.fract_transf_vector[1]      0.317884 
_atom_sites.fract_transf_vector[2]      0.395181 
_atom_sites.fract_transf_vector[3]      0.639961 
# 
loop_
_atom_type.symbol 
C  
N  
NI 
O  
P  
S  
# 
loop_
_atom_site.group_PDB 
_atom_site.id 
_atom_site.type_symbol 
_atom_site.label_atom_id 
_atom_site.label_alt_id 
_atom_site.label_comp_id 
_atom_site.label_asym_id 
_atom_site.label_entity_id 
_atom_site.label_seq_id 
_atom_site.pdbx_PDB_ins_code 
_atom_site.Cartn_x 
_atom_site.Cartn_y 
_atom_site.Cartn_z 
_atom_site.occupancy 
_atom_site.B_iso_or_equiv 
_atom_site.pdbx_formal_charge 
_atom_site.auth_seq_id 
_atom_site.auth_comp_id 
_atom_site.auth_asym_id 
_atom_site.auth_atom_id 
_atom_site.pdbx_PDB_model_num 
ATOM   1    N  N     . GLY A 1 1   ? 13.241  -7.752  39.041  1.00 26.12 ? 1    GLY A N     1 
ATOM   2    C  CA    . GLY A 1 1   ? 12.182  -7.699  37.993  1.00 23.30 ? 1    GLY A CA    1 
ATOM   3    C  C     . GLY A 1 1   ? 11.009  -8.576  38.385  1.00 25.07 ? 1    GLY A C     1 
ATOM   4    O  O     . GLY A 1 1   ? 11.054  -9.216  39.431  1.00 26.88 ? 1    GLY A O     1 
ATOM   5    N  N     . SER A 1 2   ? 9.956   -8.596  37.573  1.00 22.48 ? 2    SER A N     1 
ATOM   6    C  CA    . SER A 1 2   ? 8.805   -9.434  37.877  1.00 25.55 ? 2    SER A CA    1 
ATOM   7    C  C     . SER A 1 2   ? 9.221   -10.877 37.594  1.00 26.03 ? 2    SER A C     1 
ATOM   8    O  O     . SER A 1 2   ? 10.083  -11.121 36.749  1.00 22.51 ? 2    SER A O     1 
ATOM   9    C  CB    . SER A 1 2   ? 7.619   -9.071  36.986  1.00 27.30 ? 2    SER A CB    1 
ATOM   10   O  OG    . SER A 1 2   ? 7.806   -9.564  35.667  1.00 30.85 ? 2    SER A OG    1 
ATOM   11   N  N     . GLN A 1 3   ? 8.616   -11.827 38.298  1.00 24.71 ? 3    GLN A N     1 
ATOM   12   C  CA    . GLN A 1 3   ? 8.944   -13.229 38.092  1.00 31.75 ? 3    GLN A CA    1 
ATOM   13   C  C     . GLN A 1 3   ? 8.874   -13.621 36.621  1.00 32.94 ? 3    GLN A C     1 
ATOM   14   O  O     . GLN A 1 3   ? 9.706   -14.390 36.136  1.00 34.75 ? 3    GLN A O     1 
ATOM   15   C  CB    . GLN A 1 3   ? 8.010   -14.122 38.905  1.00 32.55 ? 3    GLN A CB    1 
ATOM   16   C  CG    . GLN A 1 3   ? 8.340   -14.147 40.379  1.00 39.45 ? 3    GLN A CG    1 
ATOM   17   C  CD    . GLN A 1 3   ? 7.612   -15.247 41.118  1.00 43.00 ? 3    GLN A CD    1 
ATOM   18   O  OE1   . GLN A 1 3   ? 7.873   -15.490 42.293  1.00 47.59 ? 3    GLN A OE1   1 
ATOM   19   N  NE2   . GLN A 1 3   ? 6.691   -15.918 40.436  1.00 46.27 ? 3    GLN A NE2   1 
ATOM   20   N  N     . ALA A 1 4   ? 7.880   -13.094 35.914  1.00 30.60 ? 4    ALA A N     1 
ATOM   21   C  CA    . ALA A 1 4   ? 7.722   -13.390 34.497  1.00 28.37 ? 4    ALA A CA    1 
ATOM   22   C  C     . ALA A 1 4   ? 8.943   -12.896 33.736  1.00 25.74 ? 4    ALA A C     1 
ATOM   23   O  O     . ALA A 1 4   ? 9.486   -13.600 32.886  1.00 29.02 ? 4    ALA A O     1 
ATOM   24   C  CB    . ALA A 1 4   ? 6.459   -12.716 33.952  1.00 29.29 ? 4    ALA A CB    1 
ATOM   25   N  N     . ALA A 1 5   ? 9.368   -11.678 34.048  1.00 22.17 ? 5    ALA A N     1 
ATOM   26   C  CA    . ALA A 1 5   ? 10.523  -11.078 33.397  1.00 23.91 ? 5    ALA A CA    1 
ATOM   27   C  C     . ALA A 1 5   ? 11.779  -11.887 33.679  1.00 26.29 ? 5    ALA A C     1 
ATOM   28   O  O     . ALA A 1 5   ? 12.635  -12.050 32.814  1.00 27.43 ? 5    ALA A O     1 
ATOM   29   C  CB    . ALA A 1 5   ? 10.708  -9.651  33.882  1.00 18.78 ? 5    ALA A CB    1 
ATOM   30   N  N     . HIS A 1 6   ? 11.880  -12.391 34.902  1.00 30.30 ? 6    HIS A N     1 
ATOM   31   C  CA    . HIS A 1 6   ? 13.028  -13.176 35.312  1.00 28.93 ? 6    HIS A CA    1 
ATOM   32   C  C     . HIS A 1 6   ? 13.184  -14.488 34.560  1.00 29.10 ? 6    HIS A C     1 
ATOM   33   O  O     . HIS A 1 6   ? 14.296  -14.842 34.174  1.00 33.55 ? 6    HIS A O     1 
ATOM   34   C  CB    . HIS A 1 6   ? 12.972  -13.445 36.818  1.00 24.83 ? 6    HIS A CB    1 
ATOM   35   C  CG    . HIS A 1 6   ? 13.382  -12.272 37.649  1.00 22.94 ? 6    HIS A CG    1 
ATOM   36   N  ND1   . HIS A 1 6   ? 14.619  -11.676 37.531  1.00 22.74 ? 6    HIS A ND1   1 
ATOM   37   C  CD2   . HIS A 1 6   ? 12.722  -11.582 38.610  1.00 19.73 ? 6    HIS A CD2   1 
ATOM   38   C  CE1   . HIS A 1 6   ? 14.703  -10.669 38.383  1.00 19.53 ? 6    HIS A CE1   1 
ATOM   39   N  NE2   . HIS A 1 6   ? 13.565  -10.591 39.048  1.00 22.41 ? 6    HIS A NE2   1 
ATOM   40   N  N     . MET A 1 7   ? 12.089  -15.206 34.331  1.00 32.07 ? 7    MET A N     1 
ATOM   41   C  CA    . MET A 1 7   ? 12.197  -16.482 33.630  1.00 37.03 ? 7    MET A CA    1 
ATOM   42   C  C     . MET A 1 7   ? 12.308  -16.361 32.116  1.00 36.80 ? 7    MET A C     1 
ATOM   43   O  O     . MET A 1 7   ? 12.502  -17.357 31.433  1.00 39.09 ? 7    MET A O     1 
ATOM   44   C  CB    . MET A 1 7   ? 11.034  -17.409 33.983  1.00 38.41 ? 7    MET A CB    1 
ATOM   45   C  CG    . MET A 1 7   ? 9.731   -17.082 33.313  1.00 39.72 ? 7    MET A CG    1 
ATOM   46   S  SD    . MET A 1 7   ? 8.604   -18.471 33.458  1.00 45.22 ? 7    MET A SD    1 
ATOM   47   C  CE    . MET A 1 7   ? 7.847   -18.133 35.053  1.00 47.75 ? 7    MET A CE    1 
ATOM   48   N  N     . MET A 1 8   ? 12.189  -15.150 31.591  1.00 38.24 ? 8    MET A N     1 
ATOM   49   C  CA    . MET A 1 8   ? 12.305  -14.954 30.154  1.00 39.48 ? 8    MET A CA    1 
ATOM   50   C  C     . MET A 1 8   ? 13.622  -14.270 29.858  1.00 38.61 ? 8    MET A C     1 
ATOM   51   O  O     . MET A 1 8   ? 13.989  -14.070 28.702  1.00 37.57 ? 8    MET A O     1 
ATOM   52   C  CB    . MET A 1 8   ? 11.153  -14.098 29.630  1.00 44.41 ? 8    MET A CB    1 
ATOM   53   C  CG    . MET A 1 8   ? 9.806   -14.800 29.608  1.00 50.49 ? 8    MET A CG    1 
ATOM   54   S  SD    . MET A 1 8   ? 9.794   -16.239 28.515  1.00 58.83 ? 8    MET A SD    1 
ATOM   55   C  CE    . MET A 1 8   ? 9.558   -17.563 29.704  1.00 55.58 ? 8    MET A CE    1 
ATOM   56   N  N     . SER A 1 9   ? 14.333  -13.922 30.922  1.00 39.63 ? 9    SER A N     1 
ATOM   57   C  CA    . SER A 1 9   ? 15.617  -13.238 30.822  1.00 41.44 ? 9    SER A CA    1 
ATOM   58   C  C     . SER A 1 9   ? 16.577  -13.876 29.827  1.00 42.02 ? 9    SER A C     1 
ATOM   59   O  O     . SER A 1 9   ? 17.568  -13.260 29.442  1.00 44.28 ? 9    SER A O     1 
ATOM   60   C  CB    . SER A 1 9   ? 16.282  -13.181 32.199  1.00 42.49 ? 9    SER A CB    1 
ATOM   61   O  OG    . SER A 1 9   ? 16.425  -14.482 32.748  1.00 41.37 ? 9    SER A OG    1 
ATOM   62   N  N     . MET A 1 10  ? 16.292  -15.106 29.416  1.00 41.39 ? 10   MET A N     1 
ATOM   63   C  CA    . MET A 1 10  ? 17.155  -15.802 28.470  1.00 41.73 ? 10   MET A CA    1 
ATOM   64   C  C     . MET A 1 10  ? 16.414  -16.223 27.213  1.00 40.52 ? 10   MET A C     1 
ATOM   65   O  O     . MET A 1 10  ? 17.008  -16.777 26.289  1.00 41.47 ? 10   MET A O     1 
ATOM   66   C  CB    . MET A 1 10  ? 17.767  -17.041 29.131  1.00 43.48 ? 10   MET A CB    1 
ATOM   67   C  CG    . MET A 1 10  ? 18.759  -16.740 30.248  1.00 41.13 ? 10   MET A CG    1 
ATOM   68   S  SD    . MET A 1 10  ? 19.412  -18.249 30.994  1.00 39.94 ? 10   MET A SD    1 
ATOM   69   C  CE    . MET A 1 10  ? 20.665  -18.710 29.802  1.00 41.32 ? 10   MET A CE    1 
ATOM   70   N  N     . ASP A 1 11  ? 15.118  -15.945 27.171  1.00 41.38 ? 11   ASP A N     1 
ATOM   71   C  CA    . ASP A 1 11  ? 14.300  -16.332 26.031  1.00 43.40 ? 11   ASP A CA    1 
ATOM   72   C  C     . ASP A 1 11  ? 14.385  -15.385 24.836  1.00 41.25 ? 11   ASP A C     1 
ATOM   73   O  O     . ASP A 1 11  ? 13.769  -15.633 23.804  1.00 44.10 ? 11   ASP A O     1 
ATOM   74   C  CB    . ASP A 1 11  ? 12.845  -16.466 26.478  1.00 47.53 ? 11   ASP A CB    1 
ATOM   75   C  CG    . ASP A 1 11  ? 12.029  -17.330 25.545  1.00 53.09 ? 11   ASP A CG    1 
ATOM   76   O  OD1   . ASP A 1 11  ? 11.787  -16.906 24.395  1.00 53.33 ? 11   ASP A OD1   1 
ATOM   77   O  OD2   . ASP A 1 11  ? 11.635  -18.442 25.965  1.00 57.82 ? 11   ASP A OD2   1 
ATOM   78   N  N     . PHE A 1 12  ? 15.158  -14.312 24.965  1.00 39.46 ? 12   PHE A N     1 
ATOM   79   C  CA    . PHE A 1 12  ? 15.286  -13.337 23.886  1.00 37.25 ? 12   PHE A CA    1 
ATOM   80   C  C     . PHE A 1 12  ? 16.606  -13.392 23.134  1.00 35.29 ? 12   PHE A C     1 
ATOM   81   O  O     . PHE A 1 12  ? 17.651  -13.702 23.706  1.00 33.53 ? 12   PHE A O     1 
ATOM   82   C  CB    . PHE A 1 12  ? 15.067  -11.931 24.440  1.00 39.43 ? 12   PHE A CB    1 
ATOM   83   C  CG    . PHE A 1 12  ? 13.668  -11.687 24.909  1.00 43.04 ? 12   PHE A CG    1 
ATOM   84   C  CD1   . PHE A 1 12  ? 13.407  -10.762 25.910  1.00 43.54 ? 12   PHE A CD1   1 
ATOM   85   C  CD2   . PHE A 1 12  ? 12.602  -12.381 24.339  1.00 45.14 ? 12   PHE A CD2   1 
ATOM   86   C  CE1   . PHE A 1 12  ? 12.102  -10.528 26.341  1.00 46.61 ? 12   PHE A CE1   1 
ATOM   87   C  CE2   . PHE A 1 12  ? 11.296  -12.156 24.759  1.00 49.10 ? 12   PHE A CE2   1 
ATOM   88   C  CZ    . PHE A 1 12  ? 11.046  -11.224 25.767  1.00 48.64 ? 12   PHE A CZ    1 
ATOM   89   N  N     . GLU A 1 13  ? 16.543  -13.086 21.843  1.00 30.76 ? 13   GLU A N     1 
ATOM   90   C  CA    . GLU A 1 13  ? 17.725  -13.094 20.996  1.00 30.46 ? 13   GLU A CA    1 
ATOM   91   C  C     . GLU A 1 13  ? 17.883  -11.757 20.306  1.00 31.36 ? 13   GLU A C     1 
ATOM   92   O  O     . GLU A 1 13  ? 16.896  -11.100 19.966  1.00 32.51 ? 13   GLU A O     1 
ATOM   93   C  CB    . GLU A 1 13  ? 17.609  -14.162 19.918  1.00 30.99 ? 13   GLU A CB    1 
ATOM   94   C  CG    . GLU A 1 13  ? 17.515  -15.573 20.417  1.00 37.15 ? 13   GLU A CG    1 
ATOM   95   C  CD    . GLU A 1 13  ? 16.931  -16.481 19.365  1.00 40.17 ? 13   GLU A CD    1 
ATOM   96   O  OE1   . GLU A 1 13  ? 17.189  -16.233 18.167  1.00 38.71 ? 13   GLU A OE1   1 
ATOM   97   O  OE2   . GLU A 1 13  ? 16.218  -17.440 19.733  1.00 44.35 ? 13   GLU A OE2   1 
ATOM   98   N  N     . ASP A 1 14  ? 19.129  -11.353 20.096  1.00 32.37 ? 14   ASP A N     1 
ATOM   99   C  CA    . ASP A 1 14  ? 19.389  -10.110 19.398  1.00 32.09 ? 14   ASP A CA    1 
ATOM   100  C  C     . ASP A 1 14  ? 18.920  -10.393 17.974  1.00 32.00 ? 14   ASP A C     1 
ATOM   101  O  O     . ASP A 1 14  ? 18.964  -11.539 17.519  1.00 29.22 ? 14   ASP A O     1 
ATOM   102  C  CB    . ASP A 1 14  ? 20.885  -9.794  19.394  1.00 32.33 ? 14   ASP A CB    1 
ATOM   103  C  CG    . ASP A 1 14  ? 21.191  -8.443  18.778  1.00 35.92 ? 14   ASP A CG    1 
ATOM   104  O  OD1   . ASP A 1 14  ? 22.146  -8.353  17.978  1.00 36.82 ? 14   ASP A OD1   1 
ATOM   105  O  OD2   . ASP A 1 14  ? 20.478  -7.468  19.098  1.00 34.85 ? 14   ASP A OD2   1 
ATOM   106  N  N     . PHE A 1 15  ? 18.450  -9.362  17.286  1.00 31.10 ? 15   PHE A N     1 
ATOM   107  C  CA    . PHE A 1 15  ? 17.988  -9.512  15.911  1.00 30.81 ? 15   PHE A CA    1 
ATOM   108  C  C     . PHE A 1 15  ? 18.523  -8.320  15.122  1.00 28.60 ? 15   PHE A C     1 
ATOM   109  O  O     . PHE A 1 15  ? 18.497  -7.188  15.601  1.00 29.58 ? 15   PHE A O     1 
ATOM   110  C  CB    . PHE A 1 15  ? 16.461  -9.527  15.863  1.00 29.35 ? 15   PHE A CB    1 
ATOM   111  C  CG    . PHE A 1 15  ? 15.901  -9.944  14.541  1.00 31.38 ? 15   PHE A CG    1 
ATOM   112  C  CD1   . PHE A 1 15  ? 15.873  -11.289 14.177  1.00 32.73 ? 15   PHE A CD1   1 
ATOM   113  C  CD2   . PHE A 1 15  ? 15.386  -9.000  13.659  1.00 32.53 ? 15   PHE A CD2   1 
ATOM   114  C  CE1   . PHE A 1 15  ? 15.335  -11.688 12.952  1.00 33.98 ? 15   PHE A CE1   1 
ATOM   115  C  CE2   . PHE A 1 15  ? 14.845  -9.389  12.431  1.00 33.75 ? 15   PHE A CE2   1 
ATOM   116  C  CZ    . PHE A 1 15  ? 14.821  -10.738 12.079  1.00 32.14 ? 15   PHE A CZ    1 
ATOM   117  N  N     . PRO A 1 16  ? 19.024  -8.560  13.904  1.00 27.61 ? 16   PRO A N     1 
ATOM   118  C  CA    . PRO A 1 16  ? 19.567  -7.491  13.065  1.00 27.40 ? 16   PRO A CA    1 
ATOM   119  C  C     . PRO A 1 16  ? 18.624  -6.307  12.928  1.00 29.10 ? 16   PRO A C     1 
ATOM   120  O  O     . PRO A 1 16  ? 17.454  -6.474  12.587  1.00 31.16 ? 16   PRO A O     1 
ATOM   121  C  CB    . PRO A 1 16  ? 19.804  -8.193  11.735  1.00 28.39 ? 16   PRO A CB    1 
ATOM   122  C  CG    . PRO A 1 16  ? 20.157  -9.570  12.154  1.00 24.54 ? 16   PRO A CG    1 
ATOM   123  C  CD    . PRO A 1 16  ? 19.143  -9.864  13.230  1.00 26.36 ? 16   PRO A CD    1 
ATOM   124  N  N     . VAL A 1 17  ? 19.137  -5.110  13.185  1.00 28.44 ? 17   VAL A N     1 
ATOM   125  C  CA    . VAL A 1 17  ? 18.328  -3.901  13.083  1.00 28.32 ? 17   VAL A CA    1 
ATOM   126  C  C     . VAL A 1 17  ? 17.950  -3.595  11.633  1.00 31.28 ? 17   VAL A C     1 
ATOM   127  O  O     . VAL A 1 17  ? 16.941  -2.934  11.382  1.00 28.13 ? 17   VAL A O     1 
ATOM   128  C  CB    . VAL A 1 17  ? 19.064  -2.678  13.676  1.00 30.30 ? 17   VAL A CB    1 
ATOM   129  C  CG1   . VAL A 1 17  ? 19.179  -2.816  15.189  1.00 30.37 ? 17   VAL A CG1   1 
ATOM   130  C  CG2   . VAL A 1 17  ? 20.451  -2.553  13.049  1.00 30.28 ? 17   VAL A CG2   1 
ATOM   131  N  N     . GLU A 1 18  ? 18.755  -4.070  10.683  1.00 30.17 ? 18   GLU A N     1 
ATOM   132  C  CA    . GLU A 1 18  ? 18.457  -3.836  9.274   1.00 33.59 ? 18   GLU A CA    1 
ATOM   133  C  C     . GLU A 1 18  ? 17.395  -4.807  8.748   1.00 32.01 ? 18   GLU A C     1 
ATOM   134  O  O     . GLU A 1 18  ? 17.072  -4.816  7.562   1.00 29.96 ? 18   GLU A O     1 
ATOM   135  C  CB    . GLU A 1 18  ? 19.730  -3.914  8.419   1.00 37.06 ? 18   GLU A CB    1 
ATOM   136  C  CG    . GLU A 1 18  ? 20.737  -4.981  8.820   1.00 47.05 ? 18   GLU A CG    1 
ATOM   137  C  CD    . GLU A 1 18  ? 21.574  -4.580  10.022  1.00 47.32 ? 18   GLU A CD    1 
ATOM   138  O  OE1   . GLU A 1 18  ? 22.124  -3.456  10.023  1.00 49.15 ? 18   GLU A OE1   1 
ATOM   139  O  OE2   . GLU A 1 18  ? 21.691  -5.393  10.962  1.00 52.24 ? 18   GLU A OE2   1 
ATOM   140  N  N     . SER A 1 19  ? 16.849  -5.617  9.650   1.00 29.39 ? 19   SER A N     1 
ATOM   141  C  CA    . SER A 1 19  ? 15.798  -6.568  9.313   1.00 26.45 ? 19   SER A CA    1 
ATOM   142  C  C     . SER A 1 19  ? 14.572  -6.216  10.144  1.00 25.42 ? 19   SER A C     1 
ATOM   143  O  O     . SER A 1 19  ? 13.651  -7.020  10.295  1.00 24.91 ? 19   SER A O     1 
ATOM   144  C  CB    . SER A 1 19  ? 16.239  -8.001  9.622   1.00 26.02 ? 19   SER A CB    1 
ATOM   145  O  OG    . SER A 1 19  ? 17.158  -8.468  8.652   1.00 26.55 ? 19   SER A OG    1 
ATOM   146  N  N     . ALA A 1 20  ? 14.583  -4.996  10.677  1.00 26.40 ? 20   ALA A N     1 
ATOM   147  C  CA    . ALA A 1 20  ? 13.506  -4.474  11.514  1.00 24.77 ? 20   ALA A CA    1 
ATOM   148  C  C     . ALA A 1 20  ? 12.140  -4.520  10.842  1.00 23.89 ? 20   ALA A C     1 
ATOM   149  O  O     . ALA A 1 20  ? 11.140  -4.842  11.483  1.00 26.47 ? 20   ALA A O     1 
ATOM   150  C  CB    . ALA A 1 20  ? 13.827  -3.036  11.929  1.00 23.45 ? 20   ALA A CB    1 
ATOM   151  N  N     . HIS A 1 21  ? 12.090  -4.195  9.555   1.00 24.15 ? 21   HIS A N     1 
ATOM   152  C  CA    . HIS A 1 21  ? 10.814  -4.198  8.841   1.00 25.84 ? 21   HIS A CA    1 
ATOM   153  C  C     . HIS A 1 21  ? 10.193  -5.585  8.784   1.00 28.18 ? 21   HIS A C     1 
ATOM   154  O  O     . HIS A 1 21  ? 8.995   -5.729  8.546   1.00 31.53 ? 21   HIS A O     1 
ATOM   155  C  CB    . HIS A 1 21  ? 10.985  -3.660  7.421   1.00 23.04 ? 21   HIS A CB    1 
ATOM   156  C  CG    . HIS A 1 21  ? 11.899  -4.479  6.571   1.00 22.06 ? 21   HIS A CG    1 
ATOM   157  N  ND1   . HIS A 1 21  ? 13.246  -4.610  6.837   1.00 23.56 ? 21   HIS A ND1   1 
ATOM   158  C  CD2   . HIS A 1 21  ? 11.663  -5.206  5.453   1.00 21.94 ? 21   HIS A CD2   1 
ATOM   159  C  CE1   . HIS A 1 21  ? 13.800  -5.380  5.918   1.00 23.70 ? 21   HIS A CE1   1 
ATOM   160  N  NE2   . HIS A 1 21  ? 12.861  -5.755  5.066   1.00 25.47 ? 21   HIS A NE2   1 
ATOM   161  N  N     . ARG A 1 22  ? 11.010  -6.608  9.010   1.00 28.07 ? 22   ARG A N     1 
ATOM   162  C  CA    . ARG A 1 22  ? 10.525  -7.977  8.973   1.00 29.04 ? 22   ARG A CA    1 
ATOM   163  C  C     . ARG A 1 22  ? 9.852   -8.387  10.272  1.00 30.40 ? 22   ARG A C     1 
ATOM   164  O  O     . ARG A 1 22  ? 9.196   -9.427  10.339  1.00 34.40 ? 22   ARG A O     1 
ATOM   165  C  CB    . ARG A 1 22  ? 11.680  -8.913  8.640   1.00 30.35 ? 22   ARG A CB    1 
ATOM   166  C  CG    . ARG A 1 22  ? 12.239  -8.634  7.264   1.00 32.16 ? 22   ARG A CG    1 
ATOM   167  C  CD    . ARG A 1 22  ? 13.448  -9.480  6.927   1.00 31.42 ? 22   ARG A CD    1 
ATOM   168  N  NE    . ARG A 1 22  ? 13.838  -9.246  5.541   1.00 37.64 ? 22   ARG A NE    1 
ATOM   169  C  CZ    . ARG A 1 22  ? 15.006  -9.594  5.015   1.00 40.91 ? 22   ARG A CZ    1 
ATOM   170  N  NH1   . ARG A 1 22  ? 15.920  -10.203 5.762   1.00 44.30 ? 22   ARG A NH1   1 
ATOM   171  N  NH2   . ARG A 1 22  ? 15.267  -9.319  3.744   1.00 42.20 ? 22   ARG A NH2   1 
ATOM   172  N  N     . ILE A 1 23  ? 10.002  -7.558  11.300  1.00 30.02 ? 23   ILE A N     1 
ATOM   173  C  CA    . ILE A 1 23  ? 9.389   -7.827  12.594  1.00 28.38 ? 23   ILE A CA    1 
ATOM   174  C  C     . ILE A 1 23  ? 8.070   -7.073  12.653  1.00 27.39 ? 23   ILE A C     1 
ATOM   175  O  O     . ILE A 1 23  ? 7.116   -7.507  13.292  1.00 24.71 ? 23   ILE A O     1 
ATOM   176  C  CB    . ILE A 1 23  ? 10.325  -7.380  13.752  1.00 31.59 ? 23   ILE A CB    1 
ATOM   177  C  CG1   . ILE A 1 23  ? 11.419  -8.430  13.948  1.00 31.77 ? 23   ILE A CG1   1 
ATOM   178  C  CG2   . ILE A 1 23  ? 9.534   -7.175  15.047  1.00 31.89 ? 23   ILE A CG2   1 
ATOM   179  C  CD1   . ILE A 1 23  ? 12.462  -8.027  14.952  1.00 39.20 ? 23   ILE A CD1   1 
ATOM   180  N  N     . LEU A 1 24  ? 8.023   -5.938  11.966  1.00 26.42 ? 24   LEU A N     1 
ATOM   181  C  CA    . LEU A 1 24  ? 6.817   -5.130  11.931  1.00 26.81 ? 24   LEU A CA    1 
ATOM   182  C  C     . LEU A 1 24  ? 5.948   -5.606  10.759  1.00 28.39 ? 24   LEU A C     1 
ATOM   183  O  O     . LEU A 1 24  ? 5.780   -4.894  9.770   1.00 30.95 ? 24   LEU A O     1 
ATOM   184  C  CB    . LEU A 1 24  ? 7.204   -3.657  11.778  1.00 26.18 ? 24   LEU A CB    1 
ATOM   185  C  CG    . LEU A 1 24  ? 6.115   -2.596  11.913  1.00 31.18 ? 24   LEU A CG    1 
ATOM   186  C  CD1   . LEU A 1 24  ? 5.322   -2.811  13.195  1.00 32.35 ? 24   LEU A CD1   1 
ATOM   187  C  CD2   . LEU A 1 24  ? 6.758   -1.222  11.908  1.00 30.19 ? 24   LEU A CD2   1 
ATOM   188  N  N     . THR A 1 25  ? 5.409   -6.821  10.890  1.00 27.83 ? 25   THR A N     1 
ATOM   189  C  CA    . THR A 1 25  ? 4.573   -7.460  9.869   1.00 28.29 ? 25   THR A CA    1 
ATOM   190  C  C     . THR A 1 25  ? 3.466   -8.329  10.476  1.00 28.14 ? 25   THR A C     1 
ATOM   191  O  O     . THR A 1 25  ? 3.496   -8.649  11.663  1.00 26.87 ? 25   THR A O     1 
ATOM   192  C  CB    . THR A 1 25  ? 5.401   -8.385  8.969   1.00 29.78 ? 25   THR A CB    1 
ATOM   193  O  OG1   . THR A 1 25  ? 6.152   -9.290  9.788   1.00 35.77 ? 25   THR A OG1   1 
ATOM   194  C  CG2   . THR A 1 25  ? 6.332   -7.601  8.102   1.00 30.69 ? 25   THR A CG2   1 
ATOM   195  N  N     . PRO A 1 26  ? 2.488   -8.747  9.657   1.00 26.19 ? 26   PRO A N     1 
ATOM   196  C  CA    . PRO A 1 26  ? 2.314   -8.486  8.224   1.00 27.48 ? 26   PRO A CA    1 
ATOM   197  C  C     . PRO A 1 26  ? 1.800   -7.067  7.970   1.00 29.03 ? 26   PRO A C     1 
ATOM   198  O  O     . PRO A 1 26  ? 1.248   -6.433  8.870   1.00 26.65 ? 26   PRO A O     1 
ATOM   199  C  CB    . PRO A 1 26  ? 1.316   -9.559  7.808   1.00 26.54 ? 26   PRO A CB    1 
ATOM   200  C  CG    . PRO A 1 26  ? 0.448   -9.664  9.013   1.00 28.12 ? 26   PRO A CG    1 
ATOM   201  C  CD    . PRO A 1 26  ? 1.432   -9.647  10.152  1.00 28.63 ? 26   PRO A CD    1 
ATOM   202  N  N     . ARG A 1 27  ? 1.979   -6.565  6.751   1.00 27.14 ? 27   ARG A N     1 
ATOM   203  C  CA    . ARG A 1 27  ? 1.539   -5.204  6.443   1.00 27.47 ? 27   ARG A CA    1 
ATOM   204  C  C     . ARG A 1 27  ? 0.647   -5.119  5.214   1.00 26.12 ? 27   ARG A C     1 
ATOM   205  O  O     . ARG A 1 27  ? 0.819   -5.869  4.262   1.00 26.00 ? 27   ARG A O     1 
ATOM   206  C  CB    . ARG A 1 27  ? 2.753   -4.297  6.229   1.00 23.32 ? 27   ARG A CB    1 
ATOM   207  C  CG    . ARG A 1 27  ? 3.763   -4.303  7.365   1.00 22.78 ? 27   ARG A CG    1 
ATOM   208  C  CD    . ARG A 1 27  ? 4.966   -3.458  6.991   1.00 22.31 ? 27   ARG A CD    1 
ATOM   209  N  NE    . ARG A 1 27  ? 5.496   -3.844  5.684   1.00 21.97 ? 27   ARG A NE    1 
ATOM   210  C  CZ    . ARG A 1 27  ? 6.438   -4.758  5.494   1.00 22.63 ? 27   ARG A CZ    1 
ATOM   211  N  NH1   . ARG A 1 27  ? 6.975   -5.386  6.529   1.00 26.24 ? 27   ARG A NH1   1 
ATOM   212  N  NH2   . ARG A 1 27  ? 6.829   -5.060  4.267   1.00 22.21 ? 27   ARG A NH2   1 
ATOM   213  N  N     . PRO A 1 28  ? -0.315  -4.188  5.220   1.00 29.44 ? 28   PRO A N     1 
ATOM   214  C  CA    . PRO A 1 28  ? -1.223  -4.018  4.086   1.00 30.72 ? 28   PRO A CA    1 
ATOM   215  C  C     . PRO A 1 28  ? -0.428  -3.800  2.807   1.00 29.11 ? 28   PRO A C     1 
ATOM   216  O  O     . PRO A 1 28  ? 0.456   -2.952  2.760   1.00 30.68 ? 28   PRO A O     1 
ATOM   217  C  CB    . PRO A 1 28  ? -2.024  -2.774  4.464   1.00 32.71 ? 28   PRO A CB    1 
ATOM   218  C  CG    . PRO A 1 28  ? -2.052  -2.835  5.948   1.00 33.58 ? 28   PRO A CG    1 
ATOM   219  C  CD    . PRO A 1 28  ? -0.642  -3.238  6.297   1.00 32.08 ? 28   PRO A CD    1 
ATOM   220  N  N     . THR A 1 29  ? -0.746  -4.569  1.776   1.00 25.69 ? 29   THR A N     1 
ATOM   221  C  CA    . THR A 1 29  ? -0.069  -4.436  0.502   1.00 22.86 ? 29   THR A CA    1 
ATOM   222  C  C     . THR A 1 29  ? -0.994  -3.689  -0.437  1.00 24.68 ? 29   THR A C     1 
ATOM   223  O  O     . THR A 1 29  ? -2.103  -4.144  -0.713  1.00 25.66 ? 29   THR A O     1 
ATOM   224  C  CB    . THR A 1 29  ? 0.256   -5.807  -0.109  1.00 21.72 ? 29   THR A CB    1 
ATOM   225  O  OG1   . THR A 1 29  ? 1.229   -6.473  0.705   1.00 22.88 ? 29   THR A OG1   1 
ATOM   226  C  CG2   . THR A 1 29  ? 0.803   -5.645  -1.516  1.00 22.25 ? 29   THR A CG2   1 
ATOM   227  N  N     . VAL A 1 30  ? -0.536  -2.541  -0.922  1.00 19.56 ? 30   VAL A N     1 
ATOM   228  C  CA    . VAL A 1 30  ? -1.335  -1.735  -1.821  1.00 20.38 ? 30   VAL A CA    1 
ATOM   229  C  C     . VAL A 1 30  ? -0.622  -1.480  -3.141  1.00 22.63 ? 30   VAL A C     1 
ATOM   230  O  O     . VAL A 1 30  ? 0.608   -1.512  -3.220  1.00 21.29 ? 30   VAL A O     1 
ATOM   231  C  CB    . VAL A 1 30  ? -1.660  -0.360  -1.204  1.00 18.29 ? 30   VAL A CB    1 
ATOM   232  C  CG1   . VAL A 1 30  ? -2.496  -0.525  0.045   1.00 18.04 ? 30   VAL A CG1   1 
ATOM   233  C  CG2   . VAL A 1 30  ? -0.379  0.374   -0.902  1.00 14.35 ? 30   VAL A CG2   1 
ATOM   234  N  N     . MET A 1 31  ? -1.413  -1.242  -4.179  1.00 19.39 ? 31   MET A N     1 
ATOM   235  C  CA    . MET A 1 31  ? -0.875  -0.919  -5.485  1.00 18.42 ? 31   MET A CA    1 
ATOM   236  C  C     . MET A 1 31  ? -1.084  0.583   -5.618  1.00 18.42 ? 31   MET A C     1 
ATOM   237  O  O     . MET A 1 31  ? -2.204  1.082   -5.503  1.00 22.88 ? 31   MET A O     1 
ATOM   238  C  CB    . MET A 1 31  ? -1.626  -1.665  -6.586  1.00 16.98 ? 31   MET A CB    1 
ATOM   239  C  CG    . MET A 1 31  ? -1.294  -3.151  -6.652  1.00 23.96 ? 31   MET A CG    1 
ATOM   240  S  SD    . MET A 1 31  ? -2.328  -4.049  -7.830  1.00 22.83 ? 31   MET A SD    1 
ATOM   241  C  CE    . MET A 1 31  ? -3.814  -4.093  -6.911  1.00 20.72 ? 31   MET A CE    1 
ATOM   242  N  N     . VAL A 1 32  ? 0.002   1.309   -5.817  1.00 17.80 ? 32   VAL A N     1 
ATOM   243  C  CA    . VAL A 1 32  ? -0.083  2.745   -5.959  1.00 15.77 ? 32   VAL A CA    1 
ATOM   244  C  C     . VAL A 1 32  ? 0.007   3.091   -7.435  1.00 20.06 ? 32   VAL A C     1 
ATOM   245  O  O     . VAL A 1 32  ? 0.932   2.653   -8.119  1.00 17.68 ? 32   VAL A O     1 
ATOM   246  C  CB    . VAL A 1 32  ? 1.080   3.458   -5.230  1.00 15.70 ? 32   VAL A CB    1 
ATOM   247  C  CG1   . VAL A 1 32  ? 0.967   4.964   -5.441  1.00 10.21 ? 32   VAL A CG1   1 
ATOM   248  C  CG2   . VAL A 1 32  ? 1.073   3.113   -3.744  1.00 8.99  ? 32   VAL A CG2   1 
ATOM   249  N  N     . THR A 1 33  ? -0.954  3.867   -7.922  1.00 21.00 ? 33   THR A N     1 
ATOM   250  C  CA    . THR A 1 33  ? -0.940  4.291   -9.314  1.00 22.49 ? 33   THR A CA    1 
ATOM   251  C  C     . THR A 1 33  ? -0.563  5.761   -9.378  1.00 25.88 ? 33   THR A C     1 
ATOM   252  O  O     . THR A 1 33  ? -0.908  6.551   -8.486  1.00 23.46 ? 33   THR A O     1 
ATOM   253  C  CB    . THR A 1 33  ? -2.304  4.117   -10.004 1.00 20.43 ? 33   THR A CB    1 
ATOM   254  O  OG1   . THR A 1 33  ? -3.332  4.709   -9.203  1.00 23.99 ? 33   THR A OG1   1 
ATOM   255  C  CG2   . THR A 1 33  ? -2.608  2.645   -10.225 1.00 26.02 ? 33   THR A CG2   1 
ATOM   256  N  N     . THR A 1 34  ? 0.157   6.106   -10.440 1.00 24.01 ? 34   THR A N     1 
ATOM   257  C  CA    . THR A 1 34  ? 0.616   7.460   -10.702 1.00 25.26 ? 34   THR A CA    1 
ATOM   258  C  C     . THR A 1 34  ? 0.728   7.615   -12.217 1.00 27.17 ? 34   THR A C     1 
ATOM   259  O  O     . THR A 1 34  ? 0.565   6.650   -12.968 1.00 25.00 ? 34   THR A O     1 
ATOM   260  C  CB    . THR A 1 34  ? 2.012   7.692   -10.124 1.00 26.77 ? 34   THR A CB    1 
ATOM   261  O  OG1   . THR A 1 34  ? 2.903   6.711   -10.669 1.00 25.83 ? 34   THR A OG1   1 
ATOM   262  C  CG2   . THR A 1 34  ? 2.002   7.588   -8.603  1.00 23.95 ? 34   THR A CG2   1 
ATOM   263  N  N     . VAL A 1 35  ? 0.999   8.834   -12.664 1.00 25.91 ? 35   VAL A N     1 
ATOM   264  C  CA    . VAL A 1 35  ? 1.177   9.094   -14.085 1.00 24.62 ? 35   VAL A CA    1 
ATOM   265  C  C     . VAL A 1 35  ? 2.365   10.022  -14.212 1.00 24.90 ? 35   VAL A C     1 
ATOM   266  O  O     . VAL A 1 35  ? 2.685   10.754  -13.277 1.00 21.86 ? 35   VAL A O     1 
ATOM   267  C  CB    . VAL A 1 35  ? -0.060  9.779   -14.735 1.00 24.51 ? 35   VAL A CB    1 
ATOM   268  C  CG1   . VAL A 1 35  ? -1.199  8.797   -14.863 1.00 20.92 ? 35   VAL A CG1   1 
ATOM   269  C  CG2   . VAL A 1 35  ? -0.490  10.983  -13.916 1.00 25.43 ? 35   VAL A CG2   1 
ATOM   270  N  N     . ASP A 1 36  ? 3.040   9.971   -15.354 1.00 25.34 ? 36   ASP A N     1 
ATOM   271  C  CA    . ASP A 1 36  ? 4.163   10.854  -15.578 1.00 24.66 ? 36   ASP A CA    1 
ATOM   272  C  C     . ASP A 1 36  ? 3.554   12.084  -16.227 1.00 26.57 ? 36   ASP A C     1 
ATOM   273  O  O     . ASP A 1 36  ? 2.333   12.189  -16.310 1.00 23.26 ? 36   ASP A O     1 
ATOM   274  C  CB    . ASP A 1 36  ? 5.222   10.190  -16.471 1.00 27.07 ? 36   ASP A CB    1 
ATOM   275  C  CG    . ASP A 1 36  ? 4.694   9.783   -17.843 1.00 32.66 ? 36   ASP A CG    1 
ATOM   276  O  OD1   . ASP A 1 36  ? 5.422   9.036   -18.535 1.00 30.44 ? 36   ASP A OD1   1 
ATOM   277  O  OD2   . ASP A 1 36  ? 3.580   10.202  -18.239 1.00 33.82 ? 36   ASP A OD2   1 
ATOM   278  N  N     . GLU A 1 37  ? 4.377   13.022  -16.676 1.00 32.21 ? 37   GLU A N     1 
ATOM   279  C  CA    . GLU A 1 37  ? 3.834   14.230  -17.284 1.00 36.64 ? 37   GLU A CA    1 
ATOM   280  C  C     . GLU A 1 37  ? 3.175   13.997  -18.648 1.00 37.15 ? 37   GLU A C     1 
ATOM   281  O  O     . GLU A 1 37  ? 2.365   14.807  -19.094 1.00 38.80 ? 37   GLU A O     1 
ATOM   282  C  CB    . GLU A 1 37  ? 4.927   15.297  -17.374 1.00 36.72 ? 37   GLU A CB    1 
ATOM   283  C  CG    . GLU A 1 37  ? 5.419   15.743  -15.998 1.00 40.69 ? 37   GLU A CG    1 
ATOM   284  C  CD    . GLU A 1 37  ? 6.449   16.858  -16.059 1.00 45.58 ? 37   GLU A CD    1 
ATOM   285  O  OE1   . GLU A 1 37  ? 6.109   17.957  -16.546 1.00 47.20 ? 37   GLU A OE1   1 
ATOM   286  O  OE2   . GLU A 1 37  ? 7.598   16.636  -15.614 1.00 47.83 ? 37   GLU A OE2   1 
ATOM   287  N  N     . GLU A 1 38  ? 3.506   12.882  -19.292 1.00 38.49 ? 38   GLU A N     1 
ATOM   288  C  CA    . GLU A 1 38  ? 2.938   12.542  -20.594 1.00 40.94 ? 38   GLU A CA    1 
ATOM   289  C  C     . GLU A 1 38  ? 1.590   11.853  -20.415 1.00 41.20 ? 38   GLU A C     1 
ATOM   290  O  O     . GLU A 1 38  ? 0.842   11.662  -21.376 1.00 40.53 ? 38   GLU A O     1 
ATOM   291  C  CB    . GLU A 1 38  ? 3.882   11.615  -21.366 1.00 43.99 ? 38   GLU A CB    1 
ATOM   292  C  CG    . GLU A 1 38  ? 5.157   12.273  -21.878 1.00 49.52 ? 38   GLU A CG    1 
ATOM   293  C  CD    . GLU A 1 38  ? 5.904   13.030  -20.798 1.00 55.30 ? 38   GLU A CD    1 
ATOM   294  O  OE1   . GLU A 1 38  ? 5.467   14.147  -20.448 1.00 60.10 ? 38   GLU A OE1   1 
ATOM   295  O  OE2   . GLU A 1 38  ? 6.921   12.508  -20.292 1.00 56.19 ? 38   GLU A OE2   1 
ATOM   296  N  N     . GLY A 1 39  ? 1.289   11.474  -19.177 1.00 38.57 ? 39   GLY A N     1 
ATOM   297  C  CA    . GLY A 1 39  ? 0.026   10.824  -18.901 1.00 33.14 ? 39   GLY A CA    1 
ATOM   298  C  C     . GLY A 1 39  ? 0.141   9.317   -18.831 1.00 32.05 ? 39   GLY A C     1 
ATOM   299  O  O     . GLY A 1 39  ? -0.872  8.622   -18.710 1.00 32.28 ? 39   GLY A O     1 
ATOM   300  N  N     . ASN A 1 40  ? 1.362   8.802   -18.911 1.00 28.88 ? 40   ASN A N     1 
ATOM   301  C  CA    . ASN A 1 40  ? 1.563   7.362   -18.840 1.00 30.84 ? 40   ASN A CA    1 
ATOM   302  C  C     . ASN A 1 40  ? 1.258   6.860   -17.430 1.00 33.80 ? 40   ASN A C     1 
ATOM   303  O  O     . ASN A 1 40  ? 1.722   7.428   -16.435 1.00 33.27 ? 40   ASN A O     1 
ATOM   304  C  CB    . ASN A 1 40  ? 2.993   7.008   -19.225 1.00 31.34 ? 40   ASN A CB    1 
ATOM   305  C  CG    . ASN A 1 40  ? 3.359   7.505   -20.612 1.00 33.15 ? 40   ASN A CG    1 
ATOM   306  O  OD1   . ASN A 1 40  ? 4.275   8.312   -20.774 1.00 31.22 ? 40   ASN A OD1   1 
ATOM   307  N  ND2   . ASN A 1 40  ? 2.637   7.032   -21.618 1.00 28.92 ? 40   ASN A ND2   1 
ATOM   308  N  N     . ILE A 1 41  ? 0.466   5.797   -17.356 1.00 30.04 ? 41   ILE A N     1 
ATOM   309  C  CA    . ILE A 1 41  ? 0.069   5.212   -16.086 1.00 29.13 ? 41   ILE A CA    1 
ATOM   310  C  C     . ILE A 1 41  ? 1.113   4.242   -15.567 1.00 26.98 ? 41   ILE A C     1 
ATOM   311  O  O     . ILE A 1 41  ? 1.645   3.428   -16.315 1.00 29.99 ? 41   ILE A O     1 
ATOM   312  C  CB    . ILE A 1 41  ? -1.266  4.450   -16.225 1.00 29.13 ? 41   ILE A CB    1 
ATOM   313  C  CG1   . ILE A 1 41  ? -2.373  5.418   -16.641 1.00 24.09 ? 41   ILE A CG1   1 
ATOM   314  C  CG2   . ILE A 1 41  ? -1.615  3.755   -14.921 1.00 28.53 ? 41   ILE A CG2   1 
ATOM   315  C  CD1   . ILE A 1 41  ? -3.675  4.737   -17.015 1.00 25.68 ? 41   ILE A CD1   1 
ATOM   316  N  N     . ASN A 1 42  ? 1.407   4.332   -14.277 1.00 25.48 ? 42   ASN A N     1 
ATOM   317  C  CA    . ASN A 1 42  ? 2.374   3.439   -13.656 1.00 23.64 ? 42   ASN A CA    1 
ATOM   318  C  C     . ASN A 1 42  ? 1.683   2.839   -12.437 1.00 22.91 ? 42   ASN A C     1 
ATOM   319  O  O     . ASN A 1 42  ? 0.874   3.501   -11.788 1.00 20.12 ? 42   ASN A O     1 
ATOM   320  C  CB    . ASN A 1 42  ? 3.614   4.221   -13.219 1.00 22.73 ? 42   ASN A CB    1 
ATOM   321  C  CG    . ASN A 1 42  ? 4.761   3.316   -12.818 1.00 26.88 ? 42   ASN A CG    1 
ATOM   322  O  OD1   . ASN A 1 42  ? 5.588   2.940   -13.651 1.00 24.75 ? 42   ASN A OD1   1 
ATOM   323  N  ND2   . ASN A 1 42  ? 4.815   2.953   -11.538 1.00 22.21 ? 42   ASN A ND2   1 
ATOM   324  N  N     . ALA A 1 43  ? 1.980   1.583   -12.134 1.00 22.75 ? 43   ALA A N     1 
ATOM   325  C  CA    . ALA A 1 43  ? 1.371   0.938   -10.977 1.00 23.07 ? 43   ALA A CA    1 
ATOM   326  C  C     . ALA A 1 43  ? 2.387   0.026   -10.317 1.00 22.30 ? 43   ALA A C     1 
ATOM   327  O  O     . ALA A 1 43  ? 3.116   -0.688  -10.995 1.00 23.98 ? 43   ALA A O     1 
ATOM   328  C  CB    . ALA A 1 43  ? 0.158   0.147   -11.395 1.00 24.09 ? 43   ALA A CB    1 
ATOM   329  N  N     . ALA A 1 44  ? 2.444   0.058   -8.992  1.00 21.48 ? 44   ALA A N     1 
ATOM   330  C  CA    . ALA A 1 44  ? 3.394   -0.774  -8.268  1.00 21.44 ? 44   ALA A CA    1 
ATOM   331  C  C     . ALA A 1 44  ? 2.875   -1.032  -6.870  1.00 19.53 ? 44   ALA A C     1 
ATOM   332  O  O     . ALA A 1 44  ? 2.164   -0.208  -6.304  1.00 23.43 ? 44   ALA A O     1 
ATOM   333  C  CB    . ALA A 1 44  ? 4.758   -0.091  -8.217  1.00 18.85 ? 44   ALA A CB    1 
ATOM   334  N  N     . PRO A 1 45  ? 3.216   -2.192  -6.299  1.00 21.37 ? 45   PRO A N     1 
ATOM   335  C  CA    . PRO A 1 45  ? 2.779   -2.570  -4.955  1.00 20.75 ? 45   PRO A CA    1 
ATOM   336  C  C     . PRO A 1 45  ? 3.703   -2.050  -3.857  1.00 22.55 ? 45   PRO A C     1 
ATOM   337  O  O     . PRO A 1 45  ? 4.923   -1.999  -4.024  1.00 26.02 ? 45   PRO A O     1 
ATOM   338  C  CB    . PRO A 1 45  ? 2.785   -4.088  -5.024  1.00 20.89 ? 45   PRO A CB    1 
ATOM   339  C  CG    . PRO A 1 45  ? 4.021   -4.341  -5.846  1.00 17.92 ? 45   PRO A CG    1 
ATOM   340  C  CD    . PRO A 1 45  ? 3.938   -3.304  -6.950  1.00 17.96 ? 45   PRO A CD    1 
ATOM   341  N  N     . PHE A 1 46  ? 3.113   -1.661  -2.735  1.00 21.30 ? 46   PHE A N     1 
ATOM   342  C  CA    . PHE A 1 46  ? 3.884   -1.169  -1.605  1.00 22.14 ? 46   PHE A CA    1 
ATOM   343  C  C     . PHE A 1 46  ? 3.295   -1.734  -0.327  1.00 21.47 ? 46   PHE A C     1 
ATOM   344  O  O     . PHE A 1 46  ? 2.070   -1.809  -0.186  1.00 21.21 ? 46   PHE A O     1 
ATOM   345  C  CB    . PHE A 1 46  ? 3.861   0.367   -1.548  1.00 24.26 ? 46   PHE A CB    1 
ATOM   346  C  CG    . PHE A 1 46  ? 4.564   1.029   -2.699  1.00 19.47 ? 46   PHE A CG    1 
ATOM   347  C  CD1   . PHE A 1 46  ? 3.913   1.236   -3.902  1.00 18.25 ? 46   PHE A CD1   1 
ATOM   348  C  CD2   . PHE A 1 46  ? 5.893   1.399   -2.592  1.00 22.31 ? 46   PHE A CD2   1 
ATOM   349  C  CE1   . PHE A 1 46  ? 4.581   1.803   -4.984  1.00 17.72 ? 46   PHE A CE1   1 
ATOM   350  C  CE2   . PHE A 1 46  ? 6.570   1.965   -3.667  1.00 23.93 ? 46   PHE A CE2   1 
ATOM   351  C  CZ    . PHE A 1 46  ? 5.908   2.166   -4.867  1.00 20.97 ? 46   PHE A CZ    1 
ATOM   352  N  N     . SER A 1 47  ? 4.161   -2.152  0.592   1.00 20.02 ? 47   SER A N     1 
ATOM   353  C  CA    . SER A 1 47  ? 3.703   -2.696  1.864   1.00 24.08 ? 47   SER A CA    1 
ATOM   354  C  C     . SER A 1 47  ? 4.136   -1.803  3.025   1.00 22.71 ? 47   SER A C     1 
ATOM   355  O  O     . SER A 1 47  ? 3.710   -2.006  4.163   1.00 26.28 ? 47   SER A O     1 
ATOM   356  C  CB    . SER A 1 47  ? 4.193   -4.140  2.059   1.00 21.73 ? 47   SER A CB    1 
ATOM   357  O  OG    . SER A 1 47  ? 5.595   -4.249  1.916   1.00 27.15 ? 47   SER A OG    1 
ATOM   358  N  N     . PHE A 1 48  ? 5.153   -0.746  2.844   1.00 22.05 ? 48   PHE A N     1 
ATOM   359  C  CA    . PHE A 1 48  ? 5.410   0.284   3.842   1.00 19.79 ? 48   PHE A CA    1 
ATOM   360  C  C     . PHE A 1 48  ? 4.411   1.422   3.709   1.00 20.34 ? 48   PHE A C     1 
ATOM   361  O  O     . PHE A 1 48  ? 4.583   2.234   2.812   1.00 20.33 ? 48   PHE A O     1 
ATOM   362  C  CB    . PHE A 1 48  ? 6.837   0.813   3.709   1.00 22.31 ? 48   PHE A CB    1 
ATOM   363  C  CG    . PHE A 1 48  ? 7.888   -0.210  4.010   1.00 21.58 ? 48   PHE A CG    1 
ATOM   364  C  CD1   . PHE A 1 48  ? 9.231   0.119   3.944   1.00 18.29 ? 48   PHE A CD1   1 
ATOM   365  C  CD2   . PHE A 1 48  ? 7.530   -1.499  4.359   1.00 21.57 ? 48   PHE A CD2   1 
ATOM   366  C  CE1   . PHE A 1 48  ? 10.203  -0.824  4.221   1.00 19.10 ? 48   PHE A CE1   1 
ATOM   367  C  CE2   . PHE A 1 48  ? 8.496   -2.448  4.637   1.00 21.38 ? 48   PHE A CE2   1 
ATOM   368  C  CZ    . PHE A 1 48  ? 9.835   -2.109  4.569   1.00 15.12 ? 48   PHE A CZ    1 
ATOM   369  N  N     . THR A 1 49  ? 3.287   1.174   4.428   1.00 18.51 ? 49   THR A N     1 
ATOM   370  C  CA    . THR A 1 49  ? 2.236   2.180   4.325   1.00 17.58 ? 49   THR A CA    1 
ATOM   371  C  C     . THR A 1 49  ? 1.454   2.317   5.627   1.00 16.47 ? 49   THR A C     1 
ATOM   372  O  O     . THR A 1 49  ? 1.423   1.393   6.445   1.00 15.54 ? 49   THR A O     1 
ATOM   373  C  CB    . THR A 1 49  ? 1.246   1.822   3.201   1.00 19.83 ? 49   THR A CB    1 
ATOM   374  O  OG1   . THR A 1 49  ? 0.384   2.938   2.950   1.00 28.35 ? 49   THR A OG1   1 
ATOM   375  C  CG2   . THR A 1 49  ? 0.395   0.640   3.607   1.00 17.26 ? 49   THR A CG2   1 
ATOM   376  N  N     . MET A 1 50  ? 0.815   3.467   5.815   1.00 13.12 ? 50   MET A N     1 
ATOM   377  C  CA    . MET A 1 50  ? 0.044   3.699   7.028   1.00 17.90 ? 50   MET A CA    1 
ATOM   378  C  C     . MET A 1 50  ? -0.728  5.007   6.994   1.00 21.89 ? 50   MET A C     1 
ATOM   379  O  O     . MET A 1 50  ? -0.316  5.968   6.336   1.00 19.21 ? 50   MET A O     1 
ATOM   380  C  CB    . MET A 1 50  ? 0.970   3.770   8.240   1.00 19.85 ? 50   MET A CB    1 
ATOM   381  C  CG    . MET A 1 50  ? 1.821   5.047   8.280   1.00 22.53 ? 50   MET A CG    1 
ATOM   382  S  SD    . MET A 1 50  ? 2.676   5.304   9.862   1.00 29.40 ? 50   MET A SD    1 
ATOM   383  C  CE    . MET A 1 50  ? 3.292   6.903   9.660   1.00 26.39 ? 50   MET A CE    1 
ATOM   384  N  N     . PRO A 1 51  ? -1.904  4.981   7.636   1.00 18.89 ? 51   PRO A N     1 
ATOM   385  C  CA    . PRO A 1 51  ? -2.606  6.265   7.765   1.00 19.17 ? 51   PRO A CA    1 
ATOM   386  C  C     . PRO A 1 51  ? -1.884  7.235   8.706   1.00 18.34 ? 51   PRO A C     1 
ATOM   387  O  O     . PRO A 1 51  ? -1.044  6.638   9.463   1.00 19.28 ? 51   PRO A O     1 
ATOM   388  C  CB    . PRO A 1 51  ? -3.979  5.862   8.336   1.00 18.21 ? 51   PRO A CB    1 
ATOM   389  C  CG    . PRO A 1 51  ? -4.099  4.418   8.015   1.00 22.47 ? 51   PRO A CG    1 
ATOM   390  C  CD    . PRO A 1 51  ? -2.743  3.830   8.242   1.00 18.34 ? 51   PRO A CD    1 
ATOM   391  N  N     . VAL A 1 52  ? -2.060  8.465   8.641   1.00 19.85 ? 52   VAL A N     1 
ATOM   392  C  CA    . VAL A 1 52  ? -1.330  9.372   9.526   1.00 19.70 ? 52   VAL A CA    1 
ATOM   393  C  C     . VAL A 1 52  ? -2.310  10.264  10.277  1.00 19.28 ? 52   VAL A C     1 
ATOM   394  O  O     . VAL A 1 52  ? -2.295  10.327  11.500  1.00 22.25 ? 52   VAL A O     1 
ATOM   395  C  CB    . VAL A 1 52  ? -0.341  10.260  8.735   1.00 21.91 ? 52   VAL A CB    1 
ATOM   396  C  CG1   . VAL A 1 52  ? 0.278   11.300  9.663   1.00 18.89 ? 52   VAL A CG1   1 
ATOM   397  C  CG2   . VAL A 1 52  ? 0.755   9.399   8.103   1.00 17.23 ? 52   VAL A CG2   1 
ATOM   398  N  N     . SER A 1 53  ? -3.161  10.962  9.538   1.00 20.47 ? 53   SER A N     1 
ATOM   399  C  CA    . SER A 1 53  ? -4.154  11.828  10.158  1.00 21.58 ? 53   SER A CA    1 
ATOM   400  C  C     . SER A 1 53  ? -5.523  11.362  9.709   1.00 19.21 ? 53   SER A C     1 
ATOM   401  O  O     . SER A 1 53  ? -5.704  10.956  8.569   1.00 22.07 ? 53   SER A O     1 
ATOM   402  C  CB    . SER A 1 53  ? -3.938  13.287  9.747   1.00 26.71 ? 53   SER A CB    1 
ATOM   403  O  OG    . SER A 1 53  ? -4.851  14.144  10.417  1.00 23.13 ? 53   SER A OG    1 
ATOM   404  N  N     . ILE A 1 54  ? -6.489  11.403  10.614  1.00 23.67 ? 54   ILE A N     1 
ATOM   405  C  CA    . ILE A 1 54  ? -7.837  10.971  10.282  1.00 22.97 ? 54   ILE A CA    1 
ATOM   406  C  C     . ILE A 1 54  ? -8.623  12.119  9.655   1.00 26.32 ? 54   ILE A C     1 
ATOM   407  O  O     . ILE A 1 54  ? -9.284  11.943  8.631   1.00 25.00 ? 54   ILE A O     1 
ATOM   408  C  CB    . ILE A 1 54  ? -8.558  10.457  11.535  1.00 23.53 ? 54   ILE A CB    1 
ATOM   409  C  CG1   . ILE A 1 54  ? -7.803  9.233   12.078  1.00 26.96 ? 54   ILE A CG1   1 
ATOM   410  C  CG2   . ILE A 1 54  ? -10.005 10.120  11.203  1.00 18.67 ? 54   ILE A CG2   1 
ATOM   411  C  CD1   . ILE A 1 54  ? -8.331  8.692   13.403  1.00 24.98 ? 54   ILE A CD1   1 
ATOM   412  N  N     . ASP A 1 55  ? -8.540  13.293  10.271  1.00 27.63 ? 55   ASP A N     1 
ATOM   413  C  CA    . ASP A 1 55  ? -9.229  14.474  9.763   1.00 31.90 ? 55   ASP A CA    1 
ATOM   414  C  C     . ASP A 1 55  ? -8.412  15.722  10.095  1.00 29.90 ? 55   ASP A C     1 
ATOM   415  O  O     . ASP A 1 55  ? -8.349  16.134  11.252  1.00 28.04 ? 55   ASP A O     1 
ATOM   416  C  CB    . ASP A 1 55  ? -10.611 14.595  10.400  1.00 33.85 ? 55   ASP A CB    1 
ATOM   417  C  CG    . ASP A 1 55  ? -11.516 15.545  9.643   1.00 36.74 ? 55   ASP A CG    1 
ATOM   418  O  OD1   . ASP A 1 55  ? -10.996 16.480  8.999   1.00 37.22 ? 55   ASP A OD1   1 
ATOM   419  O  OD2   . ASP A 1 55  ? -12.748 15.361  9.702   1.00 38.28 ? 55   ASP A OD2   1 
ATOM   420  N  N     . PRO A 1 56  ? -7.790  16.354  9.085   1.00 28.27 ? 56   PRO A N     1 
ATOM   421  C  CA    . PRO A 1 56  ? -7.777  16.022  7.657   1.00 30.00 ? 56   PRO A CA    1 
ATOM   422  C  C     . PRO A 1 56  ? -7.160  14.657  7.364   1.00 27.00 ? 56   PRO A C     1 
ATOM   423  O  O     . PRO A 1 56  ? -6.230  14.226  8.034   1.00 25.90 ? 56   PRO A O     1 
ATOM   424  C  CB    . PRO A 1 56  ? -6.936  17.143  7.036   1.00 29.43 ? 56   PRO A CB    1 
ATOM   425  C  CG    . PRO A 1 56  ? -6.947  18.229  8.059   1.00 29.88 ? 56   PRO A CG    1 
ATOM   426  C  CD    . PRO A 1 56  ? -6.889  17.485  9.350   1.00 28.08 ? 56   PRO A CD    1 
ATOM   427  N  N     . PRO A 1 57  ? -7.677  13.967  6.342   1.00 27.06 ? 57   PRO A N     1 
ATOM   428  C  CA    . PRO A 1 57  ? -7.198  12.648  5.929   1.00 25.07 ? 57   PRO A CA    1 
ATOM   429  C  C     . PRO A 1 57  ? -5.814  12.725  5.298   1.00 22.62 ? 57   PRO A C     1 
ATOM   430  O  O     . PRO A 1 57  ? -5.656  13.305  4.226   1.00 22.82 ? 57   PRO A O     1 
ATOM   431  C  CB    . PRO A 1 57  ? -8.241  12.205  4.901   1.00 27.80 ? 57   PRO A CB    1 
ATOM   432  C  CG    . PRO A 1 57  ? -9.460  12.968  5.276   1.00 30.76 ? 57   PRO A CG    1 
ATOM   433  C  CD    . PRO A 1 57  ? -8.914  14.318  5.628   1.00 28.12 ? 57   PRO A CD    1 
ATOM   434  N  N     . VAL A 1 58  ? -4.816  12.152  5.958   1.00 21.27 ? 58   VAL A N     1 
ATOM   435  C  CA    . VAL A 1 58  ? -3.464  12.136  5.412   1.00 22.49 ? 58   VAL A CA    1 
ATOM   436  C  C     . VAL A 1 58  ? -2.918  10.727  5.539   1.00 22.61 ? 58   VAL A C     1 
ATOM   437  O  O     . VAL A 1 58  ? -2.886  10.160  6.635   1.00 20.91 ? 58   VAL A O     1 
ATOM   438  C  CB    . VAL A 1 58  ? -2.504  13.097  6.156   1.00 22.15 ? 58   VAL A CB    1 
ATOM   439  C  CG1   . VAL A 1 58  ? -1.100  12.960  5.583   1.00 20.12 ? 58   VAL A CG1   1 
ATOM   440  C  CG2   . VAL A 1 58  ? -2.974  14.535  6.011   1.00 23.74 ? 58   VAL A CG2   1 
ATOM   441  N  N     . VAL A 1 59  ? -2.501  10.159  4.411   1.00 20.43 ? 59   VAL A N     1 
ATOM   442  C  CA    . VAL A 1 59  ? -1.952  8.815   4.401   1.00 20.06 ? 59   VAL A CA    1 
ATOM   443  C  C     . VAL A 1 59  ? -0.487  8.872   3.992   1.00 18.33 ? 59   VAL A C     1 
ATOM   444  O  O     . VAL A 1 59  ? -0.024  9.872   3.450   1.00 18.46 ? 59   VAL A O     1 
ATOM   445  C  CB    . VAL A 1 59  ? -2.737  7.910   3.436   1.00 21.30 ? 59   VAL A CB    1 
ATOM   446  C  CG1   . VAL A 1 59  ? -2.144  6.524   3.428   1.00 23.80 ? 59   VAL A CG1   1 
ATOM   447  C  CG2   . VAL A 1 59  ? -4.190  7.838   3.874   1.00 20.72 ? 59   VAL A CG2   1 
ATOM   448  N  N     . ALA A 1 60  ? 0.242   7.795   4.252   1.00 20.31 ? 60   ALA A N     1 
ATOM   449  C  CA    . ALA A 1 60  ? 1.654   7.741   3.927   1.00 18.21 ? 60   ALA A CA    1 
ATOM   450  C  C     . ALA A 1 60  ? 2.107   6.379   3.446   1.00 19.52 ? 60   ALA A C     1 
ATOM   451  O  O     . ALA A 1 60  ? 1.489   5.359   3.746   1.00 21.23 ? 60   ALA A O     1 
ATOM   452  C  CB    . ALA A 1 60  ? 2.460   8.129   5.140   1.00 21.36 ? 60   ALA A CB    1 
ATOM   453  N  N     . PHE A 1 61  ? 3.205   6.375   2.699   1.00 19.75 ? 61   PHE A N     1 
ATOM   454  C  CA    . PHE A 1 61  ? 3.793   5.144   2.204   1.00 16.67 ? 61   PHE A CA    1 
ATOM   455  C  C     . PHE A 1 61  ? 5.239   5.462   1.854   1.00 17.49 ? 61   PHE A C     1 
ATOM   456  O  O     . PHE A 1 61  ? 5.561   6.601   1.524   1.00 18.82 ? 61   PHE A O     1 
ATOM   457  C  CB    . PHE A 1 61  ? 2.988   4.587   1.007   1.00 16.82 ? 61   PHE A CB    1 
ATOM   458  C  CG    . PHE A 1 61  ? 3.330   5.194   -0.331  1.00 19.60 ? 61   PHE A CG    1 
ATOM   459  C  CD1   . PHE A 1 61  ? 4.336   4.646   -1.119  1.00 17.23 ? 61   PHE A CD1   1 
ATOM   460  C  CD2   . PHE A 1 61  ? 2.602   6.273   -0.831  1.00 13.41 ? 61   PHE A CD2   1 
ATOM   461  C  CE1   . PHE A 1 61  ? 4.612   5.159   -2.395  1.00 20.40 ? 61   PHE A CE1   1 
ATOM   462  C  CE2   . PHE A 1 61  ? 2.868   6.793   -2.096  1.00 18.67 ? 61   PHE A CE2   1 
ATOM   463  C  CZ    . PHE A 1 61  ? 3.874   6.236   -2.884  1.00 14.14 ? 61   PHE A CZ    1 
ATOM   464  N  N     . ALA A 1 62  ? 6.119   4.476   1.981   1.00 17.80 ? 62   ALA A N     1 
ATOM   465  C  CA    . ALA A 1 62  ? 7.530   4.685   1.692   1.00 19.83 ? 62   ALA A CA    1 
ATOM   466  C  C     . ALA A 1 62  ? 7.948   3.995   0.399   1.00 21.94 ? 62   ALA A C     1 
ATOM   467  O  O     . ALA A 1 62  ? 7.631   2.829   0.164   1.00 20.31 ? 62   ALA A O     1 
ATOM   468  C  CB    . ALA A 1 62  ? 8.380   4.189   2.856   1.00 15.75 ? 62   ALA A CB    1 
ATOM   469  N  N     . SER A 1 63  ? 8.677   4.729   -0.428  1.00 23.65 ? 63   SER A N     1 
ATOM   470  C  CA    . SER A 1 63  ? 9.140   4.219   -1.704  1.00 25.92 ? 63   SER A CA    1 
ATOM   471  C  C     . SER A 1 63  ? 10.614  4.519   -1.948  1.00 27.22 ? 63   SER A C     1 
ATOM   472  O  O     . SER A 1 63  ? 11.141  5.520   -1.463  1.00 27.18 ? 63   SER A O     1 
ATOM   473  C  CB    . SER A 1 63  ? 8.328   4.849   -2.830  1.00 24.95 ? 63   SER A CB    1 
ATOM   474  O  OG    . SER A 1 63  ? 8.931   4.576   -4.077  1.00 26.22 ? 63   SER A OG    1 
ATOM   475  N  N     . ALA A 1 64  ? 11.268  3.574   -2.643  1.00 25.67 ? 64   ALA A N     1 
ATOM   476  C  CA    . ALA A 1 64  ? 12.621  3.917   -3.050  1.00 26.25 ? 64   ALA A CA    1 
ATOM   477  C  C     . ALA A 1 64  ? 12.640  5.182   -3.897  1.00 26.13 ? 64   ALA A C     1 
ATOM   478  O  O     . ALA A 1 64  ? 11.651  5.296   -4.671  1.00 27.54 ? 64   ALA A O     1 
ATOM   479  C  CB    . ALA A 1 64  ? 13.256  2.762   -3.806  1.00 22.78 ? 64   ALA A CB    1 
ATOM   480  N  N     . PRO A 1 65  ? 13.506  6.093   -3.690  1.00 28.89 ? 65   PRO A N     1 
ATOM   481  C  CA    . PRO A 1 65  ? 13.434  7.333   -4.467  1.00 29.53 ? 65   PRO A CA    1 
ATOM   482  C  C     . PRO A 1 65  ? 13.550  7.165   -5.982  1.00 32.57 ? 65   PRO A C     1 
ATOM   483  O  O     . PRO A 1 65  ? 13.091  8.017   -6.743  1.00 35.61 ? 65   PRO A O     1 
ATOM   484  C  CB    . PRO A 1 65  ? 14.572  8.163   -3.883  1.00 30.36 ? 65   PRO A CB    1 
ATOM   485  C  CG    . PRO A 1 65  ? 15.593  7.115   -3.519  1.00 25.27 ? 65   PRO A CG    1 
ATOM   486  C  CD    . PRO A 1 65  ? 14.739  6.039   -2.879  1.00 27.53 ? 65   PRO A CD    1 
ATOM   487  N  N     . ASP A 1 66  ? 14.146  6.061   -6.413  1.00 33.48 ? 66   ASP A N     1 
ATOM   488  C  CA    . ASP A 1 66  ? 14.356  5.792   -7.833  1.00 35.76 ? 66   ASP A CA    1 
ATOM   489  C  C     . ASP A 1 66  ? 13.163  5.181   -8.566  1.00 34.46 ? 66   ASP A C     1 
ATOM   490  O  O     . ASP A 1 66  ? 13.133  5.168   -9.797  1.00 32.05 ? 66   ASP A O     1 
ATOM   491  C  CB    . ASP A 1 66  ? 15.577  4.883   -7.988  1.00 45.57 ? 66   ASP A CB    1 
ATOM   492  C  CG    . ASP A 1 66  ? 15.512  3.664   -7.073  1.00 55.06 ? 66   ASP A CG    1 
ATOM   493  O  OD1   . ASP A 1 66  ? 14.821  2.679   -7.427  1.00 59.42 ? 66   ASP A OD1   1 
ATOM   494  O  OD2   . ASP A 1 66  ? 16.141  3.701   -5.989  1.00 57.65 ? 66   ASP A OD2   1 
ATOM   495  N  N     . HIS A 1 67  ? 12.187  4.673   -7.820  1.00 30.66 ? 67   HIS A N     1 
ATOM   496  C  CA    . HIS A 1 67  ? 11.004  4.070   -8.432  1.00 28.07 ? 67   HIS A CA    1 
ATOM   497  C  C     . HIS A 1 67  ? 10.259  5.056   -9.322  1.00 28.16 ? 67   HIS A C     1 
ATOM   498  O  O     . HIS A 1 67  ? 10.356  6.275   -9.145  1.00 29.46 ? 67   HIS A O     1 
ATOM   499  C  CB    . HIS A 1 67  ? 10.044  3.546   -7.351  1.00 27.88 ? 67   HIS A CB    1 
ATOM   500  C  CG    . HIS A 1 67  ? 10.500  2.276   -6.699  1.00 27.67 ? 67   HIS A CG    1 
ATOM   501  N  ND1   . HIS A 1 67  ? 9.922   1.776   -5.552  1.00 30.22 ? 67   HIS A ND1   1 
ATOM   502  C  CD2   . HIS A 1 67  ? 11.468  1.394   -7.048  1.00 27.73 ? 67   HIS A CD2   1 
ATOM   503  C  CE1   . HIS A 1 67  ? 10.513  0.641   -5.223  1.00 25.98 ? 67   HIS A CE1   1 
ATOM   504  N  NE2   . HIS A 1 67  ? 11.455  0.386   -6.114  1.00 27.83 ? 67   HIS A NE2   1 
ATOM   505  N  N     . HIS A 1 68  ? 9.525   4.520   -10.290 1.00 26.41 ? 68   HIS A N     1 
ATOM   506  C  CA    . HIS A 1 68  ? 8.735   5.338   -11.193 1.00 26.41 ? 68   HIS A CA    1 
ATOM   507  C  C     . HIS A 1 68  ? 7.686   6.016   -10.340 1.00 24.84 ? 68   HIS A C     1 
ATOM   508  O  O     . HIS A 1 68  ? 7.295   7.152   -10.603 1.00 25.77 ? 68   HIS A O     1 
ATOM   509  C  CB    . HIS A 1 68  ? 8.026   4.472   -12.235 1.00 26.69 ? 68   HIS A CB    1 
ATOM   510  C  CG    . HIS A 1 68  ? 8.949   3.813   -13.210 1.00 32.39 ? 68   HIS A CG    1 
ATOM   511  N  ND1   . HIS A 1 68  ? 8.631   2.635   -13.852 1.00 36.20 ? 68   HIS A ND1   1 
ATOM   512  C  CD2   . HIS A 1 68  ? 10.175  4.168   -13.657 1.00 33.23 ? 68   HIS A CD2   1 
ATOM   513  C  CE1   . HIS A 1 68  ? 9.624   2.290   -14.650 1.00 35.36 ? 68   HIS A CE1   1 
ATOM   514  N  NE2   . HIS A 1 68  ? 10.574  3.203   -14.549 1.00 39.88 ? 68   HIS A NE2   1 
ATOM   515  N  N     . THR A 1 69  ? 7.224   5.302   -9.320  1.00 22.52 ? 69   THR A N     1 
ATOM   516  C  CA    . THR A 1 69  ? 6.199   5.839   -8.435  1.00 26.20 ? 69   THR A CA    1 
ATOM   517  C  C     . THR A 1 69  ? 6.712   7.073   -7.714  1.00 23.00 ? 69   THR A C     1 
ATOM   518  O  O     . THR A 1 69  ? 6.015   8.077   -7.624  1.00 25.23 ? 69   THR A O     1 
ATOM   519  C  CB    . THR A 1 69  ? 5.737   4.792   -7.400  1.00 24.28 ? 69   THR A CB    1 
ATOM   520  O  OG1   . THR A 1 69  ? 5.203   3.659   -8.087  1.00 24.47 ? 69   THR A OG1   1 
ATOM   521  C  CG2   . THR A 1 69  ? 4.649   5.365   -6.497  1.00 22.64 ? 69   THR A CG2   1 
ATOM   522  N  N     . ALA A 1 70  ? 7.936   7.000   -7.212  1.00 24.74 ? 70   ALA A N     1 
ATOM   523  C  CA    . ALA A 1 70  ? 8.516   8.127   -6.504  1.00 26.81 ? 70   ALA A CA    1 
ATOM   524  C  C     . ALA A 1 70  ? 8.655   9.320   -7.445  1.00 28.52 ? 70   ALA A C     1 
ATOM   525  O  O     . ALA A 1 70  ? 8.157   10.410  -7.159  1.00 28.85 ? 70   ALA A O     1 
ATOM   526  C  CB    . ALA A 1 70  ? 9.872   7.740   -5.941  1.00 24.44 ? 70   ALA A CB    1 
ATOM   527  N  N     . ARG A 1 71  ? 9.325   9.097   -8.572  1.00 29.02 ? 71   ARG A N     1 
ATOM   528  C  CA    . ARG A 1 71  ? 9.555   10.145  -9.556  1.00 31.90 ? 71   ARG A CA    1 
ATOM   529  C  C     . ARG A 1 71  ? 8.285   10.733  -10.149 1.00 30.55 ? 71   ARG A C     1 
ATOM   530  O  O     . ARG A 1 71  ? 8.232   11.930  -10.412 1.00 30.33 ? 71   ARG A O     1 
ATOM   531  C  CB    . ARG A 1 71  ? 10.472  9.625   -10.668 1.00 35.92 ? 71   ARG A CB    1 
ATOM   532  C  CG    . ARG A 1 71  ? 11.887  9.355   -10.177 1.00 40.56 ? 71   ARG A CG    1 
ATOM   533  C  CD    . ARG A 1 71  ? 12.766  8.723   -11.239 1.00 50.79 ? 71   ARG A CD    1 
ATOM   534  N  NE    . ARG A 1 71  ? 14.150  8.619   -10.777 1.00 60.16 ? 71   ARG A NE    1 
ATOM   535  C  CZ    . ARG A 1 71  ? 15.149  8.112   -11.493 1.00 62.56 ? 71   ARG A CZ    1 
ATOM   536  N  NH1   . ARG A 1 71  ? 14.928  7.654   -12.718 1.00 66.27 ? 71   ARG A NH1   1 
ATOM   537  N  NH2   . ARG A 1 71  ? 16.375  8.072   -10.985 1.00 63.96 ? 71   ARG A NH2   1 
ATOM   538  N  N     . ASN A 1 72  ? 7.258   9.913   -10.353 1.00 29.66 ? 72   ASN A N     1 
ATOM   539  C  CA    . ASN A 1 72  ? 6.011   10.427  -10.914 1.00 26.71 ? 72   ASN A CA    1 
ATOM   540  C  C     . ASN A 1 72  ? 5.321   11.362  -9.931  1.00 26.13 ? 72   ASN A C     1 
ATOM   541  O  O     . ASN A 1 72  ? 4.767   12.387  -10.326 1.00 28.94 ? 72   ASN A O     1 
ATOM   542  C  CB    . ASN A 1 72  ? 5.051   9.291   -11.284 1.00 24.84 ? 72   ASN A CB    1 
ATOM   543  C  CG    . ASN A 1 72  ? 5.484   8.532   -12.537 1.00 28.25 ? 72   ASN A CG    1 
ATOM   544  O  OD1   . ASN A 1 72  ? 6.304   9.012   -13.323 1.00 18.46 ? 72   ASN A OD1   1 
ATOM   545  N  ND2   . ASN A 1 72  ? 4.913   7.344   -12.733 1.00 24.92 ? 72   ASN A ND2   1 
ATOM   546  N  N     . ILE A 1 73  ? 5.350   11.005  -8.650  1.00 25.51 ? 73   ILE A N     1 
ATOM   547  C  CA    . ILE A 1 73  ? 4.712   11.826  -7.626  1.00 23.86 ? 73   ILE A CA    1 
ATOM   548  C  C     . ILE A 1 73  ? 5.441   13.155  -7.510  1.00 24.22 ? 73   ILE A C     1 
ATOM   549  O  O     . ILE A 1 73  ? 4.824   14.211  -7.368  1.00 25.90 ? 73   ILE A O     1 
ATOM   550  C  CB    . ILE A 1 73  ? 4.705   11.105  -6.262  1.00 22.10 ? 73   ILE A CB    1 
ATOM   551  C  CG1   . ILE A 1 73  ? 3.854   9.832   -6.364  1.00 19.73 ? 73   ILE A CG1   1 
ATOM   552  C  CG2   . ILE A 1 73  ? 4.165   12.034  -5.188  1.00 19.86 ? 73   ILE A CG2   1 
ATOM   553  C  CD1   . ILE A 1 73  ? 3.789   9.005   -5.109  1.00 16.94 ? 73   ILE A CD1   1 
ATOM   554  N  N     . GLU A 1 74  ? 6.760   13.096  -7.590  1.00 26.58 ? 74   GLU A N     1 
ATOM   555  C  CA    . GLU A 1 74  ? 7.577   14.294  -7.520  1.00 28.29 ? 74   GLU A CA    1 
ATOM   556  C  C     . GLU A 1 74  ? 7.214   15.274  -8.638  1.00 29.24 ? 74   GLU A C     1 
ATOM   557  O  O     . GLU A 1 74  ? 7.246   16.487  -8.439  1.00 24.99 ? 74   GLU A O     1 
ATOM   558  C  CB    . GLU A 1 74  ? 9.051   13.916  -7.620  1.00 30.83 ? 74   GLU A CB    1 
ATOM   559  C  CG    . GLU A 1 74  ? 9.977   15.087  -7.868  1.00 44.79 ? 74   GLU A CG    1 
ATOM   560  C  CD    . GLU A 1 74  ? 11.427  14.666  -7.954  1.00 50.78 ? 74   GLU A CD    1 
ATOM   561  O  OE1   . GLU A 1 74  ? 11.725  13.731  -8.728  1.00 54.98 ? 74   GLU A OE1   1 
ATOM   562  O  OE2   . GLU A 1 74  ? 12.269  15.271  -7.253  1.00 55.23 ? 74   GLU A OE2   1 
ATOM   563  N  N     . SER A 1 75  ? 6.844   14.748  -9.804  1.00 28.41 ? 75   SER A N     1 
ATOM   564  C  CA    . SER A 1 75  ? 6.507   15.598  -10.938 1.00 28.68 ? 75   SER A CA    1 
ATOM   565  C  C     . SER A 1 75  ? 5.025   15.910  -11.152 1.00 28.54 ? 75   SER A C     1 
ATOM   566  O  O     . SER A 1 75  ? 4.694   16.978  -11.662 1.00 26.45 ? 75   SER A O     1 
ATOM   567  C  CB    . SER A 1 75  ? 7.087   15.004  -12.225 1.00 31.40 ? 75   SER A CB    1 
ATOM   568  O  OG    . SER A 1 75  ? 6.572   13.709  -12.463 1.00 37.31 ? 75   SER A OG    1 
ATOM   569  N  N     . THR A 1 76  ? 4.132   14.995  -10.785 1.00 25.80 ? 76   THR A N     1 
ATOM   570  C  CA    . THR A 1 76  ? 2.707   15.254  -10.979 1.00 24.19 ? 76   THR A CA    1 
ATOM   571  C  C     . THR A 1 76  ? 1.965   15.429  -9.668  1.00 23.59 ? 76   THR A C     1 
ATOM   572  O  O     . THR A 1 76  ? 0.777   15.745  -9.650  1.00 23.58 ? 76   THR A O     1 
ATOM   573  C  CB    . THR A 1 76  ? 2.037   14.152  -11.818 1.00 25.48 ? 76   THR A CB    1 
ATOM   574  O  OG1   . THR A 1 76  ? 2.187   12.882  -11.168 1.00 24.07 ? 76   THR A OG1   1 
ATOM   575  C  CG2   . THR A 1 76  ? 2.677   14.100  -13.203 1.00 23.32 ? 76   THR A CG2   1 
ATOM   576  N  N     . HIS A 1 77  ? 2.670   15.190  -8.569  1.00 22.69 ? 77   HIS A N     1 
ATOM   577  C  CA    . HIS A 1 77  ? 2.114   15.411  -7.246  1.00 21.88 ? 77   HIS A CA    1 
ATOM   578  C  C     . HIS A 1 77  ? 0.798   14.708  -6.895  1.00 24.84 ? 77   HIS A C     1 
ATOM   579  O  O     . HIS A 1 77  ? 0.013   15.225  -6.099  1.00 25.63 ? 77   HIS A O     1 
ATOM   580  C  CB    . HIS A 1 77  ? 1.960   16.921  -7.074  1.00 23.32 ? 77   HIS A CB    1 
ATOM   581  C  CG    . HIS A 1 77  ? 3.146   17.699  -7.562  1.00 19.68 ? 77   HIS A CG    1 
ATOM   582  N  ND1   . HIS A 1 77  ? 3.060   19.010  -7.982  1.00 17.82 ? 77   HIS A ND1   1 
ATOM   583  C  CD2   . HIS A 1 77  ? 4.446   17.346  -7.696  1.00 17.85 ? 77   HIS A CD2   1 
ATOM   584  C  CE1   . HIS A 1 77  ? 4.257   19.429  -8.355  1.00 19.59 ? 77   HIS A CE1   1 
ATOM   585  N  NE2   . HIS A 1 77  ? 5.114   18.439  -8.193  1.00 20.70 ? 77   HIS A NE2   1 
ATOM   586  N  N     . GLU A 1 78  ? 0.552   13.536  -7.470  1.00 23.08 ? 78   GLU A N     1 
ATOM   587  C  CA    . GLU A 1 78  ? -0.675  12.806  -7.163  1.00 22.31 ? 78   GLU A CA    1 
ATOM   588  C  C     . GLU A 1 78  ? -0.450  11.300  -7.209  1.00 19.94 ? 78   GLU A C     1 
ATOM   589  O  O     . GLU A 1 78  ? 0.519   10.813  -7.785  1.00 17.15 ? 78   GLU A O     1 
ATOM   590  C  CB    . GLU A 1 78  ? -1.797  13.182  -8.143  1.00 24.39 ? 78   GLU A CB    1 
ATOM   591  C  CG    . GLU A 1 78  ? -2.128  14.673  -8.208  1.00 27.20 ? 78   GLU A CG    1 
ATOM   592  C  CD    . GLU A 1 78  ? -3.261  14.995  -9.189  1.00 34.40 ? 78   GLU A CD    1 
ATOM   593  O  OE1   . GLU A 1 78  ? -3.242  14.477  -10.329 1.00 34.82 ? 78   GLU A OE1   1 
ATOM   594  O  OE2   . GLU A 1 78  ? -4.167  15.780  -8.830  1.00 35.66 ? 78   GLU A OE2   1 
ATOM   595  N  N     . PHE A 1 79  ? -1.347  10.556  -6.584  1.00 19.32 ? 79   PHE A N     1 
ATOM   596  C  CA    . PHE A 1 79  ? -1.247  9.110   -6.591  1.00 16.02 ? 79   PHE A CA    1 
ATOM   597  C  C     . PHE A 1 79  ? -2.506  8.539   -5.993  1.00 17.24 ? 79   PHE A C     1 
ATOM   598  O  O     . PHE A 1 79  ? -3.223  9.227   -5.260  1.00 15.90 ? 79   PHE A O     1 
ATOM   599  C  CB    . PHE A 1 79  ? -0.009  8.639   -5.812  1.00 15.80 ? 79   PHE A CB    1 
ATOM   600  C  CG    . PHE A 1 79  ? 0.013   9.053   -4.355  1.00 19.81 ? 79   PHE A CG    1 
ATOM   601  C  CD1   . PHE A 1 79  ? -0.605  8.274   -3.383  1.00 21.39 ? 79   PHE A CD1   1 
ATOM   602  C  CD2   . PHE A 1 79  ? 0.705   10.191  -3.953  1.00 19.84 ? 79   PHE A CD2   1 
ATOM   603  C  CE1   . PHE A 1 79  ? -0.527  8.618   -2.031  1.00 25.38 ? 79   PHE A CE1   1 
ATOM   604  C  CE2   . PHE A 1 79  ? 0.787   10.546  -2.602  1.00 23.50 ? 79   PHE A CE2   1 
ATOM   605  C  CZ    . PHE A 1 79  ? 0.174   9.757   -1.642  1.00 22.26 ? 79   PHE A CZ    1 
ATOM   606  N  N     . VAL A 1 80  ? -2.798  7.292   -6.342  1.00 16.40 ? 80   VAL A N     1 
ATOM   607  C  CA    . VAL A 1 80  ? -3.974  6.629   -5.815  1.00 17.41 ? 80   VAL A CA    1 
ATOM   608  C  C     . VAL A 1 80  ? -3.526  5.354   -5.134  1.00 17.22 ? 80   VAL A C     1 
ATOM   609  O  O     . VAL A 1 80  ? -2.761  4.578   -5.703  1.00 19.77 ? 80   VAL A O     1 
ATOM   610  C  CB    . VAL A 1 80  ? -4.991  6.272   -6.933  1.00 20.15 ? 80   VAL A CB    1 
ATOM   611  C  CG1   . VAL A 1 80  ? -6.173  5.515   -6.337  1.00 17.60 ? 80   VAL A CG1   1 
ATOM   612  C  CG2   . VAL A 1 80  ? -5.484  7.539   -7.624  1.00 18.36 ? 80   VAL A CG2   1 
ATOM   613  N  N     . ILE A 1 81  ? -3.967  5.159   -3.897  1.00 20.67 ? 81   ILE A N     1 
ATOM   614  C  CA    . ILE A 1 81  ? -3.637  3.940   -3.168  1.00 20.20 ? 81   ILE A CA    1 
ATOM   615  C  C     . ILE A 1 81  ? -4.787  2.984   -3.440  1.00 19.78 ? 81   ILE A C     1 
ATOM   616  O  O     . ILE A 1 81  ? -5.945  3.348   -3.240  1.00 21.86 ? 81   ILE A O     1 
ATOM   617  C  CB    . ILE A 1 81  ? -3.520  4.197   -1.652  1.00 22.23 ? 81   ILE A CB    1 
ATOM   618  C  CG1   . ILE A 1 81  ? -2.248  5.008   -1.366  1.00 21.32 ? 81   ILE A CG1   1 
ATOM   619  C  CG2   . ILE A 1 81  ? -3.493  2.873   -0.897  1.00 18.08 ? 81   ILE A CG2   1 
ATOM   620  C  CD1   . ILE A 1 81  ? -2.117  5.457   0.071   1.00 22.77 ? 81   ILE A CD1   1 
ATOM   621  N  N     . ASN A 1 82  ? -4.468  1.777   -3.905  1.00 19.85 ? 82   ASN A N     1 
ATOM   622  C  CA    . ASN A 1 82  ? -5.480  0.771   -4.247  1.00 16.87 ? 82   ASN A CA    1 
ATOM   623  C  C     . ASN A 1 82  ? -5.337  -0.475  -3.390  1.00 16.28 ? 82   ASN A C     1 
ATOM   624  O  O     . ASN A 1 82  ? -4.308  -1.134  -3.437  1.00 17.00 ? 82   ASN A O     1 
ATOM   625  C  CB    . ASN A 1 82  ? -5.330  0.357   -5.715  1.00 14.53 ? 82   ASN A CB    1 
ATOM   626  C  CG    . ASN A 1 82  ? -5.505  1.513   -6.673  1.00 17.46 ? 82   ASN A CG    1 
ATOM   627  O  OD1   . ASN A 1 82  ? -6.597  1.740   -7.194  1.00 17.73 ? 82   ASN A OD1   1 
ATOM   628  N  ND2   . ASN A 1 82  ? -4.429  2.259   -6.908  1.00 17.47 ? 82   ASN A ND2   1 
ATOM   629  N  N     . ILE A 1 83  ? -6.370  -0.813  -2.628  1.00 17.65 ? 83   ILE A N     1 
ATOM   630  C  CA    . ILE A 1 83  ? -6.313  -2.000  -1.778  1.00 23.24 ? 83   ILE A CA    1 
ATOM   631  C  C     . ILE A 1 83  ? -6.232  -3.278  -2.619  1.00 23.77 ? 83   ILE A C     1 
ATOM   632  O  O     . ILE A 1 83  ? -6.850  -3.379  -3.676  1.00 24.51 ? 83   ILE A O     1 
ATOM   633  C  CB    . ILE A 1 83  ? -7.549  -2.105  -0.857  1.00 23.17 ? 83   ILE A CB    1 
ATOM   634  C  CG1   . ILE A 1 83  ? -7.775  -0.783  -0.123  1.00 26.40 ? 83   ILE A CG1   1 
ATOM   635  C  CG2   . ILE A 1 83  ? -7.346  -3.233  0.139   1.00 27.63 ? 83   ILE A CG2   1 
ATOM   636  C  CD1   . ILE A 1 83  ? -6.565  -0.286  0.647   1.00 20.13 ? 83   ILE A CD1   1 
ATOM   637  N  N     . THR A 1 84  ? -5.474  -4.256  -2.138  1.00 24.05 ? 84   THR A N     1 
ATOM   638  C  CA    . THR A 1 84  ? -5.314  -5.505  -2.860  1.00 23.23 ? 84   THR A CA    1 
ATOM   639  C  C     . THR A 1 84  ? -6.087  -6.670  -2.248  1.00 24.79 ? 84   THR A C     1 
ATOM   640  O  O     . THR A 1 84  ? -5.753  -7.142  -1.162  1.00 26.01 ? 84   THR A O     1 
ATOM   641  C  CB    . THR A 1 84  ? -3.829  -5.904  -2.939  1.00 22.67 ? 84   THR A CB    1 
ATOM   642  O  OG1   . THR A 1 84  ? -3.063  -4.809  -3.451  1.00 25.48 ? 84   THR A OG1   1 
ATOM   643  C  CG2   . THR A 1 84  ? -3.645  -7.095  -3.865  1.00 26.83 ? 84   THR A CG2   1 
ATOM   644  N  N     . PRO A 1 85  ? -7.151  -7.134  -2.931  1.00 24.27 ? 85   PRO A N     1 
ATOM   645  C  CA    . PRO A 1 85  ? -7.959  -8.264  -2.451  1.00 23.89 ? 85   PRO A CA    1 
ATOM   646  C  C     . PRO A 1 85  ? -7.212  -9.530  -2.853  1.00 20.55 ? 85   PRO A C     1 
ATOM   647  O  O     . PRO A 1 85  ? -6.545  -9.545  -3.878  1.00 18.06 ? 85   PRO A O     1 
ATOM   648  C  CB    . PRO A 1 85  ? -9.268  -8.099  -3.215  1.00 24.69 ? 85   PRO A CB    1 
ATOM   649  C  CG    . PRO A 1 85  ? -8.794  -7.547  -4.541  1.00 25.61 ? 85   PRO A CG    1 
ATOM   650  C  CD    . PRO A 1 85  ? -7.769  -6.509  -4.115  1.00 23.84 ? 85   PRO A CD    1 
ATOM   651  N  N     . ALA A 1 86  ? -7.320  -10.594 -2.064  1.00 24.81 ? 86   ALA A N     1 
ATOM   652  C  CA    . ALA A 1 86  ? -6.596  -11.821 -2.373  1.00 24.70 ? 86   ALA A CA    1 
ATOM   653  C  C     . ALA A 1 86  ? -6.904  -12.423 -3.746  1.00 27.75 ? 86   ALA A C     1 
ATOM   654  O  O     . ALA A 1 86  ? -6.058  -13.106 -4.322  1.00 27.59 ? 86   ALA A O     1 
ATOM   655  C  CB    . ALA A 1 86  ? -6.838  -12.858 -1.284  1.00 25.67 ? 86   ALA A CB    1 
ATOM   656  N  N     . ASP A 1 87  ? -8.093  -12.160 -4.285  1.00 25.69 ? 87   ASP A N     1 
ATOM   657  C  CA    . ASP A 1 87  ? -8.451  -12.724 -5.581  1.00 30.36 ? 87   ASP A CA    1 
ATOM   658  C  C     . ASP A 1 87  ? -7.578  -12.264 -6.750  1.00 27.85 ? 87   ASP A C     1 
ATOM   659  O  O     . ASP A 1 87  ? -7.657  -12.834 -7.831  1.00 25.55 ? 87   ASP A O     1 
ATOM   660  C  CB    . ASP A 1 87  ? -9.945  -12.498 -5.890  1.00 33.36 ? 87   ASP A CB    1 
ATOM   661  C  CG    . ASP A 1 87  ? -10.310 -11.036 -6.062  1.00 40.41 ? 87   ASP A CG    1 
ATOM   662  O  OD1   . ASP A 1 87  ? -11.525 -10.742 -6.087  1.00 45.23 ? 87   ASP A OD1   1 
ATOM   663  O  OD2   . ASP A 1 87  ? -9.406  -10.185 -6.183  1.00 45.12 ? 87   ASP A OD2   1 
ATOM   664  N  N     . ILE A 1 88  ? -6.748  -11.244 -6.540  1.00 25.06 ? 88   ILE A N     1 
ATOM   665  C  CA    . ILE A 1 88  ? -5.844  -10.788 -7.599  1.00 23.02 ? 88   ILE A CA    1 
ATOM   666  C  C     . ILE A 1 88  ? -4.410  -10.674 -7.072  1.00 23.61 ? 88   ILE A C     1 
ATOM   667  O  O     . ILE A 1 88  ? -3.609  -9.893  -7.600  1.00 22.64 ? 88   ILE A O     1 
ATOM   668  C  CB    . ILE A 1 88  ? -6.242  -9.404  -8.170  1.00 25.79 ? 88   ILE A CB    1 
ATOM   669  C  CG1   . ILE A 1 88  ? -6.173  -8.347  -7.063  1.00 25.55 ? 88   ILE A CG1   1 
ATOM   670  C  CG2   . ILE A 1 88  ? -7.619  -9.474  -8.813  1.00 21.59 ? 88   ILE A CG2   1 
ATOM   671  C  CD1   . ILE A 1 88  ? -6.385  -6.940  -7.554  1.00 29.22 ? 88   ILE A CD1   1 
ATOM   672  N  N     . ILE A 1 89  ? -4.085  -11.453 -6.042  1.00 21.09 ? 89   ILE A N     1 
ATOM   673  C  CA    . ILE A 1 89  ? -2.749  -11.397 -5.451  1.00 22.27 ? 89   ILE A CA    1 
ATOM   674  C  C     . ILE A 1 89  ? -1.642  -11.707 -6.453  1.00 22.63 ? 89   ILE A C     1 
ATOM   675  O  O     . ILE A 1 89  ? -0.591  -11.071 -6.441  1.00 24.17 ? 89   ILE A O     1 
ATOM   676  C  CB    . ILE A 1 89  ? -2.618  -12.350 -4.217  1.00 17.75 ? 89   ILE A CB    1 
ATOM   677  C  CG1   . ILE A 1 89  ? -1.227  -12.205 -3.591  1.00 11.67 ? 89   ILE A CG1   1 
ATOM   678  C  CG2   . ILE A 1 89  ? -2.869  -13.792 -4.634  1.00 23.56 ? 89   ILE A CG2   1 
ATOM   679  C  CD1   . ILE A 1 89  ? -1.079  -12.895 -2.243  1.00 13.27 ? 89   ILE A CD1   1 
ATOM   680  N  N     . GLU A 1 90  ? -1.872  -12.678 -7.327  1.00 26.04 ? 90   GLU A N     1 
ATOM   681  C  CA    . GLU A 1 90  ? -0.862  -13.023 -8.319  1.00 29.22 ? 90   GLU A CA    1 
ATOM   682  C  C     . GLU A 1 90  ? -0.676  -11.901 -9.333  1.00 27.11 ? 90   GLU A C     1 
ATOM   683  O  O     . GLU A 1 90  ? 0.413   -11.707 -9.863  1.00 26.97 ? 90   GLU A O     1 
ATOM   684  C  CB    . GLU A 1 90  ? -1.238  -14.317 -9.046  1.00 32.98 ? 90   GLU A CB    1 
ATOM   685  C  CG    . GLU A 1 90  ? -0.949  -15.588 -8.257  1.00 45.42 ? 90   GLU A CG    1 
ATOM   686  C  CD    . GLU A 1 90  ? -2.205  -16.256 -7.739  1.00 53.15 ? 90   GLU A CD    1 
ATOM   687  O  OE1   . GLU A 1 90  ? -2.897  -15.655 -6.889  1.00 60.30 ? 90   GLU A OE1   1 
ATOM   688  O  OE2   . GLU A 1 90  ? -2.506  -17.384 -8.187  1.00 55.04 ? 90   GLU A OE2   1 
ATOM   689  N  N     . ARG A 1 91  ? -1.748  -11.163 -9.596  1.00 28.41 ? 91   ARG A N     1 
ATOM   690  C  CA    . ARG A 1 91  ? -1.699  -10.064 -10.550 1.00 27.53 ? 91   ARG A CA    1 
ATOM   691  C  C     . ARG A 1 91  ? -1.002  -8.834  -9.988  1.00 26.84 ? 91   ARG A C     1 
ATOM   692  O  O     . ARG A 1 91  ? -0.263  -8.162  -10.703 1.00 26.18 ? 91   ARG A O     1 
ATOM   693  C  CB    . ARG A 1 91  ? -3.110  -9.687  -11.001 1.00 29.02 ? 91   ARG A CB    1 
ATOM   694  C  CG    . ARG A 1 91  ? -3.811  -10.770 -11.799 1.00 30.40 ? 91   ARG A CG    1 
ATOM   695  C  CD    . ARG A 1 91  ? -5.086  -10.248 -12.429 1.00 31.61 ? 91   ARG A CD    1 
ATOM   696  N  NE    . ARG A 1 91  ? -5.765  -11.285 -13.201 1.00 40.68 ? 91   ARG A NE    1 
ATOM   697  C  CZ    . ARG A 1 91  ? -5.274  -11.843 -14.302 1.00 40.55 ? 91   ARG A CZ    1 
ATOM   698  N  NH1   . ARG A 1 91  ? -4.095  -11.463 -14.775 1.00 41.51 ? 91   ARG A NH1   1 
ATOM   699  N  NH2   . ARG A 1 91  ? -5.954  -12.797 -14.920 1.00 42.13 ? 91   ARG A NH2   1 
ATOM   700  N  N     . MET A 1 92  ? -1.230  -8.528  -8.714  1.00 27.08 ? 92   MET A N     1 
ATOM   701  C  CA    . MET A 1 92  ? -0.578  -7.363  -8.130  1.00 29.96 ? 92   MET A CA    1 
ATOM   702  C  C     . MET A 1 92  ? 0.909   -7.674  -8.071  1.00 28.25 ? 92   MET A C     1 
ATOM   703  O  O     . MET A 1 92  ? 1.747   -6.796  -8.273  1.00 24.70 ? 92   MET A O     1 
ATOM   704  C  CB    . MET A 1 92  ? -1.129  -7.050  -6.728  1.00 28.72 ? 92   MET A CB    1 
ATOM   705  C  CG    . MET A 1 92  ? -0.584  -7.896  -5.596  1.00 33.40 ? 92   MET A CG    1 
ATOM   706  S  SD    . MET A 1 92  ? 1.032   -7.381  -4.976  1.00 26.62 ? 92   MET A SD    1 
ATOM   707  C  CE    . MET A 1 92  ? 1.288   -8.669  -3.841  1.00 32.23 ? 92   MET A CE    1 
ATOM   708  N  N     . TRP A 1 93  ? 1.228   -8.938  -7.815  1.00 26.33 ? 93   TRP A N     1 
ATOM   709  C  CA    . TRP A 1 93  ? 2.618   -9.357  -7.739  1.00 27.25 ? 93   TRP A CA    1 
ATOM   710  C  C     . TRP A 1 93  ? 3.343   -9.057  -9.043  1.00 28.47 ? 93   TRP A C     1 
ATOM   711  O  O     . TRP A 1 93  ? 4.509   -8.668  -9.033  1.00 29.31 ? 93   TRP A O     1 
ATOM   712  C  CB    . TRP A 1 93  ? 2.701   -10.852 -7.428  1.00 27.74 ? 93   TRP A CB    1 
ATOM   713  C  CG    . TRP A 1 93  ? 4.101   -11.402 -7.443  1.00 27.89 ? 93   TRP A CG    1 
ATOM   714  C  CD1   . TRP A 1 93  ? 4.737   -12.000 -8.493  1.00 23.32 ? 93   TRP A CD1   1 
ATOM   715  C  CD2   . TRP A 1 93  ? 5.027   -11.419 -6.349  1.00 25.18 ? 93   TRP A CD2   1 
ATOM   716  N  NE1   . TRP A 1 93  ? 5.999   -12.396 -8.119  1.00 28.46 ? 93   TRP A NE1   1 
ATOM   717  C  CE2   . TRP A 1 93  ? 6.205   -12.051 -6.809  1.00 29.04 ? 93   TRP A CE2   1 
ATOM   718  C  CE3   . TRP A 1 93  ? 4.978   -10.961 -5.027  1.00 25.44 ? 93   TRP A CE3   1 
ATOM   719  C  CZ2   . TRP A 1 93  ? 7.328   -12.239 -5.990  1.00 31.20 ? 93   TRP A CZ2   1 
ATOM   720  C  CZ3   . TRP A 1 93  ? 6.096   -11.146 -4.210  1.00 29.04 ? 93   TRP A CZ3   1 
ATOM   721  C  CH2   . TRP A 1 93  ? 7.254   -11.780 -4.698  1.00 30.80 ? 93   TRP A CH2   1 
ATOM   722  N  N     . VAL A 1 94  ? 2.649   -9.224  -10.166 1.00 26.09 ? 94   VAL A N     1 
ATOM   723  C  CA    . VAL A 1 94  ? 3.255   -8.967  -11.464 1.00 24.87 ? 94   VAL A CA    1 
ATOM   724  C  C     . VAL A 1 94  ? 3.571   -7.491  -11.641 1.00 24.79 ? 94   VAL A C     1 
ATOM   725  O  O     . VAL A 1 94  ? 4.561   -7.138  -12.275 1.00 24.76 ? 94   VAL A O     1 
ATOM   726  C  CB    . VAL A 1 94  ? 2.335   -9.426  -12.621 1.00 25.84 ? 94   VAL A CB    1 
ATOM   727  C  CG1   . VAL A 1 94  ? 2.847   -8.882  -13.955 1.00 21.48 ? 94   VAL A CG1   1 
ATOM   728  C  CG2   . VAL A 1 94  ? 2.282   -10.942 -12.658 1.00 24.18 ? 94   VAL A CG2   1 
ATOM   729  N  N     . THR A 1 95  ? 2.736   -6.628  -11.075 1.00 23.97 ? 95   THR A N     1 
ATOM   730  C  CA    . THR A 1 95  ? 2.963   -5.196  -11.197 1.00 27.44 ? 95   THR A CA    1 
ATOM   731  C  C     . THR A 1 95  ? 4.276   -4.791  -10.535 1.00 29.09 ? 95   THR A C     1 
ATOM   732  O  O     . THR A 1 95  ? 4.679   -3.627  -10.607 1.00 30.29 ? 95   THR A O     1 
ATOM   733  C  CB    . THR A 1 95  ? 1.816   -4.371  -10.565 1.00 26.44 ? 95   THR A CB    1 
ATOM   734  O  OG1   . THR A 1 95  ? 1.871   -4.477  -9.137  1.00 29.66 ? 95   THR A OG1   1 
ATOM   735  C  CG2   . THR A 1 95  ? 0.469   -4.878  -11.053 1.00 24.64 ? 95   THR A CG2   1 
ATOM   736  N  N     . ALA A 1 96  ? 4.954   -5.744  -9.900  1.00 28.50 ? 96   ALA A N     1 
ATOM   737  C  CA    . ALA A 1 96  ? 6.218   -5.425  -9.244  1.00 32.50 ? 96   ALA A CA    1 
ATOM   738  C  C     . ALA A 1 96  ? 7.390   -5.654  -10.175 1.00 33.24 ? 96   ALA A C     1 
ATOM   739  O  O     . ALA A 1 96  ? 8.503   -5.222  -9.883  1.00 34.68 ? 96   ALA A O     1 
ATOM   740  C  CB    . ALA A 1 96  ? 6.398   -6.250  -7.974  1.00 27.94 ? 96   ALA A CB    1 
ATOM   741  N  N     . ARG A 1 97  ? 7.150   -6.338  -11.291 1.00 33.47 ? 97   ARG A N     1 
ATOM   742  C  CA    . ARG A 1 97  ? 8.220   -6.592  -12.242 1.00 34.99 ? 97   ARG A CA    1 
ATOM   743  C  C     . ARG A 1 97  ? 8.783   -5.255  -12.699 1.00 37.42 ? 97   ARG A C     1 
ATOM   744  O  O     . ARG A 1 97  ? 8.107   -4.224  -12.625 1.00 37.65 ? 97   ARG A O     1 
ATOM   745  C  CB    . ARG A 1 97  ? 7.707   -7.397  -13.438 1.00 37.40 ? 97   ARG A CB    1 
ATOM   746  C  CG    . ARG A 1 97  ? 7.233   -8.786  -13.046 1.00 41.54 ? 97   ARG A CG    1 
ATOM   747  C  CD    . ARG A 1 97  ? 7.058   -9.719  -14.234 1.00 43.57 ? 97   ARG A CD    1 
ATOM   748  N  NE    . ARG A 1 97  ? 6.210   -9.149  -15.276 1.00 50.37 ? 97   ARG A NE    1 
ATOM   749  C  CZ    . ARG A 1 97  ? 5.470   -9.870  -16.114 1.00 51.48 ? 97   ARG A CZ    1 
ATOM   750  N  NH1   . ARG A 1 97  ? 5.468   -11.194 -16.031 1.00 50.14 ? 97   ARG A NH1   1 
ATOM   751  N  NH2   . ARG A 1 97  ? 4.739   -9.267  -17.043 1.00 50.87 ? 97   ARG A NH2   1 
ATOM   752  N  N     . ASP A 1 98  ? 10.025  -5.268  -13.163 1.00 36.84 ? 98   ASP A N     1 
ATOM   753  C  CA    . ASP A 1 98  ? 10.665  -4.041  -13.594 1.00 36.21 ? 98   ASP A CA    1 
ATOM   754  C  C     . ASP A 1 98  ? 10.299  -3.639  -15.017 1.00 39.05 ? 98   ASP A C     1 
ATOM   755  O  O     . ASP A 1 98  ? 11.126  -3.696  -15.929 1.00 39.96 ? 98   ASP A O     1 
ATOM   756  C  CB    . ASP A 1 98  ? 12.181  -4.168  -13.450 1.00 36.80 ? 98   ASP A CB    1 
ATOM   757  C  CG    . ASP A 1 98  ? 12.872  -2.830  -13.510 1.00 37.62 ? 98   ASP A CG    1 
ATOM   758  O  OD1   . ASP A 1 98  ? 12.326  -1.858  -12.942 1.00 34.74 ? 98   ASP A OD1   1 
ATOM   759  O  OD2   . ASP A 1 98  ? 13.960  -2.746  -14.109 1.00 37.20 ? 98   ASP A OD2   1 
ATOM   760  N  N     . ILE A 1 99  ? 9.048   -3.224  -15.187 1.00 39.24 ? 99   ILE A N     1 
ATOM   761  C  CA    . ILE A 1 99  ? 8.531   -2.792  -16.478 1.00 41.99 ? 99   ILE A CA    1 
ATOM   762  C  C     . ILE A 1 99  ? 9.112   -1.434  -16.872 1.00 42.16 ? 99   ILE A C     1 
ATOM   763  O  O     . ILE A 1 99  ? 9.248   -0.541  -16.036 1.00 40.73 ? 99   ILE A O     1 
ATOM   764  C  CB    . ILE A 1 99  ? 6.979   -2.709  -16.440 1.00 43.81 ? 99   ILE A CB    1 
ATOM   765  C  CG1   . ILE A 1 99  ? 6.374   -4.076  -16.779 1.00 47.69 ? 99   ILE A CG1   1 
ATOM   766  C  CG2   . ILE A 1 99  ? 6.473   -1.657  -17.416 1.00 45.98 ? 99   ILE A CG2   1 
ATOM   767  C  CD1   . ILE A 1 99  ? 6.840   -5.214  -15.895 1.00 45.16 ? 99   ILE A CD1   1 
ATOM   768  N  N     . PRO A 1 100 ? 9.461   -1.266  -18.161 1.00 43.07 ? 100  PRO A N     1 
ATOM   769  C  CA    . PRO A 1 100 ? 10.031  -0.016  -18.677 1.00 42.29 ? 100  PRO A CA    1 
ATOM   770  C  C     . PRO A 1 100 ? 9.216   1.207   -18.276 1.00 42.14 ? 100  PRO A C     1 
ATOM   771  O  O     . PRO A 1 100 ? 7.991   1.139   -18.159 1.00 42.06 ? 100  PRO A O     1 
ATOM   772  C  CB    . PRO A 1 100 ? 10.019  -0.232  -20.189 1.00 43.63 ? 100  PRO A CB    1 
ATOM   773  C  CG    . PRO A 1 100 ? 10.215  -1.707  -20.317 1.00 42.86 ? 100  PRO A CG    1 
ATOM   774  C  CD    . PRO A 1 100 ? 9.299   -2.252  -19.247 1.00 43.03 ? 100  PRO A CD    1 
ATOM   775  N  N     . ALA A 1 101 ? 9.903   2.323   -18.062 1.00 40.10 ? 101  ALA A N     1 
ATOM   776  C  CA    . ALA A 1 101 ? 9.233   3.561   -17.689 1.00 40.00 ? 101  ALA A CA    1 
ATOM   777  C  C     . ALA A 1 101 ? 8.224   3.911   -18.779 1.00 40.19 ? 101  ALA A C     1 
ATOM   778  O  O     . ALA A 1 101 ? 8.438   3.599   -19.952 1.00 41.57 ? 101  ALA A O     1 
ATOM   779  C  CB    . ALA A 1 101 ? 10.254  4.681   -17.538 1.00 39.00 ? 101  ALA A CB    1 
ATOM   780  N  N     . GLY A 1 102 ? 7.122   4.546   -18.393 1.00 38.33 ? 102  GLY A N     1 
ATOM   781  C  CA    . GLY A 1 102 ? 6.120   4.924   -19.371 1.00 38.04 ? 102  GLY A CA    1 
ATOM   782  C  C     . GLY A 1 102 ? 5.141   3.817   -19.709 1.00 38.49 ? 102  GLY A C     1 
ATOM   783  O  O     . GLY A 1 102 ? 4.063   4.085   -20.240 1.00 39.09 ? 102  GLY A O     1 
ATOM   784  N  N     . GLU A 1 103 ? 5.511   2.574   -19.406 1.00 39.80 ? 103  GLU A N     1 
ATOM   785  C  CA    . GLU A 1 103 ? 4.652   1.422   -19.672 1.00 40.36 ? 103  GLU A CA    1 
ATOM   786  C  C     . GLU A 1 103 ? 3.743   1.154   -18.474 1.00 40.01 ? 103  GLU A C     1 
ATOM   787  O  O     . GLU A 1 103 ? 4.166   1.251   -17.319 1.00 37.62 ? 103  GLU A O     1 
ATOM   788  C  CB    . GLU A 1 103 ? 5.490   0.174   -19.963 1.00 44.69 ? 103  GLU A CB    1 
ATOM   789  C  CG    . GLU A 1 103 ? 6.496   0.341   -21.098 1.00 54.97 ? 103  GLU A CG    1 
ATOM   790  C  CD    . GLU A 1 103 ? 5.848   0.729   -22.423 1.00 60.36 ? 103  GLU A CD    1 
ATOM   791  O  OE1   . GLU A 1 103 ? 5.035   -0.064  -22.951 1.00 63.77 ? 103  GLU A OE1   1 
ATOM   792  O  OE2   . GLU A 1 103 ? 6.154   1.828   -22.939 1.00 63.06 ? 103  GLU A OE2   1 
ATOM   793  N  N     . ASN A 1 104 ? 2.492   0.812   -18.762 1.00 35.96 ? 104  ASN A N     1 
ATOM   794  C  CA    . ASN A 1 104 ? 1.508   0.542   -17.727 1.00 32.18 ? 104  ASN A CA    1 
ATOM   795  C  C     . ASN A 1 104 ? 1.561   -0.924  -17.298 1.00 31.94 ? 104  ASN A C     1 
ATOM   796  O  O     . ASN A 1 104 ? 1.145   -1.809  -18.047 1.00 32.12 ? 104  ASN A O     1 
ATOM   797  C  CB    . ASN A 1 104 ? 0.113   0.879   -18.256 1.00 32.79 ? 104  ASN A CB    1 
ATOM   798  C  CG    . ASN A 1 104 ? -0.947  0.811   -17.184 1.00 34.40 ? 104  ASN A CG    1 
ATOM   799  O  OD1   . ASN A 1 104 ? -0.737  0.223   -16.122 1.00 33.07 ? 104  ASN A OD1   1 
ATOM   800  N  ND2   . ASN A 1 104 ? -2.105  1.401   -17.460 1.00 32.69 ? 104  ASN A ND2   1 
ATOM   801  N  N     . GLU A 1 105 ? 2.068   -1.185  -16.095 1.00 31.85 ? 105  GLU A N     1 
ATOM   802  C  CA    . GLU A 1 105 ? 2.163   -2.561  -15.610 1.00 30.85 ? 105  GLU A CA    1 
ATOM   803  C  C     . GLU A 1 105 ? 0.798   -3.182  -15.329 1.00 28.45 ? 105  GLU A C     1 
ATOM   804  O  O     . GLU A 1 105 ? 0.681   -4.396  -15.176 1.00 25.65 ? 105  GLU A O     1 
ATOM   805  C  CB    . GLU A 1 105 ? 3.051   -2.635  -14.363 1.00 29.81 ? 105  GLU A CB    1 
ATOM   806  C  CG    . GLU A 1 105 ? 2.910   -1.461  -13.437 1.00 33.32 ? 105  GLU A CG    1 
ATOM   807  C  CD    . GLU A 1 105 ? 3.931   -0.366  -13.701 1.00 32.99 ? 105  GLU A CD    1 
ATOM   808  O  OE1   . GLU A 1 105 ? 5.124   -0.586  -13.409 1.00 32.88 ? 105  GLU A OE1   1 
ATOM   809  O  OE2   . GLU A 1 105 ? 3.543   0.714   -14.198 1.00 28.78 ? 105  GLU A OE2   1 
ATOM   810  N  N     . LEU A 1 106 ? -0.236  -2.355  -15.260 1.00 26.42 ? 106  LEU A N     1 
ATOM   811  C  CA    . LEU A 1 106 ? -1.577  -2.874  -15.029 1.00 27.60 ? 106  LEU A CA    1 
ATOM   812  C  C     . LEU A 1 106 ? -1.949  -3.738  -16.233 1.00 29.62 ? 106  LEU A C     1 
ATOM   813  O  O     . LEU A 1 106 ? -2.622  -4.759  -16.092 1.00 30.59 ? 106  LEU A O     1 
ATOM   814  C  CB    . LEU A 1 106 ? -2.575  -1.727  -14.870 1.00 26.81 ? 106  LEU A CB    1 
ATOM   815  C  CG    . LEU A 1 106 ? -3.077  -1.352  -13.470 1.00 27.30 ? 106  LEU A CG    1 
ATOM   816  C  CD1   . LEU A 1 106 ? -2.164  -1.873  -12.383 1.00 25.03 ? 106  LEU A CD1   1 
ATOM   817  C  CD2   . LEU A 1 106 ? -3.203  0.142   -13.401 1.00 22.88 ? 106  LEU A CD2   1 
ATOM   818  N  N     . GLU A 1 107 ? -1.491  -3.330  -17.415 1.00 31.16 ? 107  GLU A N     1 
ATOM   819  C  CA    . GLU A 1 107 ? -1.765  -4.074  -18.638 1.00 33.34 ? 107  GLU A CA    1 
ATOM   820  C  C     . GLU A 1 107 ? -1.141  -5.459  -18.561 1.00 33.84 ? 107  GLU A C     1 
ATOM   821  O  O     . GLU A 1 107 ? -1.811  -6.464  -18.798 1.00 33.61 ? 107  GLU A O     1 
ATOM   822  C  CB    . GLU A 1 107 ? -1.205  -3.340  -19.860 1.00 34.77 ? 107  GLU A CB    1 
ATOM   823  C  CG    . GLU A 1 107 ? -1.772  -1.954  -20.086 1.00 42.27 ? 107  GLU A CG    1 
ATOM   824  C  CD    . GLU A 1 107 ? -1.230  -1.305  -21.350 1.00 47.17 ? 107  GLU A CD    1 
ATOM   825  O  OE1   . GLU A 1 107 ? -1.597  -0.144  -21.634 1.00 52.03 ? 107  GLU A OE1   1 
ATOM   826  O  OE2   . GLU A 1 107 ? -0.436  -1.954  -22.064 1.00 50.67 ? 107  GLU A OE2   1 
ATOM   827  N  N     . ALA A 1 108 ? 0.146   -5.509  -18.223 1.00 34.30 ? 108  ALA A N     1 
ATOM   828  C  CA    . ALA A 1 108 ? 0.858   -6.781  -18.117 1.00 34.26 ? 108  ALA A CA    1 
ATOM   829  C  C     . ALA A 1 108 ? 0.297   -7.653  -17.001 1.00 33.16 ? 108  ALA A C     1 
ATOM   830  O  O     . ALA A 1 108 ? 0.477   -8.868  -17.007 1.00 33.92 ? 108  ALA A O     1 
ATOM   831  C  CB    . ALA A 1 108 ? 2.346   -6.535  -17.880 1.00 34.14 ? 108  ALA A CB    1 
ATOM   832  N  N     . ALA A 1 109 ? -0.379  -7.031  -16.042 1.00 30.79 ? 109  ALA A N     1 
ATOM   833  C  CA    . ALA A 1 109 ? -0.950  -7.770  -14.924 1.00 28.07 ? 109  ALA A CA    1 
ATOM   834  C  C     . ALA A 1 109 ? -2.355  -8.259  -15.249 1.00 27.72 ? 109  ALA A C     1 
ATOM   835  O  O     . ALA A 1 109 ? -2.926  -9.072  -14.520 1.00 26.66 ? 109  ALA A O     1 
ATOM   836  C  CB    . ALA A 1 109 ? -0.979  -6.894  -13.676 1.00 24.20 ? 109  ALA A CB    1 
ATOM   837  N  N     . GLY A 1 110 ? -2.908  -7.764  -16.348 1.00 26.73 ? 110  GLY A N     1 
ATOM   838  C  CA    . GLY A 1 110 ? -4.249  -8.169  -16.717 1.00 26.90 ? 110  GLY A CA    1 
ATOM   839  C  C     . GLY A 1 110 ? -5.251  -7.500  -15.799 1.00 28.86 ? 110  GLY A C     1 
ATOM   840  O  O     . GLY A 1 110 ? -6.318  -8.046  -15.518 1.00 30.39 ? 110  GLY A O     1 
ATOM   841  N  N     . LEU A 1 111 ? -4.893  -6.317  -15.308 1.00 25.86 ? 111  LEU A N     1 
ATOM   842  C  CA    . LEU A 1 111 ? -5.774  -5.560  -14.432 1.00 25.03 ? 111  LEU A CA    1 
ATOM   843  C  C     . LEU A 1 111 ? -6.359  -4.402  -15.224 1.00 25.22 ? 111  LEU A C     1 
ATOM   844  O  O     . LEU A 1 111 ? -5.819  -4.001  -16.255 1.00 25.00 ? 111  LEU A O     1 
ATOM   845  C  CB    . LEU A 1 111 ? -5.002  -5.027  -13.221 1.00 24.89 ? 111  LEU A CB    1 
ATOM   846  C  CG    . LEU A 1 111 ? -4.567  -6.075  -12.193 1.00 26.27 ? 111  LEU A CG    1 
ATOM   847  C  CD1   . LEU A 1 111 ? -3.592  -5.466  -11.189 1.00 25.39 ? 111  LEU A CD1   1 
ATOM   848  C  CD2   . LEU A 1 111 ? -5.800  -6.619  -11.493 1.00 22.18 ? 111  LEU A CD2   1 
ATOM   849  N  N     . ALA A 1 112 ? -7.473  -3.872  -14.744 1.00 25.24 ? 112  ALA A N     1 
ATOM   850  C  CA    . ALA A 1 112 ? -8.129  -2.768  -15.419 1.00 24.08 ? 112  ALA A CA    1 
ATOM   851  C  C     . ALA A 1 112 ? -8.141  -1.547  -14.519 1.00 24.74 ? 112  ALA A C     1 
ATOM   852  O  O     . ALA A 1 112 ? -8.055  -1.658  -13.292 1.00 25.18 ? 112  ALA A O     1 
ATOM   853  C  CB    . ALA A 1 112 ? -9.552  -3.157  -15.795 1.00 18.18 ? 112  ALA A CB    1 
ATOM   854  N  N     . TRP A 1 113 ? -8.256  -0.381  -15.139 1.00 24.83 ? 113  TRP A N     1 
ATOM   855  C  CA    . TRP A 1 113 ? -8.276  0.874   -14.412 1.00 25.39 ? 113  TRP A CA    1 
ATOM   856  C  C     . TRP A 1 113 ? -9.338  1.794   -14.984 1.00 26.34 ? 113  TRP A C     1 
ATOM   857  O  O     . TRP A 1 113 ? -9.695  1.705   -16.154 1.00 29.01 ? 113  TRP A O     1 
ATOM   858  C  CB    . TRP A 1 113 ? -6.912  1.545   -14.523 1.00 26.57 ? 113  TRP A CB    1 
ATOM   859  C  CG    . TRP A 1 113 ? -6.526  1.831   -15.939 1.00 27.23 ? 113  TRP A CG    1 
ATOM   860  C  CD1   . TRP A 1 113 ? -6.751  2.985   -16.638 1.00 25.36 ? 113  TRP A CD1   1 
ATOM   861  C  CD2   . TRP A 1 113 ? -5.886  0.928   -16.848 1.00 24.77 ? 113  TRP A CD2   1 
ATOM   862  N  NE1   . TRP A 1 113 ? -6.290  2.854   -17.926 1.00 23.99 ? 113  TRP A NE1   1 
ATOM   863  C  CE2   . TRP A 1 113 ? -5.753  1.601   -18.082 1.00 26.30 ? 113  TRP A CE2   1 
ATOM   864  C  CE3   . TRP A 1 113 ? -5.415  -0.386  -16.740 1.00 26.36 ? 113  TRP A CE3   1 
ATOM   865  C  CZ2   . TRP A 1 113 ? -5.165  1.004   -19.203 1.00 25.50 ? 113  TRP A CZ2   1 
ATOM   866  C  CZ3   . TRP A 1 113 ? -4.830  -0.982  -17.858 1.00 29.00 ? 113  TRP A CZ3   1 
ATOM   867  C  CH2   . TRP A 1 113 ? -4.711  -0.285  -19.071 1.00 26.96 ? 113  TRP A CH2   1 
ATOM   868  N  N     . THR A 1 114 ? -9.847  2.678   -14.147 1.00 27.43 ? 114  THR A N     1 
ATOM   869  C  CA    . THR A 1 114 ? -10.848 3.630   -14.577 1.00 30.88 ? 114  THR A CA    1 
ATOM   870  C  C     . THR A 1 114 ? -10.439 4.972   -13.993 1.00 32.67 ? 114  THR A C     1 
ATOM   871  O  O     . THR A 1 114 ? -9.614  5.030   -13.081 1.00 31.43 ? 114  THR A O     1 
ATOM   872  C  CB    . THR A 1 114 ? -12.249 3.224   -14.089 1.00 31.91 ? 114  THR A CB    1 
ATOM   873  O  OG1   . THR A 1 114 ? -13.187 4.255   -14.409 1.00 34.17 ? 114  THR A OG1   1 
ATOM   874  C  CG2   . THR A 1 114 ? -12.242 2.982   -12.602 1.00 31.36 ? 114  THR A CG2   1 
ATOM   875  N  N     . SER A 1 115 ? -10.999 6.048   -14.525 1.00 31.08 ? 115  SER A N     1 
ATOM   876  C  CA    . SER A 1 115 ? -10.654 7.384   -14.060 1.00 31.88 ? 115  SER A CA    1 
ATOM   877  C  C     . SER A 1 115 ? -10.991 7.612   -12.591 1.00 31.86 ? 115  SER A C     1 
ATOM   878  O  O     . SER A 1 115 ? -11.930 7.020   -12.059 1.00 31.94 ? 115  SER A O     1 
ATOM   879  C  CB    . SER A 1 115 ? -11.394 8.425   -14.890 1.00 29.99 ? 115  SER A CB    1 
ATOM   880  O  OG    . SER A 1 115 ? -12.787 8.304   -14.669 1.00 31.71 ? 115  SER A OG    1 
ATOM   881  N  N     . SER A 1 116 ? -10.213 8.476   -11.950 1.00 28.62 ? 116  SER A N     1 
ATOM   882  C  CA    . SER A 1 116 ? -10.442 8.833   -10.560 1.00 32.21 ? 116  SER A CA    1 
ATOM   883  C  C     . SER A 1 116 ? -11.349 10.058  -10.591 1.00 34.39 ? 116  SER A C     1 
ATOM   884  O  O     . SER A 1 116 ? -11.529 10.675  -11.641 1.00 35.96 ? 116  SER A O     1 
ATOM   885  C  CB    . SER A 1 116 ? -9.124  9.181   -9.863  1.00 32.54 ? 116  SER A CB    1 
ATOM   886  O  OG    . SER A 1 116 ? -8.288  8.045   -9.739  1.00 31.16 ? 116  SER A OG    1 
ATOM   887  N  N     . ARG A 1 117 ? -11.920 10.414  -9.450  1.00 35.74 ? 117  ARG A N     1 
ATOM   888  C  CA    . ARG A 1 117 ? -12.808 11.563  -9.395  1.00 38.29 ? 117  ARG A CA    1 
ATOM   889  C  C     . ARG A 1 117 ? -12.099 12.905  -9.266  1.00 37.52 ? 117  ARG A C     1 
ATOM   890  O  O     . ARG A 1 117 ? -12.532 13.894  -9.856  1.00 36.52 ? 117  ARG A O     1 
ATOM   891  C  CB    . ARG A 1 117 ? -13.791 11.414  -8.236  1.00 44.09 ? 117  ARG A CB    1 
ATOM   892  C  CG    . ARG A 1 117 ? -15.140 10.824  -8.613  1.00 53.05 ? 117  ARG A CG    1 
ATOM   893  C  CD    . ARG A 1 117 ? -16.248 11.663  -7.983  1.00 59.43 ? 117  ARG A CD    1 
ATOM   894  N  NE    . ARG A 1 117 ? -15.988 11.885  -6.562  1.00 63.95 ? 117  ARG A NE    1 
ATOM   895  C  CZ    . ARG A 1 117 ? -16.602 12.796  -5.815  1.00 65.78 ? 117  ARG A CZ    1 
ATOM   896  N  NH1   . ARG A 1 117 ? -17.524 13.588  -6.347  1.00 66.64 ? 117  ARG A NH1   1 
ATOM   897  N  NH2   . ARG A 1 117 ? -16.289 12.918  -4.532  1.00 66.22 ? 117  ARG A NH2   1 
ATOM   898  N  N     . ARG A 1 118 ? -11.010 12.945  -8.507  1.00 35.88 ? 118  ARG A N     1 
ATOM   899  C  CA    . ARG A 1 118 ? -10.295 14.194  -8.286  1.00 35.81 ? 118  ARG A CA    1 
ATOM   900  C  C     . ARG A 1 118 ? -8.864  14.287  -8.815  1.00 35.21 ? 118  ARG A C     1 
ATOM   901  O  O     . ARG A 1 118 ? -8.335  15.386  -8.973  1.00 35.32 ? 118  ARG A O     1 
ATOM   902  C  CB    . ARG A 1 118 ? -10.288 14.505  -6.787  1.00 38.95 ? 118  ARG A CB    1 
ATOM   903  C  CG    . ARG A 1 118 ? -11.624 14.957  -6.222  1.00 46.17 ? 118  ARG A CG    1 
ATOM   904  C  CD    . ARG A 1 118 ? -11.889 16.414  -6.564  1.00 54.81 ? 118  ARG A CD    1 
ATOM   905  N  NE    . ARG A 1 118 ? -10.791 17.279  -6.127  1.00 64.22 ? 118  ARG A NE    1 
ATOM   906  C  CZ    . ARG A 1 118 ? -10.507 17.565  -4.857  1.00 65.19 ? 118  ARG A CZ    1 
ATOM   907  N  NH1   . ARG A 1 118 ? -11.246 17.060  -3.875  1.00 66.29 ? 118  ARG A NH1   1 
ATOM   908  N  NH2   . ARG A 1 118 ? -9.476  18.351  -4.568  1.00 63.14 ? 118  ARG A NH2   1 
ATOM   909  N  N     . VAL A 1 119 ? -8.227  13.156  -9.088  1.00 33.37 ? 119  VAL A N     1 
ATOM   910  C  CA    . VAL A 1 119 ? -6.847  13.197  -9.560  1.00 29.10 ? 119  VAL A CA    1 
ATOM   911  C  C     . VAL A 1 119 ? -6.646  12.559  -10.929 1.00 27.20 ? 119  VAL A C     1 
ATOM   912  O  O     . VAL A 1 119 ? -7.540  11.900  -11.451 1.00 28.51 ? 119  VAL A O     1 
ATOM   913  C  CB    . VAL A 1 119 ? -5.921  12.507  -8.554  1.00 27.84 ? 119  VAL A CB    1 
ATOM   914  C  CG1   . VAL A 1 119 ? -6.049  13.180  -7.196  1.00 30.47 ? 119  VAL A CG1   1 
ATOM   915  C  CG2   . VAL A 1 119 ? -6.275  11.031  -8.458  1.00 25.55 ? 119  VAL A CG2   1 
ATOM   916  N  N     . LYS A 1 120 ? -5.459  12.755  -11.492 1.00 27.95 ? 120  LYS A N     1 
ATOM   917  C  CA    . LYS A 1 120 ? -5.116  12.217  -12.805 1.00 28.23 ? 120  LYS A CA    1 
ATOM   918  C  C     . LYS A 1 120 ? -4.909  10.702  -12.805 1.00 26.64 ? 120  LYS A C     1 
ATOM   919  O  O     . LYS A 1 120 ? -5.543  9.994   -13.583 1.00 28.00 ? 120  LYS A O     1 
ATOM   920  C  CB    . LYS A 1 120 ? -3.855  12.897  -13.337 1.00 31.33 ? 120  LYS A CB    1 
ATOM   921  C  CG    . LYS A 1 120 ? -3.947  13.345  -14.790 1.00 39.97 ? 120  LYS A CG    1 
ATOM   922  C  CD    . LYS A 1 120 ? -4.936  14.492  -14.937 1.00 45.32 ? 120  LYS A CD    1 
ATOM   923  C  CE    . LYS A 1 120 ? -4.968  15.042  -16.354 1.00 48.02 ? 120  LYS A CE    1 
ATOM   924  N  NZ    . LYS A 1 120 ? -5.858  16.237  -16.437 1.00 49.42 ? 120  LYS A NZ    1 
ATOM   925  N  N     . PRO A 1 121 ? -4.007  10.182  -11.947 1.00 25.75 ? 121  PRO A N     1 
ATOM   926  C  CA    . PRO A 1 121 ? -3.813  8.726   -11.952 1.00 22.36 ? 121  PRO A CA    1 
ATOM   927  C  C     . PRO A 1 121 ? -5.128  7.978   -11.739 1.00 23.45 ? 121  PRO A C     1 
ATOM   928  O  O     . PRO A 1 121 ? -6.030  8.467   -11.057 1.00 24.36 ? 121  PRO A O     1 
ATOM   929  C  CB    . PRO A 1 121 ? -2.789  8.495   -10.837 1.00 23.51 ? 121  PRO A CB    1 
ATOM   930  C  CG    . PRO A 1 121 ? -2.928  9.714   -9.958  1.00 25.24 ? 121  PRO A CG    1 
ATOM   931  C  CD    . PRO A 1 121 ? -3.155  10.828  -10.935 1.00 22.74 ? 121  PRO A CD    1 
ATOM   932  N  N     . PRO A 1 122 ? -5.251  6.776   -12.326 1.00 22.90 ? 122  PRO A N     1 
ATOM   933  C  CA    . PRO A 1 122 ? -6.455  5.944   -12.229 1.00 22.87 ? 122  PRO A CA    1 
ATOM   934  C  C     . PRO A 1 122 ? -6.631  5.077   -10.992 1.00 25.69 ? 122  PRO A C     1 
ATOM   935  O  O     . PRO A 1 122 ? -5.702  4.860   -10.211 1.00 28.44 ? 122  PRO A O     1 
ATOM   936  C  CB    . PRO A 1 122 ? -6.353  5.084   -13.474 1.00 24.97 ? 122  PRO A CB    1 
ATOM   937  C  CG    . PRO A 1 122 ? -4.881  4.782   -13.493 1.00 22.93 ? 122  PRO A CG    1 
ATOM   938  C  CD    . PRO A 1 122 ? -4.262  6.149   -13.220 1.00 18.53 ? 122  PRO A CD    1 
ATOM   939  N  N     . ARG A 1 123 ? -7.851  4.575   -10.845 1.00 24.01 ? 123  ARG A N     1 
ATOM   940  C  CA    . ARG A 1 123 ? -8.207  3.680   -9.763  1.00 25.94 ? 123  ARG A CA    1 
ATOM   941  C  C     . ARG A 1 123 ? -8.247  2.298   -10.409 1.00 28.79 ? 123  ARG A C     1 
ATOM   942  O  O     . ARG A 1 123 ? -8.746  2.152   -11.527 1.00 27.67 ? 123  ARG A O     1 
ATOM   943  C  CB    . ARG A 1 123 ? -9.589  4.030   -9.218  1.00 23.65 ? 123  ARG A CB    1 
ATOM   944  C  CG    . ARG A 1 123 ? -9.661  5.377   -8.535  1.00 26.94 ? 123  ARG A CG    1 
ATOM   945  C  CD    . ARG A 1 123 ? -11.069 5.665   -8.048  1.00 26.60 ? 123  ARG A CD    1 
ATOM   946  N  NE    . ARG A 1 123 ? -11.957 6.019   -9.150  1.00 28.96 ? 123  ARG A NE    1 
ATOM   947  C  CZ    . ARG A 1 123 ? -13.264 6.222   -9.023  1.00 32.17 ? 123  ARG A CZ    1 
ATOM   948  N  NH1   . ARG A 1 123 ? -13.848 6.106   -7.836  1.00 32.18 ? 123  ARG A NH1   1 
ATOM   949  N  NH2   . ARG A 1 123 ? -13.986 6.546   -10.084 1.00 32.72 ? 123  ARG A NH2   1 
ATOM   950  N  N     . ILE A 1 124 ? -7.718  1.286   -9.728  1.00 26.91 ? 124  ILE A N     1 
ATOM   951  C  CA    . ILE A 1 124 ? -7.724  -0.053  -10.295 1.00 23.28 ? 124  ILE A CA    1 
ATOM   952  C  C     . ILE A 1 124 ? -9.090  -0.686  -10.079 1.00 26.22 ? 124  ILE A C     1 
ATOM   953  O  O     . ILE A 1 124 ? -9.578  -0.788  -8.951  1.00 24.09 ? 124  ILE A O     1 
ATOM   954  C  CB    . ILE A 1 124 ? -6.613  -0.919  -9.681  1.00 25.22 ? 124  ILE A CB    1 
ATOM   955  C  CG1   . ILE A 1 124 ? -5.246  -0.319  -10.039 1.00 22.74 ? 124  ILE A CG1   1 
ATOM   956  C  CG2   . ILE A 1 124 ? -6.711  -2.349  -10.197 1.00 20.77 ? 124  ILE A CG2   1 
ATOM   957  C  CD1   . ILE A 1 124 ? -4.053  -1.012  -9.368  1.00 19.85 ? 124  ILE A CD1   1 
ATOM   958  N  N     . VAL A 1 125 ? -9.707  -1.086  -11.185 1.00 21.74 ? 125  VAL A N     1 
ATOM   959  C  CA    . VAL A 1 125 ? -11.036 -1.685  -11.173 1.00 22.47 ? 125  VAL A CA    1 
ATOM   960  C  C     . VAL A 1 125 ? -11.195 -2.855  -10.213 1.00 23.00 ? 125  VAL A C     1 
ATOM   961  O  O     . VAL A 1 125 ? -12.175 -2.926  -9.473  1.00 24.74 ? 125  VAL A O     1 
ATOM   962  C  CB    . VAL A 1 125 ? -11.435 -2.139  -12.599 1.00 23.68 ? 125  VAL A CB    1 
ATOM   963  C  CG1   . VAL A 1 125 ? -12.713 -2.934  -12.556 1.00 22.38 ? 125  VAL A CG1   1 
ATOM   964  C  CG2   . VAL A 1 125 ? -11.605 -0.921  -13.495 1.00 19.38 ? 125  VAL A CG2   1 
ATOM   965  N  N     . GLU A 1 126 ? -10.237 -3.770  -10.225 1.00 23.10 ? 126  GLU A N     1 
ATOM   966  C  CA    . GLU A 1 126 ? -10.293 -4.938  -9.360  1.00 24.27 ? 126  GLU A CA    1 
ATOM   967  C  C     . GLU A 1 126 ? -10.136 -4.588  -7.881  1.00 27.33 ? 126  GLU A C     1 
ATOM   968  O  O     . GLU A 1 126 ? -10.445 -5.411  -7.016  1.00 28.59 ? 126  GLU A O     1 
ATOM   969  C  CB    . GLU A 1 126 ? -9.214  -5.942  -9.765  1.00 26.22 ? 126  GLU A CB    1 
ATOM   970  C  CG    . GLU A 1 126 ? -9.376  -6.548  -11.158 1.00 28.84 ? 126  GLU A CG    1 
ATOM   971  C  CD    . GLU A 1 126 ? -9.151  -5.551  -12.284 1.00 31.69 ? 126  GLU A CD    1 
ATOM   972  O  OE1   . GLU A 1 126 ? -8.484  -4.515  -12.066 1.00 28.40 ? 126  GLU A OE1   1 
ATOM   973  O  OE2   . GLU A 1 126 ? -9.628  -5.816  -13.404 1.00 30.50 ? 126  GLU A OE2   1 
ATOM   974  N  N     . ALA A 1 127 ? -9.653  -3.383  -7.587  1.00 22.60 ? 127  ALA A N     1 
ATOM   975  C  CA    . ALA A 1 127 ? -9.467  -2.957  -6.200  1.00 23.72 ? 127  ALA A CA    1 
ATOM   976  C  C     . ALA A 1 127 ? -10.791 -2.493  -5.582  1.00 24.55 ? 127  ALA A C     1 
ATOM   977  O  O     . ALA A 1 127 ? -11.495 -1.652  -6.145  1.00 25.70 ? 127  ALA A O     1 
ATOM   978  C  CB    . ALA A 1 127 ? -8.432  -1.841  -6.126  1.00 20.56 ? 127  ALA A CB    1 
ATOM   979  N  N     . PRO A 1 128 ? -11.139 -3.035  -4.403  1.00 25.92 ? 128  PRO A N     1 
ATOM   980  C  CA    . PRO A 1 128 ? -12.368 -2.719  -3.667  1.00 25.87 ? 128  PRO A CA    1 
ATOM   981  C  C     . PRO A 1 128 ? -12.354 -1.377  -2.946  1.00 25.50 ? 128  PRO A C     1 
ATOM   982  O  O     . PRO A 1 128 ? -13.396 -0.894  -2.504  1.00 24.31 ? 128  PRO A O     1 
ATOM   983  C  CB    . PRO A 1 128 ? -12.474 -3.880  -2.689  1.00 26.29 ? 128  PRO A CB    1 
ATOM   984  C  CG    . PRO A 1 128 ? -11.054 -4.096  -2.328  1.00 25.97 ? 128  PRO A CG    1 
ATOM   985  C  CD    . PRO A 1 128 ? -10.355 -4.051  -3.678  1.00 25.78 ? 128  PRO A CD    1 
ATOM   986  N  N     . GLY A 1 129 ? -11.171 -0.785  -2.820  1.00 23.78 ? 129  GLY A N     1 
ATOM   987  C  CA    . GLY A 1 129 ? -11.051 0.493   -2.143  1.00 22.50 ? 129  GLY A CA    1 
ATOM   988  C  C     . GLY A 1 129 ? -9.968  1.347   -2.762  1.00 23.02 ? 129  GLY A C     1 
ATOM   989  O  O     . GLY A 1 129 ? -8.905  0.840   -3.133  1.00 23.04 ? 129  GLY A O     1 
ATOM   990  N  N     . HIS A 1 130 ? -10.230 2.644   -2.889  1.00 21.41 ? 130  HIS A N     1 
ATOM   991  C  CA    . HIS A 1 130 ? -9.245  3.539   -3.478  1.00 25.49 ? 130  HIS A CA    1 
ATOM   992  C  C     . HIS A 1 130 ? -9.133  4.825   -2.698  1.00 26.03 ? 130  HIS A C     1 
ATOM   993  O  O     . HIS A 1 130 ? -10.139 5.381   -2.254  1.00 24.62 ? 130  HIS A O     1 
ATOM   994  C  CB    . HIS A 1 130 ? -9.600  3.902   -4.927  1.00 29.81 ? 130  HIS A CB    1 
ATOM   995  C  CG    . HIS A 1 130 ? -10.356 2.841   -5.659  1.00 27.74 ? 130  HIS A CG    1 
ATOM   996  N  ND1   . HIS A 1 130 ? -11.729 2.746   -5.615  1.00 26.84 ? 130  HIS A ND1   1 
ATOM   997  C  CD2   . HIS A 1 130 ? -9.932  1.833   -6.458  1.00 27.37 ? 130  HIS A CD2   1 
ATOM   998  C  CE1   . HIS A 1 130 ? -12.120 1.724   -6.356  1.00 33.19 ? 130  HIS A CE1   1 
ATOM   999  N  NE2   . HIS A 1 130 ? -11.047 1.153   -6.879  1.00 29.91 ? 130  HIS A NE2   1 
ATOM   1000 N  N     . LEU A 1 131 ? -7.901  5.299   -2.553  1.00 23.73 ? 131  LEU A N     1 
ATOM   1001 C  CA    . LEU A 1 131 ? -7.631  6.541   -1.853  1.00 25.46 ? 131  LEU A CA    1 
ATOM   1002 C  C     . LEU A 1 131 ? -6.930  7.497   -2.816  1.00 24.22 ? 131  LEU A C     1 
ATOM   1003 O  O     . LEU A 1 131 ? -5.740  7.339   -3.086  1.00 28.52 ? 131  LEU A O     1 
ATOM   1004 C  CB    . LEU A 1 131 ? -6.739  6.287   -0.631  1.00 23.57 ? 131  LEU A CB    1 
ATOM   1005 C  CG    . LEU A 1 131 ? -7.291  5.359   0.452   1.00 24.31 ? 131  LEU A CG    1 
ATOM   1006 C  CD1   . LEU A 1 131 ? -6.323  5.310   1.624   1.00 20.61 ? 131  LEU A CD1   1 
ATOM   1007 C  CD2   . LEU A 1 131 ? -8.648  5.852   0.912   1.00 20.97 ? 131  LEU A CD2   1 
ATOM   1008 N  N     . GLU A 1 132 ? -7.671  8.469   -3.346  1.00 21.04 ? 132  GLU A N     1 
ATOM   1009 C  CA    . GLU A 1 132 ? -7.108  9.451   -4.267  1.00 20.04 ? 132  GLU A CA    1 
ATOM   1010 C  C     . GLU A 1 132 ? -6.364  10.496  -3.452  1.00 22.68 ? 132  GLU A C     1 
ATOM   1011 O  O     . GLU A 1 132 ? -6.961  11.219  -2.656  1.00 22.31 ? 132  GLU A O     1 
ATOM   1012 C  CB    . GLU A 1 132 ? -8.219  10.108  -5.089  1.00 23.33 ? 132  GLU A CB    1 
ATOM   1013 C  CG    . GLU A 1 132 ? -8.874  9.162   -6.074  1.00 24.85 ? 132  GLU A CG    1 
ATOM   1014 C  CD    . GLU A 1 132 ? -9.929  9.839   -6.911  1.00 28.67 ? 132  GLU A CD    1 
ATOM   1015 O  OE1   . GLU A 1 132 ? -9.683  10.979  -7.351  1.00 33.38 ? 132  GLU A OE1   1 
ATOM   1016 O  OE2   . GLU A 1 132 ? -10.996 9.232   -7.144  1.00 27.84 ? 132  GLU A OE2   1 
ATOM   1017 N  N     . CYS A 1 133 ? -5.057  10.586  -3.663  1.00 23.45 ? 133  CYS A N     1 
ATOM   1018 C  CA    . CYS A 1 133 ? -4.246  11.505  -2.888  1.00 25.43 ? 133  CYS A CA    1 
ATOM   1019 C  C     . CYS A 1 133 ? -3.487  12.570  -3.655  1.00 27.29 ? 133  CYS A C     1 
ATOM   1020 O  O     . CYS A 1 133 ? -3.119  12.391  -4.820  1.00 26.10 ? 133  CYS A O     1 
ATOM   1021 C  CB    . CYS A 1 133 ? -3.235  10.710  -2.050  1.00 27.28 ? 133  CYS A CB    1 
ATOM   1022 S  SG    . CYS A 1 133 ? -3.959  9.399   -1.031  1.00 27.13 ? 133  CYS A SG    1 
ATOM   1023 N  N     . GLU A 1 134 ? -3.254  13.678  -2.960  1.00 26.77 ? 134  GLU A N     1 
ATOM   1024 C  CA    . GLU A 1 134 ? -2.491  14.796  -3.488  1.00 28.88 ? 134  GLU A CA    1 
ATOM   1025 C  C     . GLU A 1 134 ? -1.239  14.901  -2.639  1.00 27.20 ? 134  GLU A C     1 
ATOM   1026 O  O     . GLU A 1 134 ? -1.314  14.947  -1.412  1.00 25.72 ? 134  GLU A O     1 
ATOM   1027 C  CB    . GLU A 1 134 ? -3.278  16.096  -3.388  1.00 30.46 ? 134  GLU A CB    1 
ATOM   1028 C  CG    . GLU A 1 134 ? -4.190  16.357  -4.560  1.00 34.00 ? 134  GLU A CG    1 
ATOM   1029 C  CD    . GLU A 1 134 ? -4.763  17.746  -4.498  1.00 39.00 ? 134  GLU A CD    1 
ATOM   1030 O  OE1   . GLU A 1 134 ? -4.086  18.615  -3.905  1.00 37.18 ? 134  GLU A OE1   1 
ATOM   1031 O  OE2   . GLU A 1 134 ? -5.868  17.973  -5.042  1.00 42.13 ? 134  GLU A OE2   1 
ATOM   1032 N  N     . LEU A 1 135 ? -0.087  14.931  -3.293  1.00 23.65 ? 135  LEU A N     1 
ATOM   1033 C  CA    . LEU A 1 135 ? 1.162   15.021  -2.574  1.00 23.64 ? 135  LEU A CA    1 
ATOM   1034 C  C     . LEU A 1 135 ? 1.113   16.083  -1.492  1.00 27.07 ? 135  LEU A C     1 
ATOM   1035 O  O     . LEU A 1 135 ? 0.530   17.155  -1.673  1.00 26.46 ? 135  LEU A O     1 
ATOM   1036 C  CB    . LEU A 1 135 ? 2.304   15.356  -3.526  1.00 24.97 ? 135  LEU A CB    1 
ATOM   1037 C  CG    . LEU A 1 135 ? 3.640   15.664  -2.850  1.00 28.10 ? 135  LEU A CG    1 
ATOM   1038 C  CD1   . LEU A 1 135 ? 4.199   14.393  -2.207  1.00 21.29 ? 135  LEU A CD1   1 
ATOM   1039 C  CD2   . LEU A 1 135 ? 4.610   16.226  -3.876  1.00 25.08 ? 135  LEU A CD2   1 
ATOM   1040 N  N     . LEU A 1 136 ? 1.726   15.764  -0.361  1.00 30.19 ? 136  LEU A N     1 
ATOM   1041 C  CA    . LEU A 1 136 ? 1.835   16.693  0.751   1.00 29.29 ? 136  LEU A CA    1 
ATOM   1042 C  C     . LEU A 1 136 ? 3.336   16.972  0.850   1.00 29.45 ? 136  LEU A C     1 
ATOM   1043 O  O     . LEU A 1 136 ? 3.795   18.065  0.526   1.00 27.33 ? 136  LEU A O     1 
ATOM   1044 C  CB    . LEU A 1 136 ? 1.336   16.062  2.050   1.00 30.24 ? 136  LEU A CB    1 
ATOM   1045 C  CG    . LEU A 1 136 ? 1.341   16.998  3.261   1.00 31.53 ? 136  LEU A CG    1 
ATOM   1046 C  CD1   . LEU A 1 136 ? 0.211   18.001  3.106   1.00 34.50 ? 136  LEU A CD1   1 
ATOM   1047 C  CD2   . LEU A 1 136 ? 1.171   16.209  4.548   1.00 29.19 ? 136  LEU A CD2   1 
ATOM   1048 N  N     . ARG A 1 137 ? 4.100   15.965  1.259   1.00 30.34 ? 137  ARG A N     1 
ATOM   1049 C  CA    . ARG A 1 137 ? 5.545   16.117  1.394   1.00 34.04 ? 137  ARG A CA    1 
ATOM   1050 C  C     . ARG A 1 137 ? 6.276   14.812  1.095   1.00 37.20 ? 137  ARG A C     1 
ATOM   1051 O  O     . ARG A 1 137 ? 5.763   13.732  1.382   1.00 39.29 ? 137  ARG A O     1 
ATOM   1052 C  CB    . ARG A 1 137 ? 5.862   16.588  2.810   1.00 36.35 ? 137  ARG A CB    1 
ATOM   1053 C  CG    . ARG A 1 137 ? 7.309   16.949  3.071   1.00 42.50 ? 137  ARG A CG    1 
ATOM   1054 C  CD    . ARG A 1 137 ? 7.379   17.801  4.324   1.00 43.40 ? 137  ARG A CD    1 
ATOM   1055 N  NE    . ARG A 1 137 ? 8.739   18.109  4.748   1.00 44.73 ? 137  ARG A NE    1 
ATOM   1056 C  CZ    . ARG A 1 137 ? 9.023   18.898  5.779   1.00 46.31 ? 137  ARG A CZ    1 
ATOM   1057 N  NH1   . ARG A 1 137 ? 8.040   19.455  6.480   1.00 47.67 ? 137  ARG A NH1   1 
ATOM   1058 N  NH2   . ARG A 1 137 ? 10.283  19.126  6.116   1.00 44.71 ? 137  ARG A NH2   1 
ATOM   1059 N  N     . MET A 1 138 ? 7.468   14.916  0.510   1.00 40.83 ? 138  MET A N     1 
ATOM   1060 C  CA    . MET A 1 138 ? 8.275   13.740  0.174   1.00 43.92 ? 138  MET A CA    1 
ATOM   1061 C  C     . MET A 1 138 ? 9.580   13.712  0.948   1.00 44.45 ? 138  MET A C     1 
ATOM   1062 O  O     . MET A 1 138 ? 10.657  13.790  0.363   1.00 48.42 ? 138  MET A O     1 
ATOM   1063 C  CB    . MET A 1 138 ? 8.602   13.703  -1.323  1.00 47.03 ? 138  MET A CB    1 
ATOM   1064 C  CG    . MET A 1 138 ? 7.550   13.042  -2.199  1.00 53.62 ? 138  MET A CG    1 
ATOM   1065 S  SD    . MET A 1 138 ? 8.112   12.819  -3.907  1.00 59.58 ? 138  MET A SD    1 
ATOM   1066 C  CE    . MET A 1 138 ? 8.944   11.222  -3.794  1.00 52.16 ? 138  MET A CE    1 
ATOM   1067 N  N     . PHE A 1 139 ? 9.479   13.583  2.262   1.00 43.65 ? 139  PHE A N     1 
ATOM   1068 C  CA    . PHE A 1 139 ? 10.651  13.542  3.121   1.00 40.11 ? 139  PHE A CA    1 
ATOM   1069 C  C     . PHE A 1 139 ? 11.551  12.331  2.840   1.00 37.30 ? 139  PHE A C     1 
ATOM   1070 O  O     . PHE A 1 139 ? 11.093  11.189  2.859   1.00 37.34 ? 139  PHE A O     1 
ATOM   1071 C  CB    . PHE A 1 139 ? 10.199  13.536  4.583   1.00 43.07 ? 139  PHE A CB    1 
ATOM   1072 C  CG    . PHE A 1 139 ? 11.311  13.781  5.561   1.00 52.94 ? 139  PHE A CG    1 
ATOM   1073 C  CD1   . PHE A 1 139 ? 12.097  14.929  5.469   1.00 55.72 ? 139  PHE A CD1   1 
ATOM   1074 C  CD2   . PHE A 1 139 ? 11.578  12.866  6.575   1.00 55.33 ? 139  PHE A CD2   1 
ATOM   1075 C  CE1   . PHE A 1 139 ? 13.135  15.161  6.371   1.00 56.49 ? 139  PHE A CE1   1 
ATOM   1076 C  CE2   . PHE A 1 139 ? 12.614  13.088  7.485   1.00 56.88 ? 139  PHE A CE2   1 
ATOM   1077 C  CZ    . PHE A 1 139 ? 13.393  14.237  7.381   1.00 58.16 ? 139  PHE A CZ    1 
ATOM   1078 N  N     . GLU A 1 140 ? 12.832  12.578  2.581   1.00 34.62 ? 140  GLU A N     1 
ATOM   1079 C  CA    . GLU A 1 140 ? 13.778  11.493  2.324   1.00 35.44 ? 140  GLU A CA    1 
ATOM   1080 C  C     . GLU A 1 140 ? 14.249  10.908  3.655   1.00 33.40 ? 140  GLU A C     1 
ATOM   1081 O  O     . GLU A 1 140 ? 14.697  11.642  4.528   1.00 33.27 ? 140  GLU A O     1 
ATOM   1082 C  CB    . GLU A 1 140 ? 14.987  12.000  1.538   1.00 37.65 ? 140  GLU A CB    1 
ATOM   1083 C  CG    . GLU A 1 140 ? 16.012  10.916  1.244   1.00 42.08 ? 140  GLU A CG    1 
ATOM   1084 C  CD    . GLU A 1 140 ? 17.271  11.452  0.584   1.00 51.22 ? 140  GLU A CD    1 
ATOM   1085 O  OE1   . GLU A 1 140 ? 17.941  12.325  1.183   1.00 51.21 ? 140  GLU A OE1   1 
ATOM   1086 O  OE2   . GLU A 1 140 ? 17.595  10.997  -0.537  1.00 55.23 ? 140  GLU A OE2   1 
ATOM   1087 N  N     . VAL A 1 141 ? 14.156  9.588   3.804   1.00 31.96 ? 141  VAL A N     1 
ATOM   1088 C  CA    . VAL A 1 141 ? 14.550  8.928   5.049   1.00 28.48 ? 141  VAL A CA    1 
ATOM   1089 C  C     . VAL A 1 141 ? 15.359  7.662   4.815   1.00 28.84 ? 141  VAL A C     1 
ATOM   1090 O  O     . VAL A 1 141 ? 14.793  6.599   4.575   1.00 29.04 ? 141  VAL A O     1 
ATOM   1091 C  CB    . VAL A 1 141 ? 13.311  8.532   5.876   1.00 31.28 ? 141  VAL A CB    1 
ATOM   1092 C  CG1   . VAL A 1 141 ? 13.745  7.937   7.204   1.00 31.11 ? 141  VAL A CG1   1 
ATOM   1093 C  CG2   . VAL A 1 141 ? 12.416  9.736   6.086   1.00 27.24 ? 141  VAL A CG2   1 
ATOM   1094 N  N     . GLY A 1 142 ? 16.678  7.759   4.909   1.00 25.94 ? 142  GLY A N     1 
ATOM   1095 C  CA    . GLY A 1 142 ? 17.497  6.582   4.687   1.00 28.82 ? 142  GLY A CA    1 
ATOM   1096 C  C     . GLY A 1 142 ? 17.434  6.154   3.232   1.00 27.77 ? 142  GLY A C     1 
ATOM   1097 O  O     . GLY A 1 142 ? 17.680  6.961   2.344   1.00 23.70 ? 142  GLY A O     1 
ATOM   1098 N  N     . ASP A 1 143 ? 17.098  4.893   2.982   1.00 27.33 ? 143  ASP A N     1 
ATOM   1099 C  CA    . ASP A 1 143 ? 17.018  4.409   1.612   1.00 26.77 ? 143  ASP A CA    1 
ATOM   1100 C  C     . ASP A 1 143 ? 15.610  4.490   1.013   1.00 27.53 ? 143  ASP A C     1 
ATOM   1101 O  O     . ASP A 1 143 ? 15.335  3.879   -0.018  1.00 28.77 ? 143  ASP A O     1 
ATOM   1102 C  CB    . ASP A 1 143 ? 17.546  2.971   1.520   1.00 26.52 ? 143  ASP A CB    1 
ATOM   1103 C  CG    . ASP A 1 143 ? 16.825  2.025   2.445   1.00 29.45 ? 143  ASP A CG    1 
ATOM   1104 O  OD1   . ASP A 1 143 ? 15.658  2.310   2.787   1.00 24.96 ? 143  ASP A OD1   1 
ATOM   1105 O  OD2   . ASP A 1 143 ? 17.419  0.989   2.817   1.00 28.39 ? 143  ASP A OD2   1 
ATOM   1106 N  N     . HIS A 1 144 ? 14.723  5.246   1.658   1.00 24.55 ? 144  HIS A N     1 
ATOM   1107 C  CA    . HIS A 1 144 ? 13.360  5.424   1.162   1.00 21.87 ? 144  HIS A CA    1 
ATOM   1108 C  C     . HIS A 1 144 ? 12.935  6.880   1.265   1.00 23.32 ? 144  HIS A C     1 
ATOM   1109 O  O     . HIS A 1 144 ? 13.593  7.681   1.920   1.00 24.87 ? 144  HIS A O     1 
ATOM   1110 C  CB    . HIS A 1 144 ? 12.354  4.590   1.962   1.00 22.00 ? 144  HIS A CB    1 
ATOM   1111 C  CG    . HIS A 1 144 ? 12.251  3.164   1.523   1.00 19.59 ? 144  HIS A CG    1 
ATOM   1112 N  ND1   . HIS A 1 144 ? 13.246  2.239   1.747   1.00 19.70 ? 144  HIS A ND1   1 
ATOM   1113 C  CD2   . HIS A 1 144 ? 11.259  2.500   0.881   1.00 23.84 ? 144  HIS A CD2   1 
ATOM   1114 C  CE1   . HIS A 1 144 ? 12.874  1.068   1.263   1.00 21.12 ? 144  HIS A CE1   1 
ATOM   1115 N  NE2   . HIS A 1 144 ? 11.672  1.199   0.732   1.00 22.68 ? 144  HIS A NE2   1 
ATOM   1116 N  N     . ASN A 1 145 ? 11.825  7.202   0.608   1.00 23.01 ? 145  ASN A N     1 
ATOM   1117 C  CA    . ASN A 1 145 ? 11.236  8.533   0.626   1.00 22.46 ? 145  ASN A CA    1 
ATOM   1118 C  C     . ASN A 1 145 ? 9.913   8.367   1.353   1.00 23.04 ? 145  ASN A C     1 
ATOM   1119 O  O     . ASN A 1 145 ? 9.070   7.587   0.925   1.00 26.01 ? 145  ASN A O     1 
ATOM   1120 C  CB    . ASN A 1 145 ? 10.934  9.028   -0.793  1.00 28.32 ? 145  ASN A CB    1 
ATOM   1121 C  CG    . ASN A 1 145 ? 12.056  9.863   -1.390  1.00 36.41 ? 145  ASN A CG    1 
ATOM   1122 O  OD1   . ASN A 1 145 ? 11.863  10.512  -2.420  1.00 38.76 ? 145  ASN A OD1   1 
ATOM   1123 N  ND2   . ASN A 1 145 ? 13.227  9.850   -0.757  1.00 36.26 ? 145  ASN A ND2   1 
ATOM   1124 N  N     . LEU A 1 146 ? 9.725   9.084   2.450   1.00 22.77 ? 146  LEU A N     1 
ATOM   1125 C  CA    . LEU A 1 146 ? 8.474   8.983   3.180   1.00 23.58 ? 146  LEU A CA    1 
ATOM   1126 C  C     . LEU A 1 146 ? 7.534   9.929   2.456   1.00 24.64 ? 146  LEU A C     1 
ATOM   1127 O  O     . LEU A 1 146 ? 7.719   11.144  2.479   1.00 27.64 ? 146  LEU A O     1 
ATOM   1128 C  CB    . LEU A 1 146 ? 8.662   9.424   4.631   1.00 25.74 ? 146  LEU A CB    1 
ATOM   1129 C  CG    . LEU A 1 146 ? 7.683   8.903   5.686   1.00 27.07 ? 146  LEU A CG    1 
ATOM   1130 C  CD1   . LEU A 1 146 ? 8.021   9.558   7.023   1.00 25.02 ? 146  LEU A CD1   1 
ATOM   1131 C  CD2   . LEU A 1 146 ? 6.251   9.206   5.293   1.00 27.42 ? 146  LEU A CD2   1 
ATOM   1132 N  N     . ILE A 1 147 ? 6.534   9.364   1.798   1.00 21.42 ? 147  ILE A N     1 
ATOM   1133 C  CA    . ILE A 1 147 ? 5.581   10.150  1.044   1.00 19.68 ? 147  ILE A CA    1 
ATOM   1134 C  C     . ILE A 1 147 ? 4.240   10.223  1.748   1.00 21.28 ? 147  ILE A C     1 
ATOM   1135 O  O     . ILE A 1 147 ? 3.625   9.194   2.027   1.00 27.66 ? 147  ILE A O     1 
ATOM   1136 C  CB    . ILE A 1 147 ? 5.371   9.542   -0.363  1.00 20.88 ? 147  ILE A CB    1 
ATOM   1137 C  CG1   . ILE A 1 147 ? 6.719   9.422   -1.079  1.00 22.32 ? 147  ILE A CG1   1 
ATOM   1138 C  CG2   . ILE A 1 147 ? 4.404   10.395  -1.160  1.00 19.51 ? 147  ILE A CG2   1 
ATOM   1139 C  CD1   . ILE A 1 147 ? 6.664   8.703   -2.400  1.00 17.00 ? 147  ILE A CD1   1 
ATOM   1140 N  N     . THR A 1 148 ? 3.789   11.436  2.046   1.00 19.89 ? 148  THR A N     1 
ATOM   1141 C  CA    . THR A 1 148 ? 2.493   11.618  2.689   1.00 22.55 ? 148  THR A CA    1 
ATOM   1142 C  C     . THR A 1 148 ? 1.604   12.300  1.679   1.00 21.14 ? 148  THR A C     1 
ATOM   1143 O  O     . THR A 1 148 ? 2.085   13.005  0.796   1.00 21.79 ? 148  THR A O     1 
ATOM   1144 C  CB    . THR A 1 148 ? 2.571   12.514  3.948   1.00 25.59 ? 148  THR A CB    1 
ATOM   1145 O  OG1   . THR A 1 148 ? 3.062   13.809  3.588   1.00 28.71 ? 148  THR A OG1   1 
ATOM   1146 C  CG2   . THR A 1 148 ? 3.493   11.899  4.991   1.00 24.07 ? 148  THR A CG2   1 
ATOM   1147 N  N     . GLY A 1 149 ? 0.302   12.090  1.799   1.00 23.13 ? 149  GLY A N     1 
ATOM   1148 C  CA    . GLY A 1 149 ? -0.601  12.716  0.862   1.00 19.48 ? 149  GLY A CA    1 
ATOM   1149 C  C     . GLY A 1 149 ? -1.965  12.977  1.452   1.00 23.20 ? 149  GLY A C     1 
ATOM   1150 O  O     . GLY A 1 149 ? -2.437  12.247  2.324   1.00 20.02 ? 149  GLY A O     1 
ATOM   1151 N  N     . SER A 1 150 ? -2.599  14.039  0.974   1.00 23.49 ? 150  SER A N     1 
ATOM   1152 C  CA    . SER A 1 150 ? -3.919  14.399  1.433   1.00 22.57 ? 150  SER A CA    1 
ATOM   1153 C  C     . SER A 1 150 ? -4.885  13.573  0.620   1.00 23.75 ? 150  SER A C     1 
ATOM   1154 O  O     . SER A 1 150 ? -4.766  13.490  -0.606  1.00 26.12 ? 150  SER A O     1 
ATOM   1155 C  CB    . SER A 1 150 ? -4.175  15.887  1.184   1.00 23.60 ? 150  SER A CB    1 
ATOM   1156 O  OG    . SER A 1 150 ? -3.111  16.659  1.705   1.00 32.19 ? 150  SER A OG    1 
ATOM   1157 N  N     . VAL A 1 151 ? -5.830  12.940  1.296   1.00 22.89 ? 151  VAL A N     1 
ATOM   1158 C  CA    . VAL A 1 151 ? -6.813  12.141  0.594   1.00 23.54 ? 151  VAL A CA    1 
ATOM   1159 C  C     . VAL A 1 151 ? -7.917  13.106  0.205   1.00 27.62 ? 151  VAL A C     1 
ATOM   1160 O  O     . VAL A 1 151 ? -8.658  13.587  1.065   1.00 28.51 ? 151  VAL A O     1 
ATOM   1161 C  CB    . VAL A 1 151 ? -7.392  11.023  1.493   1.00 22.29 ? 151  VAL A CB    1 
ATOM   1162 C  CG1   . VAL A 1 151 ? -8.318  10.135  0.678   1.00 21.82 ? 151  VAL A CG1   1 
ATOM   1163 C  CG2   . VAL A 1 151 ? -6.263  10.202  2.094   1.00 22.06 ? 151  VAL A CG2   1 
ATOM   1164 N  N     . VAL A 1 152 ? -8.008  13.404  -1.089  1.00 29.35 ? 152  VAL A N     1 
ATOM   1165 C  CA    . VAL A 1 152 ? -9.021  14.322  -1.592  1.00 27.11 ? 152  VAL A CA    1 
ATOM   1166 C  C     . VAL A 1 152 ? -10.274 13.575  -1.990  1.00 28.06 ? 152  VAL A C     1 
ATOM   1167 O  O     . VAL A 1 152 ? -11.338 14.171  -2.150  1.00 26.43 ? 152  VAL A O     1 
ATOM   1168 C  CB    . VAL A 1 152 ? -8.509  15.123  -2.815  1.00 30.44 ? 152  VAL A CB    1 
ATOM   1169 C  CG1   . VAL A 1 152 ? -7.416  16.097  -2.373  1.00 30.55 ? 152  VAL A CG1   1 
ATOM   1170 C  CG2   . VAL A 1 152 ? -7.977  14.168  -3.889  1.00 24.27 ? 152  VAL A CG2   1 
ATOM   1171 N  N     . SER A 1 153 ? -10.154 12.263  -2.147  1.00 30.34 ? 153  SER A N     1 
ATOM   1172 C  CA    . SER A 1 153 ? -11.308 11.459  -2.525  1.00 28.06 ? 153  SER A CA    1 
ATOM   1173 C  C     . SER A 1 153 ? -11.096 9.986   -2.180  1.00 27.15 ? 153  SER A C     1 
ATOM   1174 O  O     . SER A 1 153 ? -9.974  9.475   -2.228  1.00 25.71 ? 153  SER A O     1 
ATOM   1175 C  CB    . SER A 1 153 ? -11.584 11.619  -4.027  1.00 28.58 ? 153  SER A CB    1 
ATOM   1176 O  OG    . SER A 1 153 ? -12.832 11.056  -4.393  1.00 34.32 ? 153  SER A OG    1 
ATOM   1177 N  N     . ALA A 1 154 ? -12.182 9.316   -1.816  1.00 23.29 ? 154  ALA A N     1 
ATOM   1178 C  CA    . ALA A 1 154 ? -12.137 7.904   -1.473  1.00 26.18 ? 154  ALA A CA    1 
ATOM   1179 C  C     . ALA A 1 154 ? -13.339 7.230   -2.104  1.00 27.37 ? 154  ALA A C     1 
ATOM   1180 O  O     . ALA A 1 154 ? -14.425 7.815   -2.180  1.00 29.56 ? 154  ALA A O     1 
ATOM   1181 C  CB    . ALA A 1 154 ? -12.167 7.719   0.041   1.00 24.09 ? 154  ALA A CB    1 
ATOM   1182 N  N     . SER A 1 155 ? -13.143 5.996   -2.550  1.00 28.49 ? 155  SER A N     1 
ATOM   1183 C  CA    . SER A 1 155 ? -14.209 5.233   -3.178  1.00 30.15 ? 155  SER A CA    1 
ATOM   1184 C  C     . SER A 1 155 ? -14.056 3.757   -2.854  1.00 30.32 ? 155  SER A C     1 
ATOM   1185 O  O     . SER A 1 155 ? -12.943 3.266   -2.661  1.00 29.24 ? 155  SER A O     1 
ATOM   1186 C  CB    . SER A 1 155 ? -14.176 5.433   -4.696  1.00 31.09 ? 155  SER A CB    1 
ATOM   1187 O  OG    . SER A 1 155 ? -12.899 5.116   -5.221  1.00 29.93 ? 155  SER A OG    1 
ATOM   1188 N  N     . VAL A 1 156 ? -15.177 3.051   -2.790  1.00 30.53 ? 156  VAL A N     1 
ATOM   1189 C  CA    . VAL A 1 156 ? -15.147 1.631   -2.488  1.00 32.22 ? 156  VAL A CA    1 
ATOM   1190 C  C     . VAL A 1 156 ? -16.061 0.879   -3.433  1.00 36.14 ? 156  VAL A C     1 
ATOM   1191 O  O     . VAL A 1 156 ? -16.983 1.451   -4.016  1.00 36.01 ? 156  VAL A O     1 
ATOM   1192 C  CB    . VAL A 1 156 ? -15.596 1.346   -1.038  1.00 31.14 ? 156  VAL A CB    1 
ATOM   1193 C  CG1   . VAL A 1 156 ? -14.674 2.051   -0.060  1.00 30.90 ? 156  VAL A CG1   1 
ATOM   1194 C  CG2   . VAL A 1 156 ? -17.023 1.804   -0.835  1.00 28.21 ? 156  VAL A CG2   1 
ATOM   1195 N  N     . ARG A 1 157 ? -15.793 -0.411  -3.580  1.00 38.66 ? 157  ARG A N     1 
ATOM   1196 C  CA    . ARG A 1 157 ? -16.584 -1.270  -4.443  1.00 40.46 ? 157  ARG A CA    1 
ATOM   1197 C  C     . ARG A 1 157 ? -17.832 -1.662  -3.663  1.00 39.92 ? 157  ARG A C     1 
ATOM   1198 O  O     . ARG A 1 157 ? -17.803 -1.747  -2.434  1.00 35.57 ? 157  ARG A O     1 
ATOM   1199 C  CB    . ARG A 1 157 ? -15.768 -2.512  -4.801  1.00 44.82 ? 157  ARG A CB    1 
ATOM   1200 C  CG    . ARG A 1 157 ? -16.304 -3.345  -5.950  1.00 51.00 ? 157  ARG A CG    1 
ATOM   1201 C  CD    . ARG A 1 157 ? -15.431 -4.583  -6.133  1.00 56.36 ? 157  ARG A CD    1 
ATOM   1202 N  NE    . ARG A 1 157 ? -15.667 -5.272  -7.399  1.00 59.49 ? 157  ARG A NE    1 
ATOM   1203 C  CZ    . ARG A 1 157 ? -15.412 -4.749  -8.594  1.00 61.11 ? 157  ARG A CZ    1 
ATOM   1204 N  NH1   . ARG A 1 157 ? -14.911 -3.524  -8.697  1.00 63.32 ? 157  ARG A NH1   1 
ATOM   1205 N  NH2   . ARG A 1 157 ? -15.648 -5.457  -9.689  1.00 60.04 ? 157  ARG A NH2   1 
ATOM   1206 N  N     . SER A 1 158 ? -18.930 -1.891  -4.371  1.00 39.48 ? 158  SER A N     1 
ATOM   1207 C  CA    . SER A 1 158 ? -20.169 -2.274  -3.712  1.00 41.54 ? 158  SER A CA    1 
ATOM   1208 C  C     . SER A 1 158 ? -19.947 -3.543  -2.904  1.00 38.54 ? 158  SER A C     1 
ATOM   1209 O  O     . SER A 1 158 ? -19.488 -4.546  -3.439  1.00 41.03 ? 158  SER A O     1 
ATOM   1210 C  CB    . SER A 1 158 ? -21.276 -2.490  -4.750  1.00 44.11 ? 158  SER A CB    1 
ATOM   1211 O  OG    . SER A 1 158 ? -20.835 -3.334  -5.798  1.00 44.77 ? 158  SER A OG    1 
ATOM   1212 N  N     . GLY A 1 159 ? -20.258 -3.481  -1.612  1.00 38.87 ? 159  GLY A N     1 
ATOM   1213 C  CA    . GLY A 1 159 ? -20.095 -4.631  -0.742  1.00 35.05 ? 159  GLY A CA    1 
ATOM   1214 C  C     . GLY A 1 159 ? -18.750 -4.728  -0.045  1.00 35.32 ? 159  GLY A C     1 
ATOM   1215 O  O     . GLY A 1 159 ? -18.500 -5.679  0.691   1.00 38.91 ? 159  GLY A O     1 
ATOM   1216 N  N     . ALA A 1 160 ? -17.878 -3.750  -0.258  1.00 34.97 ? 160  ALA A N     1 
ATOM   1217 C  CA    . ALA A 1 160 ? -16.557 -3.789  0.363   1.00 33.55 ? 160  ALA A CA    1 
ATOM   1218 C  C     . ALA A 1 160 ? -16.533 -3.165  1.751   1.00 32.47 ? 160  ALA A C     1 
ATOM   1219 O  O     . ALA A 1 160 ? -15.528 -3.249  2.459   1.00 32.21 ? 160  ALA A O     1 
ATOM   1220 C  CB    . ALA A 1 160 ? -15.535 -3.101  -0.536  1.00 32.94 ? 160  ALA A CB    1 
ATOM   1221 N  N     . VAL A 1 161 ? -17.642 -2.546  2.142   1.00 31.70 ? 161  VAL A N     1 
ATOM   1222 C  CA    . VAL A 1 161 ? -17.737 -1.911  3.450   1.00 32.83 ? 161  VAL A CA    1 
ATOM   1223 C  C     . VAL A 1 161 ? -18.772 -2.564  4.363   1.00 34.48 ? 161  VAL A C     1 
ATOM   1224 O  O     . VAL A 1 161 ? -19.935 -2.719  3.993   1.00 35.03 ? 161  VAL A O     1 
ATOM   1225 C  CB    . VAL A 1 161 ? -18.090 -0.421  3.315   1.00 30.92 ? 161  VAL A CB    1 
ATOM   1226 C  CG1   . VAL A 1 161 ? -18.265 0.198   4.700   1.00 31.15 ? 161  VAL A CG1   1 
ATOM   1227 C  CG2   . VAL A 1 161 ? -16.995 0.297   2.544   1.00 32.14 ? 161  VAL A CG2   1 
ATOM   1228 N  N     . LYS A 1 162 ? -18.339 -2.930  5.562   1.00 34.59 ? 162  LYS A N     1 
ATOM   1229 C  CA    . LYS A 1 162 ? -19.215 -3.558  6.543   1.00 38.74 ? 162  LYS A CA    1 
ATOM   1230 C  C     . LYS A 1 162 ? -19.179 -2.754  7.840   1.00 39.78 ? 162  LYS A C     1 
ATOM   1231 O  O     . LYS A 1 162 ? -18.204 -2.812  8.592   1.00 39.57 ? 162  LYS A O     1 
ATOM   1232 C  CB    . LYS A 1 162 ? -18.761 -4.997  6.803   1.00 40.27 ? 162  LYS A CB    1 
ATOM   1233 C  CG    . LYS A 1 162 ? -19.720 -5.807  7.652   1.00 42.42 ? 162  LYS A CG    1 
ATOM   1234 C  CD    . LYS A 1 162 ? -19.285 -7.258  7.713   1.00 46.27 ? 162  LYS A CD    1 
ATOM   1235 C  CE    . LYS A 1 162 ? -20.313 -8.114  8.437   1.00 50.37 ? 162  LYS A CE    1 
ATOM   1236 N  NZ    . LYS A 1 162 ? -19.922 -9.549  8.462   1.00 51.67 ? 162  LYS A NZ    1 
ATOM   1237 N  N     . GLU A 1 163 ? -20.247 -1.999  8.082   1.00 41.42 ? 163  GLU A N     1 
ATOM   1238 C  CA    . GLU A 1 163 ? -20.372 -1.157  9.268   1.00 43.46 ? 163  GLU A CA    1 
ATOM   1239 C  C     . GLU A 1 163 ? -19.337 -0.044  9.307   1.00 42.17 ? 163  GLU A C     1 
ATOM   1240 O  O     . GLU A 1 163 ? -18.837 0.313   10.373  1.00 44.17 ? 163  GLU A O     1 
ATOM   1241 C  CB    . GLU A 1 163 ? -20.270 -2.001  10.540  1.00 48.60 ? 163  GLU A CB    1 
ATOM   1242 C  CG    . GLU A 1 163 ? -21.450 -2.938  10.751  1.00 52.98 ? 163  GLU A CG    1 
ATOM   1243 C  CD    . GLU A 1 163 ? -21.339 -3.723  12.043  1.00 58.59 ? 163  GLU A CD    1 
ATOM   1244 O  OE1   . GLU A 1 163 ? -21.332 -3.091  13.122  1.00 59.11 ? 163  GLU A OE1   1 
ATOM   1245 O  OE2   . GLU A 1 163 ? -21.258 -4.969  11.979  1.00 60.09 ? 163  GLU A OE2   1 
ATOM   1246 N  N     . GLY A 1 164 ? -19.022 0.502   8.137   1.00 40.33 ? 164  GLY A N     1 
ATOM   1247 C  CA    . GLY A 1 164 ? -18.061 1.584   8.052   1.00 37.72 ? 164  GLY A CA    1 
ATOM   1248 C  C     . GLY A 1 164 ? -16.618 1.138   7.939   1.00 38.44 ? 164  GLY A C     1 
ATOM   1249 O  O     . GLY A 1 164 ? -15.732 1.962   7.715   1.00 37.98 ? 164  GLY A O     1 
ATOM   1250 N  N     . LEU A 1 165 ? -16.379 -0.165  8.086   1.00 35.80 ? 165  LEU A N     1 
ATOM   1251 C  CA    . LEU A 1 165 ? -15.027 -0.714  8.010   1.00 32.60 ? 165  LEU A CA    1 
ATOM   1252 C  C     . LEU A 1 165 ? -14.846 -1.542  6.744   1.00 33.88 ? 165  LEU A C     1 
ATOM   1253 O  O     . LEU A 1 165 ? -15.823 -1.948  6.115   1.00 34.73 ? 165  LEU A O     1 
ATOM   1254 C  CB    . LEU A 1 165 ? -14.749 -1.596  9.231   1.00 32.66 ? 165  LEU A CB    1 
ATOM   1255 C  CG    . LEU A 1 165 ? -14.661 -0.941  10.616  1.00 37.28 ? 165  LEU A CG    1 
ATOM   1256 C  CD1   . LEU A 1 165 ? -15.902 -0.112  10.903  1.00 39.35 ? 165  LEU A CD1   1 
ATOM   1257 C  CD2   . LEU A 1 165 ? -14.496 -2.023  11.667  1.00 36.88 ? 165  LEU A CD2   1 
ATOM   1258 N  N     . LEU A 1 166 ? -13.596 -1.792  6.369   1.00 32.30 ? 166  LEU A N     1 
ATOM   1259 C  CA    . LEU A 1 166 ? -13.324 -2.594  5.186   1.00 32.91 ? 166  LEU A CA    1 
ATOM   1260 C  C     . LEU A 1 166 ? -13.800 -4.003  5.491   1.00 32.24 ? 166  LEU A C     1 
ATOM   1261 O  O     . LEU A 1 166 ? -13.321 -4.629  6.434   1.00 37.35 ? 166  LEU A O     1 
ATOM   1262 C  CB    . LEU A 1 166 ? -11.826 -2.610  4.874   1.00 30.86 ? 166  LEU A CB    1 
ATOM   1263 C  CG    . LEU A 1 166 ? -11.392 -3.420  3.645   1.00 31.86 ? 166  LEU A CG    1 
ATOM   1264 C  CD1   . LEU A 1 166 ? -12.060 -2.868  2.403   1.00 28.82 ? 166  LEU A CD1   1 
ATOM   1265 C  CD2   . LEU A 1 166 ? -9.881  -3.364  3.495   1.00 33.45 ? 166  LEU A CD2   1 
ATOM   1266 N  N     . ASP A 1 167 ? -14.754 -4.495  4.709   1.00 32.18 ? 167  ASP A N     1 
ATOM   1267 C  CA    . ASP A 1 167 ? -15.286 -5.838  4.922   1.00 33.12 ? 167  ASP A CA    1 
ATOM   1268 C  C     . ASP A 1 167 ? -14.213 -6.874  4.604   1.00 29.00 ? 167  ASP A C     1 
ATOM   1269 O  O     . ASP A 1 167 ? -14.279 -7.556  3.585   1.00 27.13 ? 167  ASP A O     1 
ATOM   1270 C  CB    . ASP A 1 167 ? -16.507 -6.077  4.031   1.00 38.54 ? 167  ASP A CB    1 
ATOM   1271 C  CG    . ASP A 1 167 ? -17.257 -7.346  4.399   1.00 43.17 ? 167  ASP A CG    1 
ATOM   1272 O  OD1   . ASP A 1 167 ? -16.608 -8.391  4.610   1.00 45.91 ? 167  ASP A OD1   1 
ATOM   1273 O  OD2   . ASP A 1 167 ? -18.502 -7.300  4.470   1.00 48.03 ? 167  ASP A OD2   1 
ATOM   1274 N  N     . VAL A 1 168 ? -13.223 -6.984  5.484   1.00 27.91 ? 168  VAL A N     1 
ATOM   1275 C  CA    . VAL A 1 168 ? -12.132 -7.925  5.291   1.00 29.89 ? 168  VAL A CA    1 
ATOM   1276 C  C     . VAL A 1 168 ? -12.613 -9.332  4.955   1.00 31.18 ? 168  VAL A C     1 
ATOM   1277 O  O     . VAL A 1 168 ? -12.064 -9.982  4.064   1.00 29.25 ? 168  VAL A O     1 
ATOM   1278 C  CB    . VAL A 1 168 ? -11.217 -7.991  6.544   1.00 30.06 ? 168  VAL A CB    1 
ATOM   1279 C  CG1   . VAL A 1 168 ? -10.481 -6.681  6.717   1.00 27.90 ? 168  VAL A CG1   1 
ATOM   1280 C  CG2   . VAL A 1 168 ? -12.044 -8.291  7.786   1.00 30.42 ? 168  VAL A CG2   1 
ATOM   1281 N  N     . GLU A 1 169 ? -13.641 -9.805  5.652   1.00 31.15 ? 169  GLU A N     1 
ATOM   1282 C  CA    . GLU A 1 169 ? -14.145 -11.150 5.387   1.00 32.37 ? 169  GLU A CA    1 
ATOM   1283 C  C     . GLU A 1 169 ? -14.480 -11.338 3.913   1.00 30.51 ? 169  GLU A C     1 
ATOM   1284 O  O     . GLU A 1 169 ? -14.225 -12.392 3.336   1.00 28.35 ? 169  GLU A O     1 
ATOM   1285 C  CB    . GLU A 1 169 ? -15.372 -11.441 6.253   1.00 35.16 ? 169  GLU A CB    1 
ATOM   1286 C  CG    . GLU A 1 169 ? -15.076 -11.355 7.735   1.00 42.99 ? 169  GLU A CG    1 
ATOM   1287 C  CD    . GLU A 1 169 ? -16.208 -11.864 8.592   1.00 48.59 ? 169  GLU A CD    1 
ATOM   1288 O  OE1   . GLU A 1 169 ? -17.363 -11.447 8.361   1.00 56.40 ? 169  GLU A OE1   1 
ATOM   1289 O  OE2   . GLU A 1 169 ? -15.941 -12.674 9.505   1.00 52.37 ? 169  GLU A OE2   1 
ATOM   1290 N  N     . SER A 1 170 ? -15.041 -10.304 3.305   1.00 30.10 ? 170  SER A N     1 
ATOM   1291 C  CA    . SER A 1 170 ? -15.405 -10.356 1.898   1.00 33.24 ? 170  SER A CA    1 
ATOM   1292 C  C     . SER A 1 170 ? -14.211 -10.043 1.001   1.00 31.50 ? 170  SER A C     1 
ATOM   1293 O  O     . SER A 1 170 ? -13.875 -10.801 0.094   1.00 33.97 ? 170  SER A O     1 
ATOM   1294 C  CB    . SER A 1 170 ? -16.525 -9.353  1.622   1.00 37.01 ? 170  SER A CB    1 
ATOM   1295 O  OG    . SER A 1 170 ? -16.693 -9.148  0.230   1.00 43.78 ? 170  SER A OG    1 
ATOM   1296 N  N     . VAL A 1 171 ? -13.577 -8.910  1.271   1.00 30.60 ? 171  VAL A N     1 
ATOM   1297 C  CA    . VAL A 1 171 ? -12.435 -8.440  0.505   1.00 28.44 ? 171  VAL A CA    1 
ATOM   1298 C  C     . VAL A 1 171 ? -11.177 -9.295  0.633   1.00 27.54 ? 171  VAL A C     1 
ATOM   1299 O  O     . VAL A 1 171 ? -10.453 -9.478  -0.344  1.00 25.42 ? 171  VAL A O     1 
ATOM   1300 C  CB    . VAL A 1 171 ? -12.086 -6.997  0.914   1.00 27.37 ? 171  VAL A CB    1 
ATOM   1301 C  CG1   . VAL A 1 171 ? -10.853 -6.532  0.183   1.00 24.50 ? 171  VAL A CG1   1 
ATOM   1302 C  CG2   . VAL A 1 171 ? -13.254 -6.087  0.620   1.00 28.46 ? 171  VAL A CG2   1 
ATOM   1303 N  N     . LYS A 1 172 ? -10.917 -9.806  1.835   1.00 26.80 ? 172  LYS A N     1 
ATOM   1304 C  CA    . LYS A 1 172 ? -9.730  -10.622 2.085   1.00 25.92 ? 172  LYS A CA    1 
ATOM   1305 C  C     . LYS A 1 172 ? -8.479  -9.874  1.617   1.00 25.50 ? 172  LYS A C     1 
ATOM   1306 O  O     . LYS A 1 172 ? -7.795  -10.302 0.686   1.00 25.39 ? 172  LYS A O     1 
ATOM   1307 C  CB    . LYS A 1 172 ? -9.841  -11.962 1.351   1.00 28.06 ? 172  LYS A CB    1 
ATOM   1308 C  CG    . LYS A 1 172 ? -11.092 -12.751 1.716   1.00 33.67 ? 172  LYS A CG    1 
ATOM   1309 C  CD    . LYS A 1 172 ? -11.044 -14.174 1.177   1.00 34.13 ? 172  LYS A CD    1 
ATOM   1310 C  CE    . LYS A 1 172 ? -12.316 -14.935 1.539   1.00 38.69 ? 172  LYS A CE    1 
ATOM   1311 N  NZ    . LYS A 1 172 ? -12.570 -14.976 3.017   1.00 41.33 ? 172  LYS A NZ    1 
ATOM   1312 N  N     . PRO A 1 173 ? -8.158  -8.748  2.275   1.00 25.44 ? 173  PRO A N     1 
ATOM   1313 C  CA    . PRO A 1 173 ? -6.990  -7.929  1.922   1.00 21.38 ? 173  PRO A CA    1 
ATOM   1314 C  C     . PRO A 1 173 ? -5.692  -8.710  1.990   1.00 20.01 ? 173  PRO A C     1 
ATOM   1315 O  O     . PRO A 1 173 ? -5.519  -9.549  2.869   1.00 23.30 ? 173  PRO A O     1 
ATOM   1316 C  CB    . PRO A 1 173 ? -7.019  -6.804  2.959   1.00 23.36 ? 173  PRO A CB    1 
ATOM   1317 C  CG    . PRO A 1 173 ? -8.459  -6.729  3.363   1.00 29.42 ? 173  PRO A CG    1 
ATOM   1318 C  CD    . PRO A 1 173 ? -8.861  -8.182  3.438   1.00 24.07 ? 173  PRO A CD    1 
ATOM   1319 N  N     . VAL A 1 174 ? -4.782  -8.426  1.064   1.00 18.74 ? 174  VAL A N     1 
ATOM   1320 C  CA    . VAL A 1 174 ? -3.483  -9.087  1.035   1.00 18.74 ? 174  VAL A CA    1 
ATOM   1321 C  C     . VAL A 1 174 ? -2.512  -8.334  1.945   1.00 23.02 ? 174  VAL A C     1 
ATOM   1322 O  O     . VAL A 1 174 ? -2.386  -7.114  1.856   1.00 20.99 ? 174  VAL A O     1 
ATOM   1323 C  CB    . VAL A 1 174 ? -2.905  -9.108  -0.392  1.00 24.31 ? 174  VAL A CB    1 
ATOM   1324 C  CG1   . VAL A 1 174 ? -1.492  -9.655  -0.377  1.00 22.05 ? 174  VAL A CG1   1 
ATOM   1325 C  CG2   . VAL A 1 174 ? -3.789  -9.949  -1.294  1.00 25.12 ? 174  VAL A CG2   1 
ATOM   1326 N  N     . LEU A 1 175 ? -1.830  -9.064  2.820   1.00 23.32 ? 175  LEU A N     1 
ATOM   1327 C  CA    . LEU A 1 175 ? -0.870  -8.467  3.744   1.00 24.04 ? 175  LEU A CA    1 
ATOM   1328 C  C     . LEU A 1 175 ? 0.490   -9.070  3.425   1.00 24.42 ? 175  LEU A C     1 
ATOM   1329 O  O     . LEU A 1 175 ? 0.593   -10.264 3.174   1.00 22.23 ? 175  LEU A O     1 
ATOM   1330 C  CB    . LEU A 1 175 ? -1.262  -8.796  5.184   1.00 25.30 ? 175  LEU A CB    1 
ATOM   1331 C  CG    . LEU A 1 175 ? -2.679  -8.367  5.576   1.00 28.27 ? 175  LEU A CG    1 
ATOM   1332 C  CD1   . LEU A 1 175 ? -3.182  -9.190  6.750   1.00 32.22 ? 175  LEU A CD1   1 
ATOM   1333 C  CD2   . LEU A 1 175 ? -2.668  -6.889  5.918   1.00 30.23 ? 175  LEU A CD2   1 
ATOM   1334 N  N     . HIS A 1 176 ? 1.530   -8.241  3.424   1.00 24.57 ? 176  HIS A N     1 
ATOM   1335 C  CA    . HIS A 1 176 ? 2.874   -8.705  3.116   1.00 21.88 ? 176  HIS A CA    1 
ATOM   1336 C  C     . HIS A 1 176 ? 3.622   -9.084  4.382   1.00 23.76 ? 176  HIS A C     1 
ATOM   1337 O  O     . HIS A 1 176 ? 3.612   -8.343  5.364   1.00 26.40 ? 176  HIS A O     1 
ATOM   1338 C  CB    . HIS A 1 176 ? 3.652   -7.610  2.383   1.00 23.77 ? 176  HIS A CB    1 
ATOM   1339 C  CG    . HIS A 1 176 ? 4.863   -8.112  1.660   1.00 26.14 ? 176  HIS A CG    1 
ATOM   1340 N  ND1   . HIS A 1 176 ? 5.827   -7.272  1.145   1.00 25.34 ? 176  HIS A ND1   1 
ATOM   1341 C  CD2   . HIS A 1 176 ? 5.255   -9.369  1.345   1.00 25.07 ? 176  HIS A CD2   1 
ATOM   1342 C  CE1   . HIS A 1 176 ? 6.760   -7.990  0.545   1.00 26.65 ? 176  HIS A CE1   1 
ATOM   1343 N  NE2   . HIS A 1 176 ? 6.436   -9.266  0.651   1.00 27.30 ? 176  HIS A NE2   1 
ATOM   1344 N  N     . VAL A 1 177 ? 4.256   -10.251 4.364   1.00 24.90 ? 177  VAL A N     1 
ATOM   1345 C  CA    . VAL A 1 177 ? 5.038   -10.709 5.505   1.00 23.71 ? 177  VAL A CA    1 
ATOM   1346 C  C     . VAL A 1 177 ? 6.481   -10.355 5.169   1.00 25.72 ? 177  VAL A C     1 
ATOM   1347 O  O     . VAL A 1 177 ? 7.205   -9.784  5.984   1.00 26.15 ? 177  VAL A O     1 
ATOM   1348 C  CB    . VAL A 1 177 ? 4.925   -12.237 5.706   1.00 20.04 ? 177  VAL A CB    1 
ATOM   1349 C  CG1   . VAL A 1 177 ? 5.821   -12.681 6.846   1.00 22.86 ? 177  VAL A CG1   1 
ATOM   1350 C  CG2   . VAL A 1 177 ? 3.488   -12.621 5.999   1.00 23.38 ? 177  VAL A CG2   1 
ATOM   1351 N  N     . GLY A 1 178 ? 6.870   -10.680 3.942   1.00 28.16 ? 178  GLY A N     1 
ATOM   1352 C  CA    . GLY A 1 178 ? 8.214   -10.408 3.466   1.00 27.01 ? 178  GLY A CA    1 
ATOM   1353 C  C     . GLY A 1 178 ? 8.481   -11.303 2.275   1.00 28.09 ? 178  GLY A C     1 
ATOM   1354 O  O     . GLY A 1 178 ? 7.958   -12.412 2.226   1.00 32.38 ? 178  GLY A O     1 
ATOM   1355 N  N     . GLY A 1 179 ? 9.285   -10.842 1.321   1.00 26.07 ? 179  GLY A N     1 
ATOM   1356 C  CA    . GLY A 1 179 ? 9.569   -11.652 0.152   1.00 26.97 ? 179  GLY A CA    1 
ATOM   1357 C  C     . GLY A 1 179 ? 8.286   -11.994 -0.592  1.00 29.25 ? 179  GLY A C     1 
ATOM   1358 O  O     . GLY A 1 179 ? 7.496   -11.099 -0.905  1.00 26.32 ? 179  GLY A O     1 
ATOM   1359 N  N     . ASN A 1 180 ? 8.069   -13.280 -0.867  1.00 28.77 ? 180  ASN A N     1 
ATOM   1360 C  CA    . ASN A 1 180 ? 6.866   -13.717 -1.570  1.00 32.51 ? 180  ASN A CA    1 
ATOM   1361 C  C     . ASN A 1 180 ? 5.871   -14.393 -0.630  1.00 32.69 ? 180  ASN A C     1 
ATOM   1362 O  O     . ASN A 1 180 ? 5.041   -15.194 -1.064  1.00 31.03 ? 180  ASN A O     1 
ATOM   1363 C  CB    . ASN A 1 180 ? 7.212   -14.684 -2.705  1.00 32.53 ? 180  ASN A CB    1 
ATOM   1364 C  CG    . ASN A 1 180 ? 7.586   -16.067 -2.204  1.00 35.45 ? 180  ASN A CG    1 
ATOM   1365 O  OD1   . ASN A 1 180 ? 7.464   -17.053 -2.932  1.00 42.49 ? 180  ASN A OD1   1 
ATOM   1366 N  ND2   . ASN A 1 180 ? 8.046   -16.149 -0.961  1.00 33.73 ? 180  ASN A ND2   1 
ATOM   1367 N  N     . LYS A 1 181 ? 5.963   -14.082 0.658   1.00 31.66 ? 181  LYS A N     1 
ATOM   1368 C  CA    . LYS A 1 181 ? 5.049   -14.655 1.636   1.00 32.80 ? 181  LYS A CA    1 
ATOM   1369 C  C     . LYS A 1 181 ? 4.021   -13.603 2.012   1.00 30.38 ? 181  LYS A C     1 
ATOM   1370 O  O     . LYS A 1 181 ? 4.369   -12.449 2.261   1.00 32.87 ? 181  LYS A O     1 
ATOM   1371 C  CB    . LYS A 1 181 ? 5.804   -15.107 2.892   1.00 35.18 ? 181  LYS A CB    1 
ATOM   1372 C  CG    . LYS A 1 181 ? 6.758   -16.262 2.657   1.00 41.58 ? 181  LYS A CG    1 
ATOM   1373 C  CD    . LYS A 1 181 ? 7.536   -16.638 3.920   1.00 45.25 ? 181  LYS A CD    1 
ATOM   1374 C  CE    . LYS A 1 181 ? 8.531   -17.762 3.629   1.00 48.02 ? 181  LYS A CE    1 
ATOM   1375 N  NZ    . LYS A 1 181 ? 9.413   -18.093 4.791   1.00 49.86 ? 181  LYS A NZ    1 
ATOM   1376 N  N     . PHE A 1 182 ? 2.755   -13.998 2.045   1.00 26.41 ? 182  PHE A N     1 
ATOM   1377 C  CA    . PHE A 1 182 ? 1.696   -13.069 2.395   1.00 25.14 ? 182  PHE A CA    1 
ATOM   1378 C  C     . PHE A 1 182 ? 0.725   -13.673 3.380   1.00 27.25 ? 182  PHE A C     1 
ATOM   1379 O  O     . PHE A 1 182 ? 0.791   -14.858 3.705   1.00 26.15 ? 182  PHE A O     1 
ATOM   1380 C  CB    . PHE A 1 182 ? 0.922   -12.630 1.149   1.00 25.81 ? 182  PHE A CB    1 
ATOM   1381 C  CG    . PHE A 1 182 ? 1.774   -11.946 0.116   1.00 25.50 ? 182  PHE A CG    1 
ATOM   1382 C  CD1   . PHE A 1 182 ? 2.560   -12.686 -0.759  1.00 23.35 ? 182  PHE A CD1   1 
ATOM   1383 C  CD2   . PHE A 1 182 ? 1.809   -10.560 0.035   1.00 25.59 ? 182  PHE A CD2   1 
ATOM   1384 C  CE1   . PHE A 1 182 ? 3.367   -12.058 -1.697  1.00 22.58 ? 182  PHE A CE1   1 
ATOM   1385 C  CE2   . PHE A 1 182 ? 2.612   -9.926  -0.897  1.00 22.30 ? 182  PHE A CE2   1 
ATOM   1386 C  CZ    . PHE A 1 182 ? 3.392   -10.675 -1.765  1.00 23.76 ? 182  PHE A CZ    1 
ATOM   1387 N  N     . VAL A 1 183 ? -0.185  -12.834 3.846   1.00 26.10 ? 183  VAL A N     1 
ATOM   1388 C  CA    . VAL A 1 183 ? -1.211  -13.246 4.777   1.00 28.13 ? 183  VAL A CA    1 
ATOM   1389 C  C     . VAL A 1 183 ? -2.514  -12.671 4.251   1.00 30.81 ? 183  VAL A C     1 
ATOM   1390 O  O     . VAL A 1 183 ? -2.578  -11.492 3.900   1.00 33.44 ? 183  VAL A O     1 
ATOM   1391 C  CB    . VAL A 1 183 ? -0.934  -12.695 6.201   1.00 28.20 ? 183  VAL A CB    1 
ATOM   1392 C  CG1   . VAL A 1 183 ? -2.170  -12.840 7.075   1.00 22.20 ? 183  VAL A CG1   1 
ATOM   1393 C  CG2   . VAL A 1 183 ? 0.231   -13.448 6.826   1.00 27.41 ? 183  VAL A CG2   1 
ATOM   1394 N  N     . VAL A 1 184 ? -3.537  -13.511 4.158   1.00 28.86 ? 184  VAL A N     1 
ATOM   1395 C  CA    . VAL A 1 184 ? -4.838  -13.054 3.696   1.00 31.56 ? 184  VAL A CA    1 
ATOM   1396 C  C     . VAL A 1 184 ? -5.573  -12.669 4.971   1.00 32.77 ? 184  VAL A C     1 
ATOM   1397 O  O     . VAL A 1 184 ? -5.829  -13.518 5.820   1.00 34.30 ? 184  VAL A O     1 
ATOM   1398 C  CB    . VAL A 1 184 ? -5.602  -14.174 2.957   1.00 33.38 ? 184  VAL A CB    1 
ATOM   1399 C  CG1   . VAL A 1 184 ? -6.950  -13.657 2.482   1.00 31.70 ? 184  VAL A CG1   1 
ATOM   1400 C  CG2   . VAL A 1 184 ? -4.780  -14.667 1.769   1.00 29.36 ? 184  VAL A CG2   1 
ATOM   1401 N  N     . GLY A 1 185 ? -5.894  -11.387 5.104   1.00 30.57 ? 185  GLY A N     1 
ATOM   1402 C  CA    . GLY A 1 185 ? -6.551  -10.906 6.305   1.00 35.62 ? 185  GLY A CA    1 
ATOM   1403 C  C     . GLY A 1 185 ? -8.057  -11.019 6.389   1.00 37.97 ? 185  GLY A C     1 
ATOM   1404 O  O     . GLY A 1 185 ? -8.736  -10.002 6.506   1.00 41.75 ? 185  GLY A O     1 
ATOM   1405 N  N     . ASP A 1 186 ? -8.578  -12.243 6.358   1.00 37.58 ? 186  ASP A N     1 
ATOM   1406 C  CA    . ASP A 1 186 ? -10.020 -12.473 6.437   1.00 42.41 ? 186  ASP A CA    1 
ATOM   1407 C  C     . ASP A 1 186 ? -10.409 -13.178 7.738   1.00 44.88 ? 186  ASP A C     1 
ATOM   1408 O  O     . ASP A 1 186 ? -11.416 -13.880 7.800   1.00 45.14 ? 186  ASP A O     1 
ATOM   1409 C  CB    . ASP A 1 186 ? -10.478 -13.303 5.235   1.00 43.53 ? 186  ASP A CB    1 
ATOM   1410 C  CG    . ASP A 1 186 ? -9.861  -14.691 5.210   1.00 43.54 ? 186  ASP A CG    1 
ATOM   1411 O  OD1   . ASP A 1 186 ? -8.672  -14.827 5.561   1.00 44.45 ? 186  ASP A OD1   1 
ATOM   1412 O  OD2   . ASP A 1 186 ? -10.561 -15.648 4.825   1.00 48.92 ? 186  ASP A OD2   1 
ATOM   1413 N  N     . HIS A 1 187 ? -9.606  -12.972 8.777   1.00 48.84 ? 187  HIS A N     1 
ATOM   1414 C  CA    . HIS A 1 187 ? -9.836  -13.578 10.085  1.00 52.37 ? 187  HIS A CA    1 
ATOM   1415 C  C     . HIS A 1 187 ? -10.285 -12.563 11.120  1.00 52.43 ? 187  HIS A C     1 
ATOM   1416 O  O     . HIS A 1 187 ? -9.472  -12.053 11.891  1.00 54.12 ? 187  HIS A O     1 
ATOM   1417 C  CB    . HIS A 1 187 ? -8.558  -14.258 10.574  1.00 57.57 ? 187  HIS A CB    1 
ATOM   1418 C  CG    . HIS A 1 187 ? -8.504  -15.717 10.267  1.00 61.51 ? 187  HIS A CG    1 
ATOM   1419 N  ND1   . HIS A 1 187 ? -8.959  -16.243 9.075   1.00 62.44 ? 187  HIS A ND1   1 
ATOM   1420 C  CD2   . HIS A 1 187 ? -8.063  -16.766 10.999  1.00 63.09 ? 187  HIS A CD2   1 
ATOM   1421 C  CE1   . HIS A 1 187 ? -8.805  -17.554 9.090   1.00 61.99 ? 187  HIS A CE1   1 
ATOM   1422 N  NE2   . HIS A 1 187 ? -8.263  -17.897 10.245  1.00 64.82 ? 187  HIS A NE2   1 
ATOM   1423 N  N     . VAL A 1 188 ? -11.583 -12.286 11.151  1.00 51.34 ? 188  VAL A N     1 
ATOM   1424 C  CA    . VAL A 1 188 ? -12.117 -11.319 12.092  1.00 47.02 ? 188  VAL A CA    1 
ATOM   1425 C  C     . VAL A 1 188 ? -12.238 -11.876 13.499  1.00 48.23 ? 188  VAL A C     1 
ATOM   1426 O  O     . VAL A 1 188 ? -12.805 -12.946 13.712  1.00 50.33 ? 188  VAL A O     1 
ATOM   1427 C  CB    . VAL A 1 188 ? -13.486 -10.817 11.641  1.00 46.58 ? 188  VAL A CB    1 
ATOM   1428 C  CG1   . VAL A 1 188 ? -14.044 -9.856  12.669  1.00 50.81 ? 188  VAL A CG1   1 
ATOM   1429 C  CG2   . VAL A 1 188 ? -13.357 -10.128 10.300  1.00 45.74 ? 188  VAL A CG2   1 
ATOM   1430 N  N     . ARG A 1 189 ? -11.699 -11.134 14.458  1.00 47.15 ? 189  ARG A N     1 
ATOM   1431 C  CA    . ARG A 1 189 ? -11.743 -11.531 15.858  1.00 45.36 ? 189  ARG A CA    1 
ATOM   1432 C  C     . ARG A 1 189 ? -12.030 -10.267 16.662  1.00 44.58 ? 189  ARG A C     1 
ATOM   1433 O  O     . ARG A 1 189 ? -11.230 -9.335  16.665  1.00 46.11 ? 189  ARG A O     1 
ATOM   1434 C  CB    . ARG A 1 189 ? -10.392 -12.128 16.267  1.00 44.98 ? 189  ARG A CB    1 
ATOM   1435 C  CG    . ARG A 1 189 ? -10.457 -13.319 17.224  1.00 50.05 ? 189  ARG A CG    1 
ATOM   1436 C  CD    . ARG A 1 189 ? -10.618 -12.898 18.676  1.00 53.61 ? 189  ARG A CD    1 
ATOM   1437 N  NE    . ARG A 1 189 ? -9.791  -13.715 19.565  1.00 53.79 ? 189  ARG A NE    1 
ATOM   1438 C  CZ    . ARG A 1 189 ? -9.670  -13.511 20.875  1.00 55.79 ? 189  ARG A CZ    1 
ATOM   1439 N  NH1   . ARG A 1 189 ? -10.330 -12.514 21.455  1.00 55.94 ? 189  ARG A NH1   1 
ATOM   1440 N  NH2   . ARG A 1 189 ? -8.880  -14.294 21.604  1.00 53.21 ? 189  ARG A NH2   1 
ATOM   1441 N  N     . HIS A 1 190 ? -13.184 -10.221 17.318  1.00 43.04 ? 190  HIS A N     1 
ATOM   1442 C  CA    . HIS A 1 190 ? -13.536 -9.058  18.119  1.00 40.33 ? 190  HIS A CA    1 
ATOM   1443 C  C     . HIS A 1 190 ? -13.018 -9.227  19.529  1.00 38.62 ? 190  HIS A C     1 
ATOM   1444 O  O     . HIS A 1 190 ? -12.886 -10.343 20.021  1.00 36.98 ? 190  HIS A O     1 
ATOM   1445 C  CB    . HIS A 1 190 ? -15.047 -8.864  18.180  1.00 42.02 ? 190  HIS A CB    1 
ATOM   1446 C  CG    . HIS A 1 190 ? -15.686 -8.684  16.844  1.00 43.50 ? 190  HIS A CG    1 
ATOM   1447 N  ND1   . HIS A 1 190 ? -15.885 -9.728  15.968  1.00 47.24 ? 190  HIS A ND1   1 
ATOM   1448 C  CD2   . HIS A 1 190 ? -16.156 -7.577  16.224  1.00 46.79 ? 190  HIS A CD2   1 
ATOM   1449 C  CE1   . HIS A 1 190 ? -16.449 -9.271  14.864  1.00 48.05 ? 190  HIS A CE1   1 
ATOM   1450 N  NE2   . HIS A 1 190 ? -16.624 -7.969  14.994  1.00 50.48 ? 190  HIS A NE2   1 
ATOM   1451 N  N     . VAL A 1 191 ? -12.707 -8.113  20.175  1.00 36.99 ? 191  VAL A N     1 
ATOM   1452 C  CA    . VAL A 1 191 ? -12.235 -8.160  21.543  1.00 36.45 ? 191  VAL A CA    1 
ATOM   1453 C  C     . VAL A 1 191 ? -13.451 -7.869  22.414  1.00 40.77 ? 191  VAL A C     1 
ATOM   1454 O  O     . VAL A 1 191 ? -13.993 -6.762  22.399  1.00 38.47 ? 191  VAL A O     1 
ATOM   1455 C  CB    . VAL A 1 191 ? -11.106 -7.131  21.784  1.00 33.71 ? 191  VAL A CB    1 
ATOM   1456 C  CG1   . VAL A 1 191 ? -10.766 -7.050  23.266  1.00 28.09 ? 191  VAL A CG1   1 
ATOM   1457 C  CG2   . VAL A 1 191 ? -9.871  -7.541  20.995  1.00 31.15 ? 191  VAL A CG2   1 
ATOM   1458 N  N     . GLU A 1 192 ? -14.480 -9.004  23.299  1.00 47.36 ? 192  GLU A N     1 
ATOM   1459 C  CA    . GLU A 1 192 ? -15.164 -7.802  23.771  1.00 51.06 ? 192  GLU A CA    1 
ATOM   1460 C  C     . GLU A 1 192 ? -15.358 -7.692  25.269  1.00 53.14 ? 192  GLU A C     1 
ATOM   1461 O  O     . GLU A 1 192 ? -16.527 -7.546  25.692  1.00 53.57 ? 192  GLU A O     1 
ATOM   1462 C  CB    . GLU A 1 192 ? -16.515 -7.651  23.077  1.00 47.63 ? 192  GLU A CB    1 
ATOM   1463 C  CG    . GLU A 1 192 ? -16.382 -7.326  21.604  1.00 47.27 ? 192  GLU A CG    1 
ATOM   1464 C  CD    . GLU A 1 192 ? -17.527 -6.475  21.104  1.00 42.46 ? 192  GLU A CD    1 
ATOM   1465 O  OE1   . GLU A 1 192 ? -18.187 -5.839  21.951  1.00 20.10 ? 192  GLU A OE1   1 
ATOM   1466 O  OE2   . GLU A 1 192 ? -17.743 -6.430  19.872  1.00 43.80 ? 192  GLU A OE2   1 
ATOM   1467 O  OXT   . GLU A 1 192 ? -14.337 -7.733  25.989  1.00 56.69 ? 192  GLU A OXT   1 
HETATM 1468 NI NI    . NI  B 2 .   ? 6.935   1.402   -13.457 1.00 34.50 ? 201  NI  A NI    1 
HETATM 1469 NI NI    . NI  C 2 .   ? 1.485   20.236  -8.073  1.00 27.81 ? 202  NI  A NI    1 
HETATM 1470 S  S     . SO4 D 3 .   ? 11.583  -8.198  2.617   1.00 35.51 ? 301  SO4 A S     1 
HETATM 1471 O  O1    . SO4 D 3 .   ? 11.558  -9.393  3.707   1.00 34.14 ? 301  SO4 A O1    1 
HETATM 1472 O  O2    . SO4 D 3 .   ? 10.539  -7.286  3.021   1.00 40.95 ? 301  SO4 A O2    1 
HETATM 1473 O  O3    . SO4 D 3 .   ? 12.764  -7.643  2.592   1.00 37.98 ? 301  SO4 A O3    1 
HETATM 1474 O  O4    . SO4 D 3 .   ? 11.178  -8.855  1.411   1.00 39.48 ? 301  SO4 A O4    1 
HETATM 1475 N  N1    . FMN E 4 .   ? 9.087   -0.870  -2.856  1.00 37.55 ? 401  FMN A N1    1 
HETATM 1476 C  C2    . FMN E 4 .   ? 9.244   0.223   -2.027  1.00 33.26 ? 401  FMN A C2    1 
HETATM 1477 O  O2    . FMN E 4 .   ? 9.995   1.128   -2.250  1.00 29.41 ? 401  FMN A O2    1 
HETATM 1478 N  N3    . FMN E 4 .   ? 8.466   0.300   -0.818  1.00 34.53 ? 401  FMN A N3    1 
HETATM 1479 C  C4    . FMN E 4 .   ? 7.569   -0.629  -0.402  1.00 35.10 ? 401  FMN A C4    1 
HETATM 1480 O  O4    . FMN E 4 .   ? 6.942   -0.472  0.660   1.00 35.21 ? 401  FMN A O4    1 
HETATM 1481 C  C4A   . FMN E 4 .   ? 7.402   -1.795  -1.278  1.00 37.82 ? 401  FMN A C4A   1 
HETATM 1482 N  N5    . FMN E 4 .   ? 6.547   -2.755  -0.949  1.00 38.90 ? 401  FMN A N5    1 
HETATM 1483 C  C5A   . FMN E 4 .   ? 6.403   -3.836  -1.781  1.00 38.57 ? 401  FMN A C5A   1 
HETATM 1484 C  C6    . FMN E 4 .   ? 5.466   -4.899  -1.426  1.00 33.69 ? 401  FMN A C6    1 
HETATM 1485 C  C7    . FMN E 4 .   ? 5.256   -6.009  -2.187  1.00 33.83 ? 401  FMN A C7    1 
HETATM 1486 C  C7M   . FMN E 4 .   ? 4.267   -7.104  -1.787  1.00 29.37 ? 401  FMN A C7M   1 
HETATM 1487 C  C8    . FMN E 4 .   ? 6.008   -6.175  -3.449  1.00 36.66 ? 401  FMN A C8    1 
HETATM 1488 C  C8M   . FMN E 4 .   ? 5.812   -7.390  -4.331  1.00 34.64 ? 401  FMN A C8M   1 
HETATM 1489 C  C9    . FMN E 4 .   ? 6.910   -5.168  -3.808  1.00 36.97 ? 401  FMN A C9    1 
HETATM 1490 C  C9A   . FMN E 4 .   ? 7.139   -4.005  -3.026  1.00 37.58 ? 401  FMN A C9A   1 
HETATM 1491 N  N10   . FMN E 4 .   ? 8.053   -2.950  -3.358  1.00 36.54 ? 401  FMN A N10   1 
HETATM 1492 C  C10   . FMN E 4 .   ? 8.229   -1.839  -2.534  1.00 36.20 ? 401  FMN A C10   1 
HETATM 1493 C  "C1'" . FMN E 4 .   ? 8.831   -3.075  -4.626  1.00 37.82 ? 401  FMN A "C1'" 1 
HETATM 1494 C  "C2'" . FMN E 4 .   ? 8.212   -2.266  -5.774  1.00 31.92 ? 401  FMN A "C2'" 1 
HETATM 1495 O  "O2'" . FMN E 4 .   ? 6.848   -2.590  -6.012  1.00 34.08 ? 401  FMN A "O2'" 1 
HETATM 1496 C  "C3'" . FMN E 4 .   ? 9.014   -2.505  -7.083  1.00 31.44 ? 401  FMN A "C3'" 1 
HETATM 1497 O  "O3'" . FMN E 4 .   ? 10.370  -1.997  -6.905  1.00 32.79 ? 401  FMN A "O3'" 1 
HETATM 1498 C  "C4'" . FMN E 4 .   ? 8.412   -1.863  -8.329  1.00 30.12 ? 401  FMN A "C4'" 1 
HETATM 1499 O  "O4'" . FMN E 4 .   ? 9.230   -2.197  -9.481  1.00 28.96 ? 401  FMN A "O4'" 1 
HETATM 1500 C  "C5'" . FMN E 4 .   ? 8.341   -0.348  -8.298  1.00 29.55 ? 401  FMN A "C5'" 1 
HETATM 1501 O  "O5'" . FMN E 4 .   ? 7.744   0.099   -9.527  1.00 31.89 ? 401  FMN A "O5'" 1 
HETATM 1502 P  P     . FMN E 4 .   ? 7.922   1.557   -10.113 1.00 32.12 ? 401  FMN A P     1 
HETATM 1503 O  O1P   . FMN E 4 .   ? 9.380   1.753   -10.454 1.00 28.07 ? 401  FMN A O1P   1 
HETATM 1504 O  O2P   . FMN E 4 .   ? 7.397   2.536   -9.090  1.00 25.54 ? 401  FMN A O2P   1 
HETATM 1505 O  O3P   . FMN E 4 .   ? 7.068   1.508   -11.432 1.00 30.47 ? 401  FMN A O3P   1 
HETATM 1506 O  O     . HOH F 5 .   ? 4.447   6.804   -15.596 1.00 23.50 ? 1001 HOH A O     1 
HETATM 1507 O  O     . HOH F 5 .   ? 3.090   4.194   -9.473  1.00 20.86 ? 1002 HOH A O     1 
HETATM 1508 O  O     . HOH F 5 .   ? 14.725  -2.838  8.422   1.00 23.73 ? 1003 HOH A O     1 
HETATM 1509 O  O     . HOH F 5 .   ? -11.045 -8.230  -7.522  1.00 32.96 ? 1004 HOH A O     1 
HETATM 1510 O  O     . HOH F 5 .   ? 6.807   -2.190  -11.418 1.00 39.98 ? 1005 HOH A O     1 
HETATM 1511 O  O     . HOH F 5 .   ? -6.302  8.485   7.129   1.00 22.02 ? 1006 HOH A O     1 
HETATM 1512 O  O     . HOH F 5 .   ? -0.693  4.682   -20.004 1.00 23.76 ? 1007 HOH A O     1 
HETATM 1513 O  O     . HOH F 5 .   ? 6.413   1.198   -15.698 1.00 31.56 ? 1008 HOH A O     1 
HETATM 1514 O  O     . HOH F 5 .   ? 8.323   -0.317  -13.420 1.00 28.57 ? 1009 HOH A O     1 
HETATM 1515 O  O     . HOH F 5 .   ? 1.034   10.649  -10.423 1.00 28.20 ? 1010 HOH A O     1 
HETATM 1516 O  O     . HOH F 5 .   ? 8.926   -7.563  5.495   1.00 29.88 ? 1011 HOH A O     1 
HETATM 1517 O  O     . HOH F 5 .   ? -4.897  -5.110  -18.607 1.00 31.56 ? 1012 HOH A O     1 
HETATM 1518 O  O     . HOH F 5 .   ? 7.482   -7.011  34.598  1.00 31.52 ? 1013 HOH A O     1 
HETATM 1519 O  O     . HOH F 5 .   ? -12.333 7.938   -5.140  1.00 37.35 ? 1014 HOH A O     1 
HETATM 1520 O  O     . HOH F 5 .   ? -6.197  15.969  3.862   1.00 30.25 ? 1015 HOH A O     1 
HETATM 1521 O  O     . HOH F 5 .   ? 6.741   13.067  -15.599 1.00 46.40 ? 1016 HOH A O     1 
HETATM 1522 O  O     . HOH F 5 .   ? 12.889  3.113   -15.811 1.00 30.93 ? 1017 HOH A O     1 
HETATM 1523 O  O     . HOH F 5 .   ? 11.072  -16.231 37.521  1.00 27.18 ? 1018 HOH A O     1 
HETATM 1524 O  O     . HOH F 5 .   ? 10.602  -1.571  0.320   1.00 34.48 ? 1019 HOH A O     1 
HETATM 1525 O  O     . HOH F 5 .   ? 9.576   -4.544  1.102   1.00 49.63 ? 1020 HOH A O     1 
HETATM 1526 O  O     . HOH F 5 .   ? 10.091  -6.111  35.655  1.00 31.28 ? 1021 HOH A O     1 
HETATM 1527 O  O     . HOH F 5 .   ? -16.741 4.500   7.938   1.00 30.14 ? 1022 HOH A O     1 
HETATM 1528 O  O     . HOH F 5 .   ? 10.740  13.080  -11.217 1.00 30.96 ? 1023 HOH A O     1 
HETATM 1529 O  O     . HOH F 5 .   ? 20.076  -5.559  17.122  1.00 35.72 ? 1024 HOH A O     1 
HETATM 1530 O  O     . HOH F 5 .   ? -5.042  7.975   -16.008 1.00 41.93 ? 1025 HOH A O     1 
HETATM 1531 O  O     . HOH F 5 .   ? -8.437  9.729   -13.546 1.00 32.49 ? 1026 HOH A O     1 
HETATM 1532 O  O     . HOH F 5 .   ? 5.429   -12.405 36.853  1.00 32.92 ? 1027 HOH A O     1 
HETATM 1533 O  O     . HOH F 5 .   ? 12.398  20.756  6.670   1.00 41.63 ? 1028 HOH A O     1 
HETATM 1534 O  O     . HOH F 5 .   ? -4.668  -13.820 -8.910  1.00 40.27 ? 1029 HOH A O     1 
HETATM 1535 O  O     . HOH F 5 .   ? 1.789   20.218  -10.349 1.00 35.69 ? 1030 HOH A O     1 
HETATM 1536 O  O     . HOH F 5 .   ? 8.148   11.165  -13.744 1.00 33.11 ? 1031 HOH A O     1 
HETATM 1537 O  O     . HOH F 5 .   ? -11.537 -16.858 7.765   1.00 38.63 ? 1032 HOH A O     1 
HETATM 1538 O  O     . HOH F 5 .   ? 12.251  0.278   -14.726 1.00 40.70 ? 1033 HOH A O     1 
HETATM 1539 O  O     . HOH F 5 .   ? -7.950  7.136   -16.518 1.00 39.24 ? 1034 HOH A O     1 
HETATM 1540 O  O     . HOH F 5 .   ? -14.779 -13.231 -0.554  1.00 45.76 ? 1035 HOH A O     1 
HETATM 1541 O  O     . HOH F 5 .   ? 14.747  -17.355 29.988  1.00 34.37 ? 1036 HOH A O     1 
HETATM 1542 O  O     . HOH F 5 .   ? -8.511  -15.412 17.871  1.00 48.50 ? 1037 HOH A O     1 
HETATM 1543 O  O     . HOH F 5 .   ? 3.975   4.242   -17.145 1.00 38.66 ? 1038 HOH A O     1 
HETATM 1544 O  O     . HOH F 5 .   ? 5.592   21.556  7.069   1.00 58.01 ? 1039 HOH A O     1 
HETATM 1545 O  O     . HOH F 5 .   ? 4.655   -7.860  35.225  1.00 42.09 ? 1040 HOH A O     1 
HETATM 1546 O  O     . HOH F 5 .   ? 6.603   4.446   -15.611 1.00 44.53 ? 1041 HOH A O     1 
HETATM 1547 O  O     . HOH F 5 .   ? -9.012  16.139  2.383   1.00 35.57 ? 1043 HOH A O     1 
HETATM 1548 O  O     . HOH F 5 .   ? -12.509 -11.167 23.456  1.00 54.59 ? 1044 HOH A O     1 
HETATM 1549 O  O     . HOH F 5 .   ? -3.345  9.868   -17.954 1.00 51.04 ? 1045 HOH A O     1 
HETATM 1550 O  O     . HOH F 5 .   ? -19.767 -8.556  -1.421  1.00 43.37 ? 1046 HOH A O     1 
HETATM 1551 O  O     . HOH F 5 .   ? 18.892  -7.194  21.094  1.00 41.24 ? 1047 HOH A O     1 
HETATM 1552 O  O     . HOH F 5 .   ? 18.398  -9.793  23.079  1.00 38.46 ? 1048 HOH A O     1 
HETATM 1553 O  O     . HOH F 5 .   ? -13.210 -7.337  -5.607  1.00 46.64 ? 1049 HOH A O     1 
HETATM 1554 O  O     . HOH F 5 .   ? 8.970   -8.823  -16.847 1.00 49.33 ? 1050 HOH A O     1 
HETATM 1555 O  O     . HOH F 5 .   ? 21.925  -13.342 21.052  1.00 54.06 ? 1051 HOH A O     1 
HETATM 1556 O  O     . HOH F 5 .   ? -12.355 3.553   -9.789  1.00 60.36 ? 1052 HOH A O     1 
HETATM 1557 O  O     . HOH F 5 .   ? 16.945  -11.543 35.548  1.00 40.36 ? 1053 HOH A O     1 
HETATM 1558 O  O     . HOH F 5 .   ? -8.417  16.610  -16.857 1.00 46.25 ? 1054 HOH A O     1 
HETATM 1559 O  O     . HOH F 5 .   ? 19.677  -13.304 32.351  1.00 59.10 ? 1055 HOH A O     1 
HETATM 1560 O  O     . HOH F 5 .   ? 13.873  -19.881 31.937  1.00 43.71 ? 1056 HOH A O     1 
HETATM 1561 O  O     . HOH F 5 .   ? -10.477 19.316  9.038   1.00 47.77 ? 1057 HOH A O     1 
HETATM 1562 O  O     . HOH F 5 .   ? 15.802  -0.540  -13.083 1.00 53.76 ? 1058 HOH A O     1 
HETATM 1563 O  O     . HOH F 5 .   ? 9.427   -18.576 38.855  1.00 45.05 ? 1059 HOH A O     1 
HETATM 1564 O  O     . HOH F 5 .   ? -21.535 0.589   6.728   1.00 44.15 ? 1060 HOH A O     1 
HETATM 1565 O  O     . HOH F 5 .   ? -10.337 -11.247 -2.802  1.00 38.14 ? 1061 HOH A O     1 
HETATM 1566 O  O     . HOH F 5 .   ? 9.984   -7.168  -1.144  1.00 48.18 ? 1062 HOH A O     1 
HETATM 1567 O  O     . HOH F 5 .   ? -5.638  17.013  -11.051 1.00 40.78 ? 1063 HOH A O     1 
HETATM 1568 O  O     . HOH F 5 .   ? 7.645   7.437   -15.057 1.00 37.36 ? 1064 HOH A O     1 
HETATM 1569 O  O     . HOH F 5 .   ? 10.627  -0.618  -11.459 1.00 53.56 ? 1065 HOH A O     1 
HETATM 1570 O  O     . HOH F 5 .   ? -7.565  18.252  12.910  1.00 42.32 ? 1066 HOH A O     1 
# 
